data_3SC8
# 
_entry.id   3SC8 
# 
_audit_conform.dict_name       mmcif_pdbx.dic 
_audit_conform.dict_version    5.379 
_audit_conform.dict_location   http://mmcif.pdb.org/dictionaries/ascii/mmcif_pdbx.dic 
# 
loop_
_database_2.database_id 
_database_2.database_code 
_database_2.pdbx_database_accession 
_database_2.pdbx_DOI 
PDB   3SC8         pdb_00003sc8 10.2210/pdb3sc8/pdb 
NDB   NA1170       ?            ?                   
RCSB  RCSB066025   ?            ?                   
WWPDB D_1000066025 ?            ?                   
# 
_pdbx_database_status.status_code                     REL 
_pdbx_database_status.entry_id                        3SC8 
_pdbx_database_status.recvd_initial_deposition_date   2011-06-07 
_pdbx_database_status.deposit_site                    RCSB 
_pdbx_database_status.process_site                    RCSB 
_pdbx_database_status.status_code_sf                  REL 
_pdbx_database_status.status_code_mr                  ? 
_pdbx_database_status.SG_entry                        ? 
_pdbx_database_status.status_code_cs                  ? 
_pdbx_database_status.methods_development_category    ? 
_pdbx_database_status.pdb_format_compatible           Y 
_pdbx_database_status.status_code_nmr_data            ? 
# 
loop_
_audit_author.name 
_audit_author.pdbx_ordinal 
'Collie, G.W.'    1 
'Promontorio, R.' 2 
'Parkinson, G.N.' 3 
# 
_citation.id                        primary 
_citation.title                     'Structural basis for telomeric g-quadruplex targeting by naphthalene diimide ligands.' 
_citation.journal_abbrev            J.Am.Chem.Soc. 
_citation.journal_volume            134 
_citation.page_first                2723 
_citation.page_last                 2731 
_citation.year                      2012 
_citation.journal_id_ASTM           JACSAT 
_citation.country                   US 
_citation.journal_id_ISSN           0002-7863 
_citation.journal_id_CSD            0004 
_citation.book_publisher            ? 
_citation.pdbx_database_id_PubMed   22280460 
_citation.pdbx_database_id_DOI      10.1021/ja2102423 
# 
loop_
_citation_author.citation_id 
_citation_author.name 
_citation_author.ordinal 
_citation_author.identifier_ORCID 
primary 'Collie, G.W.'    1 ? 
primary 'Promontorio, R.' 2 ? 
primary 'Hampel, S.M.'    3 ? 
primary 'Micco, M.'       4 ? 
primary 'Neidle, S.'      5 ? 
primary 'Parkinson, G.N.' 6 ? 
# 
_cell.entry_id           3SC8 
_cell.length_a           50.870 
_cell.length_b           50.870 
_cell.length_c           52.460 
_cell.angle_alpha        90.00 
_cell.angle_beta         90.00 
_cell.angle_gamma        120.00 
_cell.Z_PDB              6 
_cell.pdbx_unique_axis   ? 
_cell.length_a_esd       ? 
_cell.length_b_esd       ? 
_cell.length_c_esd       ? 
_cell.angle_alpha_esd    ? 
_cell.angle_beta_esd     ? 
_cell.angle_gamma_esd    ? 
# 
_symmetry.entry_id                         3SC8 
_symmetry.space_group_name_H-M             'P 31 2 1' 
_symmetry.pdbx_full_space_group_name_H-M   ? 
_symmetry.cell_setting                     ? 
_symmetry.Int_Tables_number                152 
_symmetry.space_group_name_Hall            ? 
# 
loop_
_entity.id 
_entity.type 
_entity.src_method 
_entity.pdbx_description 
_entity.formula_weight 
_entity.pdbx_number_of_molecules 
_entity.pdbx_ec 
_entity.pdbx_mutation 
_entity.pdbx_fragment 
_entity.details 
1 polymer     syn 'Human telomeric repeat sequence' 6983.497 1  ? ? ? ? 
2 non-polymer syn 'POTASSIUM ION' 39.098   3  ? ? ? ? 
3 non-polymer syn 
;2,7-bis[3-(4-methylpiperazin-1-yl)propyl]-4,9-bis{[3-(4-methylpiperazin-1-yl)propyl]amino}benzo[lmn][3,8]phenanthroline-1,3,6,8(2H,7H)-tetrone
;
857.142  1  ? ? ? ? 
4 water       nat water 18.015   29 ? ? ? ? 
# 
_entity_poly.entity_id                      1 
_entity_poly.type                           polydeoxyribonucleotide 
_entity_poly.nstd_linkage                   no 
_entity_poly.nstd_monomer                   no 
_entity_poly.pdbx_seq_one_letter_code       
;(DA)(DG)(DG)(DG)(DT)(DT)(DA)(DG)(DG)(DG)(DT)(DT)(DA)(DG)(DG)(DG)(DT)(DT)(DA)(DG)
(DG)(DG)
;
_entity_poly.pdbx_seq_one_letter_code_can   AGGGTTAGGGTTAGGGTTAGGG 
_entity_poly.pdbx_strand_id                 A 
_entity_poly.pdbx_target_identifier         ? 
# 
loop_
_entity_poly_seq.entity_id 
_entity_poly_seq.num 
_entity_poly_seq.mon_id 
_entity_poly_seq.hetero 
1 1  DA n 
1 2  DG n 
1 3  DG n 
1 4  DG n 
1 5  DT n 
1 6  DT n 
1 7  DA n 
1 8  DG n 
1 9  DG n 
1 10 DG n 
1 11 DT n 
1 12 DT n 
1 13 DA n 
1 14 DG n 
1 15 DG n 
1 16 DG n 
1 17 DT n 
1 18 DT n 
1 19 DA n 
1 20 DG n 
1 21 DG n 
1 22 DG n 
# 
_pdbx_entity_src_syn.entity_id              1 
_pdbx_entity_src_syn.pdbx_src_id            1 
_pdbx_entity_src_syn.pdbx_alt_source_flag   sample 
_pdbx_entity_src_syn.pdbx_beg_seq_num       ? 
_pdbx_entity_src_syn.pdbx_end_seq_num       ? 
_pdbx_entity_src_syn.organism_scientific    ? 
_pdbx_entity_src_syn.organism_common_name   ? 
_pdbx_entity_src_syn.ncbi_taxonomy_id       ? 
_pdbx_entity_src_syn.details                'DNA sequence synthesized by standard by phosphoramidite chemistry' 
# 
_struct_ref.id                         1 
_struct_ref.db_name                    PDB 
_struct_ref.db_code                    3SC8 
_struct_ref.pdbx_db_accession          3SC8 
_struct_ref.entity_id                  1 
_struct_ref.pdbx_align_begin           1 
_struct_ref.pdbx_seq_one_letter_code   AGGGTTAGGGTTAGGGTTAGGG 
_struct_ref.pdbx_db_isoform            ? 
# 
_struct_ref_seq.align_id                      1 
_struct_ref_seq.ref_id                        1 
_struct_ref_seq.pdbx_PDB_id_code              3SC8 
_struct_ref_seq.pdbx_strand_id                A 
_struct_ref_seq.seq_align_beg                 1 
_struct_ref_seq.pdbx_seq_align_beg_ins_code   ? 
_struct_ref_seq.seq_align_end                 22 
_struct_ref_seq.pdbx_seq_align_end_ins_code   ? 
_struct_ref_seq.pdbx_db_accession             3SC8 
_struct_ref_seq.db_align_beg                  1 
_struct_ref_seq.pdbx_db_align_beg_ins_code    ? 
_struct_ref_seq.db_align_end                  22 
_struct_ref_seq.pdbx_db_align_end_ins_code    ? 
_struct_ref_seq.pdbx_auth_seq_align_beg       1 
_struct_ref_seq.pdbx_auth_seq_align_end       22 
# 
loop_
_chem_comp.id 
_chem_comp.type 
_chem_comp.mon_nstd_flag 
_chem_comp.name 
_chem_comp.pdbx_synonyms 
_chem_comp.formula 
_chem_comp.formula_weight 
DA  'DNA linking' y "2'-DEOXYADENOSINE-5'-MONOPHOSPHATE" ? 'C10 H14 N5 O6 P' 331.222 
DG  'DNA linking' y "2'-DEOXYGUANOSINE-5'-MONOPHOSPHATE" ? 'C10 H14 N5 O7 P' 347.221 
DT  'DNA linking' y "THYMIDINE-5'-MONOPHOSPHATE" ? 'C10 H15 N2 O8 P' 322.208 
HOH non-polymer   . WATER ? 'H2 O'            18.015  
K   non-polymer   . 'POTASSIUM ION' ? 'K 1'             39.098  
R8G non-polymer   . 
;2,7-bis[3-(4-methylpiperazin-1-yl)propyl]-4,9-bis{[3-(4-methylpiperazin-1-yl)propyl]amino}benzo[lmn][3,8]phenanthroline-1,3,6,8(2H,7H)-tetrone
;
? 'C46 H72 N12 O4'  857.142 
# 
_exptl.entry_id          3SC8 
_exptl.method            'X-RAY DIFFRACTION' 
_exptl.crystals_number   1 
# 
_exptl_crystal.id                    1 
_exptl_crystal.density_meas          ? 
_exptl_crystal.density_Matthews      2.81 
_exptl_crystal.density_percent_sol   56.16 
_exptl_crystal.description           ? 
_exptl_crystal.F_000                 ? 
_exptl_crystal.preparation           ? 
# 
_exptl_crystal_grow.crystal_id      1 
_exptl_crystal_grow.method          'VAPOR DIFFUSION, HANGING DROP' 
_exptl_crystal_grow.temp            285 
_exptl_crystal_grow.temp_details    ? 
_exptl_crystal_grow.pH              6.5 
_exptl_crystal_grow.pdbx_details    
;20 % PEG400, 50 mM potassium chloride, 20 mM potassium cacodylate, 50 mM sodium cacodylate, 100 mM lithium sulfate, pH 6.5, VAPOR DIFFUSION, HANGING DROP, temperature 285K
;
_exptl_crystal_grow.pdbx_pH_range   ? 
# 
_diffrn.id                     1 
_diffrn.ambient_temp           100 
_diffrn.ambient_temp_details   ? 
_diffrn.crystal_id             1 
# 
_diffrn_detector.diffrn_id              1 
_diffrn_detector.detector               PIXEL 
_diffrn_detector.type                   'PSI PILATUS 6M' 
_diffrn_detector.pdbx_collection_date   2011-04-16 
_diffrn_detector.details                ? 
# 
_diffrn_radiation.diffrn_id                        1 
_diffrn_radiation.wavelength_id                    1 
_diffrn_radiation.pdbx_monochromatic_or_laue_m_l   M 
_diffrn_radiation.monochromator                    'Si 111 CHANNEL' 
_diffrn_radiation.pdbx_diffrn_protocol             'SINGLE WAVELENGTH' 
_diffrn_radiation.pdbx_scattering_type             x-ray 
# 
_diffrn_radiation_wavelength.id           1 
_diffrn_radiation_wavelength.wavelength   0.91730 
_diffrn_radiation_wavelength.wt           1.0 
# 
_diffrn_source.diffrn_id                   1 
_diffrn_source.source                      SYNCHROTRON 
_diffrn_source.type                        'DIAMOND BEAMLINE I04-1' 
_diffrn_source.pdbx_synchrotron_site       Diamond 
_diffrn_source.pdbx_synchrotron_beamline   I04-1 
_diffrn_source.pdbx_wavelength             ? 
_diffrn_source.pdbx_wavelength_list        0.91730 
# 
_reflns.entry_id                     3SC8 
_reflns.observed_criterion_sigma_I   2.0 
_reflns.observed_criterion_sigma_F   2.0 
_reflns.d_resolution_low             26.23 
_reflns.d_resolution_high            2.17 
_reflns.number_obs                   4385 
_reflns.number_all                   4385 
_reflns.percent_possible_obs         99.5 
_reflns.pdbx_Rmerge_I_obs            0.033 
_reflns.pdbx_Rsym_value              ? 
_reflns.pdbx_netI_over_sigmaI        32.1 
_reflns.B_iso_Wilson_estimate        58.898 
_reflns.pdbx_redundancy              9.5 
_reflns.R_free_details               ? 
_reflns.limit_h_max                  ? 
_reflns.limit_h_min                  ? 
_reflns.limit_k_max                  ? 
_reflns.limit_k_min                  ? 
_reflns.limit_l_max                  ? 
_reflns.limit_l_min                  ? 
_reflns.observed_criterion_F_max     ? 
_reflns.observed_criterion_F_min     ? 
_reflns.pdbx_chi_squared             ? 
_reflns.pdbx_scaling_rejects         ? 
_reflns.pdbx_ordinal                 1 
_reflns.pdbx_diffrn_id               1 
# 
_reflns_shell.d_res_high             2.17 
_reflns_shell.d_res_low              2.23 
_reflns_shell.percent_possible_all   100 
_reflns_shell.Rmerge_I_obs           0.59 
_reflns_shell.pdbx_Rsym_value        ? 
_reflns_shell.meanI_over_sigI_obs    3.5 
_reflns_shell.pdbx_redundancy        9.7 
_reflns_shell.percent_possible_obs   ? 
_reflns_shell.number_unique_all      324 
_reflns_shell.number_measured_all    ? 
_reflns_shell.number_measured_obs    ? 
_reflns_shell.number_unique_obs      ? 
_reflns_shell.pdbx_chi_squared       ? 
_reflns_shell.pdbx_ordinal           1 
_reflns_shell.pdbx_diffrn_id         1 
# 
_refine.entry_id                                 3SC8 
_refine.ls_number_reflns_obs                     3467 
_refine.ls_number_reflns_all                     3467 
_refine.pdbx_ls_sigma_I                          ? 
_refine.pdbx_ls_sigma_F                          . 
_refine.pdbx_data_cutoff_high_absF               ? 
_refine.pdbx_data_cutoff_low_absF                ? 
_refine.pdbx_data_cutoff_high_rms_absF           ? 
_refine.ls_d_res_low                             10.30 
_refine.ls_d_res_high                            2.302 
_refine.ls_percent_reflns_obs                    100.00 
_refine.ls_R_factor_obs                          0.25989 
_refine.ls_R_factor_all                          0.25989 
_refine.ls_R_factor_R_work                       0.25839 
_refine.ls_R_factor_R_free                       0.28828 
_refine.ls_R_factor_R_free_error                 ? 
_refine.ls_R_factor_R_free_error_details         ? 
_refine.ls_percent_reflns_R_free                 4.4 
_refine.ls_number_reflns_R_free                  161 
_refine.ls_number_parameters                     ? 
_refine.ls_number_restraints                     ? 
_refine.occupancy_min                            ? 
_refine.occupancy_max                            ? 
_refine.correlation_coeff_Fo_to_Fc               0.931 
_refine.correlation_coeff_Fo_to_Fc_free          0.916 
_refine.B_iso_mean                               45.257 
_refine.aniso_B[1][1]                            0.01 
_refine.aniso_B[2][2]                            0.01 
_refine.aniso_B[3][3]                            -0.01 
_refine.aniso_B[1][2]                            0.00 
_refine.aniso_B[1][3]                            0.00 
_refine.aniso_B[2][3]                            0.00 
_refine.solvent_model_details                    MASK 
_refine.solvent_model_param_ksol                 ? 
_refine.solvent_model_param_bsol                 ? 
_refine.pdbx_solvent_vdw_probe_radii             1.40 
_refine.pdbx_solvent_ion_probe_radii             0.80 
_refine.pdbx_solvent_shrinkage_radii             0.80 
_refine.pdbx_ls_cross_valid_method               THROUGHOUT 
_refine.details                                  'HYDROGENS HAVE BEEN ADDED IN THE RIDING POSITIONS' 
_refine.pdbx_starting_model                      'PDB ENTRY 1KF1' 
_refine.pdbx_method_to_determine_struct          'MOLECULAR REPLACEMENT' 
_refine.pdbx_isotropic_thermal_model             ? 
_refine.pdbx_stereochemistry_target_values       'MAXIMUM LIKELIHOOD' 
_refine.pdbx_stereochem_target_val_spec_case     ? 
_refine.pdbx_R_Free_selection_details            RANDOM 
_refine.pdbx_overall_ESU_R_Free                  0.266 
_refine.overall_SU_ML                            0.223 
_refine.overall_SU_B                             16.573 
_refine.overall_SU_R_Cruickshank_DPI             ? 
_refine.ls_redundancy_reflns_obs                 ? 
_refine.B_iso_min                                ? 
_refine.B_iso_max                                ? 
_refine.overall_SU_R_free                        ? 
_refine.ls_wR_factor_R_free                      ? 
_refine.ls_wR_factor_R_work                      ? 
_refine.overall_FOM_free_R_set                   ? 
_refine.overall_FOM_work_R_set                   ? 
_refine.pdbx_overall_phase_error                 ? 
_refine.pdbx_diffrn_id                           1 
_refine.pdbx_refine_id                           'X-RAY DIFFRACTION' 
_refine.pdbx_overall_ESU_R                       0.389 
_refine.pdbx_TLS_residual_ADP_flag               ? 
_refine.pdbx_overall_SU_R_free_Cruickshank_DPI   ? 
_refine.pdbx_overall_SU_R_Blow_DPI               ? 
_refine.pdbx_overall_SU_R_free_Blow_DPI          ? 
# 
_refine_hist.pdbx_refine_id                   'X-RAY DIFFRACTION' 
_refine_hist.cycle_id                         LAST 
_refine_hist.pdbx_number_atoms_protein        0 
_refine_hist.pdbx_number_atoms_nucleic_acid   447 
_refine_hist.pdbx_number_atoms_ligand         65 
_refine_hist.number_atoms_solvent             29 
_refine_hist.number_atoms_total               541 
_refine_hist.d_res_high                       2.302 
_refine_hist.d_res_low                        10.30 
# 
loop_
_refine_ls_restr.type 
_refine_ls_restr.dev_ideal 
_refine_ls_restr.dev_ideal_target 
_refine_ls_restr.weight 
_refine_ls_restr.number 
_refine_ls_restr.pdbx_restraint_function 
_refine_ls_restr.pdbx_refine_id 
r_bond_refined_d     0.007 0.021 ? 572 ? 'X-RAY DIFFRACTION' 
r_angle_refined_deg  1.048 3.000 ? 877 ? 'X-RAY DIFFRACTION' 
r_chiral_restr       0.060 0.200 ? 84  ? 'X-RAY DIFFRACTION' 
r_gen_planes_refined 0.011 0.020 ? 261 ? 'X-RAY DIFFRACTION' 
r_scbond_it          1.831 3.000 ? 572 ? 'X-RAY DIFFRACTION' 
r_scangle_it         2.884 4.500 ? 877 ? 'X-RAY DIFFRACTION' 
# 
_refine_ls_shell.pdbx_total_number_of_bins_used   20 
_refine_ls_shell.d_res_high                       2.302 
_refine_ls_shell.d_res_low                        2.359 
_refine_ls_shell.number_reflns_R_work             240 
_refine_ls_shell.R_factor_R_work                  0.404 
_refine_ls_shell.percent_reflns_obs               100.00 
_refine_ls_shell.R_factor_R_free                  0.481 
_refine_ls_shell.R_factor_R_free_error            ? 
_refine_ls_shell.percent_reflns_R_free            ? 
_refine_ls_shell.number_reflns_R_free             11 
_refine_ls_shell.number_reflns_all                ? 
_refine_ls_shell.R_factor_all                     ? 
_refine_ls_shell.number_reflns_obs                ? 
_refine_ls_shell.redundancy_reflns_obs            ? 
_refine_ls_shell.pdbx_refine_id                   'X-RAY DIFFRACTION' 
# 
_struct.entry_id                  3SC8 
_struct.title                     
'Crystal structure of an intramolecular human telomeric DNA G-quadruplex bound by the naphthalene diimide BMSG-SH-3' 
_struct.pdbx_model_details        ? 
_struct.pdbx_CASP_flag            ? 
_struct.pdbx_model_type_details   ? 
# 
_struct_keywords.entry_id        3SC8 
_struct_keywords.pdbx_keywords   DNA 
_struct_keywords.text            'G-quadruplex, intramolecular, ligand-complex, telomeric, DNA' 
# 
loop_
_struct_asym.id 
_struct_asym.pdbx_blank_PDB_chainid_flag 
_struct_asym.pdbx_modified 
_struct_asym.entity_id 
_struct_asym.details 
A N N 1 ? 
B N N 2 ? 
C N N 2 ? 
D N N 2 ? 
E N N 3 ? 
F N N 4 ? 
# 
_struct_biol.id        1 
_struct_biol.details   ? 
# 
loop_
_struct_conn.id 
_struct_conn.conn_type_id 
_struct_conn.pdbx_leaving_atom_flag 
_struct_conn.pdbx_PDB_id 
_struct_conn.ptnr1_label_asym_id 
_struct_conn.ptnr1_label_comp_id 
_struct_conn.ptnr1_label_seq_id 
_struct_conn.ptnr1_label_atom_id 
_struct_conn.pdbx_ptnr1_label_alt_id 
_struct_conn.pdbx_ptnr1_PDB_ins_code 
_struct_conn.pdbx_ptnr1_standard_comp_id 
_struct_conn.ptnr1_symmetry 
_struct_conn.ptnr2_label_asym_id 
_struct_conn.ptnr2_label_comp_id 
_struct_conn.ptnr2_label_seq_id 
_struct_conn.ptnr2_label_atom_id 
_struct_conn.pdbx_ptnr2_label_alt_id 
_struct_conn.pdbx_ptnr2_PDB_ins_code 
_struct_conn.ptnr1_auth_asym_id 
_struct_conn.ptnr1_auth_comp_id 
_struct_conn.ptnr1_auth_seq_id 
_struct_conn.ptnr2_auth_asym_id 
_struct_conn.ptnr2_auth_comp_id 
_struct_conn.ptnr2_auth_seq_id 
_struct_conn.ptnr2_symmetry 
_struct_conn.pdbx_ptnr3_label_atom_id 
_struct_conn.pdbx_ptnr3_label_seq_id 
_struct_conn.pdbx_ptnr3_label_comp_id 
_struct_conn.pdbx_ptnr3_label_asym_id 
_struct_conn.pdbx_ptnr3_label_alt_id 
_struct_conn.pdbx_ptnr3_PDB_ins_code 
_struct_conn.details 
_struct_conn.pdbx_dist_value 
_struct_conn.pdbx_value_order 
_struct_conn.pdbx_role 
metalc1  metalc ? ? A DG 2  O6 ? ? ? 1_555 C K  .  K  ? ? A DG 2  A K  25 1_555 ? ? ? ? ? ? ?           2.876 ? ? 
metalc2  metalc ? ? A DG 2  O6 ? ? ? 1_555 D K  .  K  ? ? A DG 2  A K  26 1_555 ? ? ? ? ? ? ?           2.792 ? ? 
metalc3  metalc ? ? A DG 3  O6 ? ? ? 1_555 B K  .  K  ? ? A DG 3  A K  24 1_555 ? ? ? ? ? ? ?           2.858 ? ? 
metalc4  metalc ? ? A DG 3  O6 ? ? ? 1_555 C K  .  K  ? ? A DG 3  A K  25 1_555 ? ? ? ? ? ? ?           2.709 ? ? 
metalc5  metalc ? ? A DG 4  O6 ? ? ? 1_555 B K  .  K  ? ? A DG 4  A K  24 1_555 ? ? ? ? ? ? ?           2.592 ? ? 
metalc6  metalc ? ? A DG 8  O6 ? ? ? 1_555 C K  .  K  ? ? A DG 8  A K  25 1_555 ? ? ? ? ? ? ?           2.903 ? ? 
metalc7  metalc ? ? A DG 8  O6 ? ? ? 1_555 D K  .  K  ? ? A DG 8  A K  26 1_555 ? ? ? ? ? ? ?           2.784 ? ? 
metalc8  metalc ? ? A DG 9  O6 ? ? ? 1_555 B K  .  K  ? ? A DG 9  A K  24 1_555 ? ? ? ? ? ? ?           3.049 ? ? 
metalc9  metalc ? ? A DG 9  O6 ? ? ? 1_555 C K  .  K  ? ? A DG 9  A K  25 1_555 ? ? ? ? ? ? ?           2.797 ? ? 
metalc10 metalc ? ? A DG 10 O6 ? ? ? 1_555 B K  .  K  ? ? A DG 10 A K  24 1_555 ? ? ? ? ? ? ?           2.638 ? ? 
metalc11 metalc ? ? A DG 14 O6 ? ? ? 1_555 C K  .  K  ? ? A DG 14 A K  25 1_555 ? ? ? ? ? ? ?           2.968 ? ? 
metalc12 metalc ? ? A DG 14 O6 ? ? ? 1_555 D K  .  K  ? ? A DG 14 A K  26 1_555 ? ? ? ? ? ? ?           2.775 ? ? 
metalc13 metalc ? ? A DG 15 O6 ? ? ? 1_555 B K  .  K  ? ? A DG 15 A K  24 1_555 ? ? ? ? ? ? ?           3.157 ? ? 
metalc14 metalc ? ? A DG 15 O6 ? ? ? 1_555 C K  .  K  ? ? A DG 15 A K  25 1_555 ? ? ? ? ? ? ?           2.961 ? ? 
metalc15 metalc ? ? A DG 16 O6 ? ? ? 1_555 B K  .  K  ? ? A DG 16 A K  24 1_555 ? ? ? ? ? ? ?           2.583 ? ? 
metalc16 metalc ? ? A DG 20 O6 ? ? ? 1_555 C K  .  K  ? ? A DG 20 A K  25 1_555 ? ? ? ? ? ? ?           3.109 ? ? 
metalc17 metalc ? ? A DG 20 O6 ? ? ? 1_555 D K  .  K  ? ? A DG 20 A K  26 1_555 ? ? ? ? ? ? ?           3.137 ? ? 
metalc18 metalc ? ? A DG 21 O6 ? ? ? 1_555 B K  .  K  ? ? A DG 21 A K  24 1_555 ? ? ? ? ? ? ?           3.109 ? ? 
metalc19 metalc ? ? A DG 21 O6 ? ? ? 1_555 C K  .  K  ? ? A DG 21 A K  25 1_555 ? ? ? ? ? ? ?           2.597 ? ? 
metalc20 metalc ? ? A DG 22 O6 ? ? ? 1_555 B K  .  K  ? ? A DG 22 A K  24 1_555 ? ? ? ? ? ? ?           2.666 ? ? 
hydrog1  hydrog ? ? A DG 2  N1 ? ? ? 1_555 A DG 8  O6 ? ? A DG 2  A DG 8  1_555 ? ? ? ? ? ? TYPE_6_PAIR ?     ? ? 
hydrog2  hydrog ? ? A DG 2  N2 ? ? ? 1_555 A DG 8  N7 ? ? A DG 2  A DG 8  1_555 ? ? ? ? ? ? TYPE_6_PAIR ?     ? ? 
hydrog3  hydrog ? ? A DG 2  N7 ? ? ? 1_555 A DG 20 N2 ? ? A DG 2  A DG 20 1_555 ? ? ? ? ? ? TYPE_6_PAIR ?     ? ? 
hydrog4  hydrog ? ? A DG 2  O6 ? ? ? 1_555 A DG 20 N1 ? ? A DG 2  A DG 20 1_555 ? ? ? ? ? ? TYPE_6_PAIR ?     ? ? 
hydrog5  hydrog ? ? A DG 3  N1 ? ? ? 1_555 A DG 9  O6 ? ? A DG 3  A DG 9  1_555 ? ? ? ? ? ? TYPE_6_PAIR ?     ? ? 
hydrog6  hydrog ? ? A DG 3  N2 ? ? ? 1_555 A DG 9  N7 ? ? A DG 3  A DG 9  1_555 ? ? ? ? ? ? TYPE_6_PAIR ?     ? ? 
hydrog7  hydrog ? ? A DG 3  N7 ? ? ? 1_555 A DG 21 N2 ? ? A DG 3  A DG 21 1_555 ? ? ? ? ? ? TYPE_6_PAIR ?     ? ? 
hydrog8  hydrog ? ? A DG 3  O6 ? ? ? 1_555 A DG 21 N1 ? ? A DG 3  A DG 21 1_555 ? ? ? ? ? ? TYPE_6_PAIR ?     ? ? 
hydrog9  hydrog ? ? A DG 4  N1 ? ? ? 1_555 A DG 10 O6 ? ? A DG 4  A DG 10 1_555 ? ? ? ? ? ? TYPE_6_PAIR ?     ? ? 
hydrog10 hydrog ? ? A DG 4  N2 ? ? ? 1_555 A DG 10 N7 ? ? A DG 4  A DG 10 1_555 ? ? ? ? ? ? TYPE_6_PAIR ?     ? ? 
hydrog11 hydrog ? ? A DG 4  N7 ? ? ? 1_555 A DG 22 N2 ? ? A DG 4  A DG 22 1_555 ? ? ? ? ? ? TYPE_6_PAIR ?     ? ? 
hydrog12 hydrog ? ? A DG 4  O6 ? ? ? 1_555 A DG 22 N1 ? ? A DG 4  A DG 22 1_555 ? ? ? ? ? ? TYPE_6_PAIR ?     ? ? 
hydrog13 hydrog ? ? A DG 8  N1 ? ? ? 1_555 A DG 14 O6 ? ? A DG 8  A DG 14 1_555 ? ? ? ? ? ? TYPE_6_PAIR ?     ? ? 
hydrog14 hydrog ? ? A DG 8  N2 ? ? ? 1_555 A DG 14 N7 ? ? A DG 8  A DG 14 1_555 ? ? ? ? ? ? TYPE_6_PAIR ?     ? ? 
hydrog15 hydrog ? ? A DG 9  N1 ? ? ? 1_555 A DG 15 O6 ? ? A DG 9  A DG 15 1_555 ? ? ? ? ? ? TYPE_6_PAIR ?     ? ? 
hydrog16 hydrog ? ? A DG 9  N2 ? ? ? 1_555 A DG 15 N7 ? ? A DG 9  A DG 15 1_555 ? ? ? ? ? ? TYPE_6_PAIR ?     ? ? 
hydrog17 hydrog ? ? A DG 10 N1 ? ? ? 1_555 A DG 16 O6 ? ? A DG 10 A DG 16 1_555 ? ? ? ? ? ? TYPE_6_PAIR ?     ? ? 
hydrog18 hydrog ? ? A DG 10 N2 ? ? ? 1_555 A DG 16 N7 ? ? A DG 10 A DG 16 1_555 ? ? ? ? ? ? TYPE_6_PAIR ?     ? ? 
hydrog19 hydrog ? ? A DG 14 N1 ? ? ? 1_555 A DG 20 O6 ? ? A DG 14 A DG 20 1_555 ? ? ? ? ? ? TYPE_6_PAIR ?     ? ? 
hydrog20 hydrog ? ? A DG 14 N2 ? ? ? 1_555 A DG 20 N7 ? ? A DG 14 A DG 20 1_555 ? ? ? ? ? ? TYPE_6_PAIR ?     ? ? 
hydrog21 hydrog ? ? A DG 15 N1 ? ? ? 1_555 A DG 21 O6 ? ? A DG 15 A DG 21 1_555 ? ? ? ? ? ? TYPE_6_PAIR ?     ? ? 
hydrog22 hydrog ? ? A DG 15 N2 ? ? ? 1_555 A DG 21 N7 ? ? A DG 15 A DG 21 1_555 ? ? ? ? ? ? TYPE_6_PAIR ?     ? ? 
hydrog23 hydrog ? ? A DG 16 N1 ? ? ? 1_555 A DG 22 O6 ? ? A DG 16 A DG 22 1_555 ? ? ? ? ? ? TYPE_6_PAIR ?     ? ? 
hydrog24 hydrog ? ? A DG 16 N2 ? ? ? 1_555 A DG 22 N7 ? ? A DG 16 A DG 22 1_555 ? ? ? ? ? ? TYPE_6_PAIR ?     ? ? 
# 
loop_
_struct_conn_type.id 
_struct_conn_type.criteria 
_struct_conn_type.reference 
metalc ? ? 
hydrog ? ? 
# 
loop_
_struct_site.id 
_struct_site.pdbx_evidence_code 
_struct_site.pdbx_auth_asym_id 
_struct_site.pdbx_auth_comp_id 
_struct_site.pdbx_auth_seq_id 
_struct_site.pdbx_auth_ins_code 
_struct_site.pdbx_num_residues 
_struct_site.details 
AC1 Software A K   24 ? 9  'BINDING SITE FOR RESIDUE K A 24'   
AC2 Software A K   25 ? 11 'BINDING SITE FOR RESIDUE K A 25'   
AC3 Software A K   26 ? 10 'BINDING SITE FOR RESIDUE K A 26'   
AC4 Software A R8G 23 ? 9  'BINDING SITE FOR RESIDUE R8G A 23' 
# 
loop_
_struct_site_gen.id 
_struct_site_gen.site_id 
_struct_site_gen.pdbx_num_res 
_struct_site_gen.label_comp_id 
_struct_site_gen.label_asym_id 
_struct_site_gen.label_seq_id 
_struct_site_gen.pdbx_auth_ins_code 
_struct_site_gen.auth_comp_id 
_struct_site_gen.auth_asym_id 
_struct_site_gen.auth_seq_id 
_struct_site_gen.label_atom_id 
_struct_site_gen.label_alt_id 
_struct_site_gen.symmetry 
_struct_site_gen.details 
1  AC1 9  DG A 3  ? DG A 3  . ? 1_555 ? 
2  AC1 9  DG A 4  ? DG A 4  . ? 1_555 ? 
3  AC1 9  DG A 9  ? DG A 9  . ? 1_555 ? 
4  AC1 9  DG A 10 ? DG A 10 . ? 1_555 ? 
5  AC1 9  DG A 15 ? DG A 15 . ? 1_555 ? 
6  AC1 9  DG A 16 ? DG A 16 . ? 1_555 ? 
7  AC1 9  DG A 21 ? DG A 21 . ? 1_555 ? 
8  AC1 9  DG A 22 ? DG A 22 . ? 1_555 ? 
9  AC1 9  K  C .  ? K  A 25 . ? 1_555 ? 
10 AC2 11 DG A 2  ? DG A 2  . ? 1_555 ? 
11 AC2 11 DG A 3  ? DG A 3  . ? 1_555 ? 
12 AC2 11 DG A 8  ? DG A 8  . ? 1_555 ? 
13 AC2 11 DG A 9  ? DG A 9  . ? 1_555 ? 
14 AC2 11 DG A 14 ? DG A 14 . ? 1_555 ? 
15 AC2 11 DG A 15 ? DG A 15 . ? 1_555 ? 
16 AC2 11 DG A 20 ? DG A 20 . ? 1_555 ? 
17 AC2 11 DG A 21 ? DG A 21 . ? 1_555 ? 
18 AC2 11 K  B .  ? K  A 24 . ? 1_555 ? 
19 AC2 11 K  D .  ? K  A 26 . ? 4_555 ? 
20 AC2 11 K  D .  ? K  A 26 . ? 1_555 ? 
21 AC3 10 DG A 2  ? DG A 2  . ? 1_555 ? 
22 AC3 10 DG A 2  ? DG A 2  . ? 4_555 ? 
23 AC3 10 DG A 8  ? DG A 8  . ? 1_555 ? 
24 AC3 10 DG A 8  ? DG A 8  . ? 4_555 ? 
25 AC3 10 DG A 14 ? DG A 14 . ? 1_555 ? 
26 AC3 10 DG A 14 ? DG A 14 . ? 4_555 ? 
27 AC3 10 DG A 20 ? DG A 20 . ? 4_555 ? 
28 AC3 10 DG A 20 ? DG A 20 . ? 1_555 ? 
29 AC3 10 K  C .  ? K  A 25 . ? 4_555 ? 
30 AC3 10 K  C .  ? K  A 25 . ? 1_555 ? 
31 AC4 9  DG A 4  ? DG A 4  . ? 1_555 ? 
32 AC4 9  DT A 5  ? DT A 5  . ? 1_555 ? 
33 AC4 9  DT A 6  ? DT A 6  . ? 2_455 ? 
34 AC4 9  DG A 10 ? DG A 10 . ? 1_555 ? 
35 AC4 9  DT A 11 ? DT A 11 . ? 1_555 ? 
36 AC4 9  DT A 12 ? DT A 12 . ? 6_455 ? 
37 AC4 9  DA A 13 ? DA A 13 . ? 6_455 ? 
38 AC4 9  DG A 16 ? DG A 16 . ? 1_555 ? 
39 AC4 9  DG A 22 ? DG A 22 . ? 1_555 ? 
# 
_atom_sites.entry_id                    3SC8 
_atom_sites.fract_transf_matrix[1][1]   0.00379899 
_atom_sites.fract_transf_matrix[1][2]   0.02043595 
_atom_sites.fract_transf_matrix[1][3]   0.00912135 
_atom_sites.fract_transf_matrix[2][1]   0.00506833 
_atom_sites.fract_transf_matrix[2][2]   0.01763123 
_atom_sites.fract_transf_matrix[2][3]   -0.01336774 
_atom_sites.fract_transf_matrix[3][1]   -0.01854023 
_atom_sites.fract_transf_matrix[3][2]   0.00414435 
_atom_sites.fract_transf_matrix[3][3]   -0.00156332 
_atom_sites.fract_transf_vector[1]      -0.430058 
_atom_sites.fract_transf_vector[2]      -0.352215 
_atom_sites.fract_transf_vector[3]      0.104652 
# 
loop_
_atom_type.symbol 
C 
K 
N 
O 
P 
# 
loop_
_atom_site.group_PDB 
_atom_site.id 
_atom_site.type_symbol 
_atom_site.label_atom_id 
_atom_site.label_alt_id 
_atom_site.label_comp_id 
_atom_site.label_asym_id 
_atom_site.label_entity_id 
_atom_site.label_seq_id 
_atom_site.pdbx_PDB_ins_code 
_atom_site.Cartn_x 
_atom_site.Cartn_y 
_atom_site.Cartn_z 
_atom_site.occupancy 
_atom_site.B_iso_or_equiv 
_atom_site.pdbx_formal_charge 
_atom_site.auth_seq_id 
_atom_site.auth_comp_id 
_atom_site.auth_asym_id 
_atom_site.auth_atom_id 
_atom_site.pdbx_PDB_model_num 
ATOM   1   P P     . DG  A 1 2  ? 12.551  3.321   -5.395  1.00 59.75 ? 2  DG  A P     1 
ATOM   2   O OP1   . DG  A 1 2  ? 11.231  3.956   -5.594  1.00 56.03 ? 2  DG  A OP1   1 
ATOM   3   O OP2   . DG  A 1 2  ? 13.787  4.141   -5.273  1.00 63.59 ? 2  DG  A OP2   1 
ATOM   4   O "O5'" . DG  A 1 2  ? 12.462  2.383   -4.110  1.00 53.69 ? 2  DG  A "O5'" 1 
ATOM   5   C "C5'" . DG  A 1 2  ? 13.270  1.222   -4.044  1.00 53.55 ? 2  DG  A "C5'" 1 
ATOM   6   C "C4'" . DG  A 1 2  ? 12.388  0.002   -3.939  1.00 47.81 ? 2  DG  A "C4'" 1 
ATOM   7   O "O4'" . DG  A 1 2  ? 11.730  0.040   -2.655  1.00 41.13 ? 2  DG  A "O4'" 1 
ATOM   8   C "C3'" . DG  A 1 2  ? 11.266  -0.039  -4.966  1.00 46.62 ? 2  DG  A "C3'" 1 
ATOM   9   O "O3'" . DG  A 1 2  ? 11.653  -0.844  -6.061  1.00 53.40 ? 2  DG  A "O3'" 1 
ATOM   10  C "C2'" . DG  A 1 2  ? 10.091  -0.654  -4.217  1.00 38.81 ? 2  DG  A "C2'" 1 
ATOM   11  C "C1'" . DG  A 1 2  ? 10.523  -0.663  -2.756  1.00 36.42 ? 2  DG  A "C1'" 1 
ATOM   12  N N9    . DG  A 1 2  ? 9.549   -0.019  -1.898  1.00 32.20 ? 2  DG  A N9    1 
ATOM   13  C C8    . DG  A 1 2  ? 9.359   1.328   -1.730  1.00 32.46 ? 2  DG  A C8    1 
ATOM   14  N N7    . DG  A 1 2  ? 8.384   1.608   -0.918  1.00 29.36 ? 2  DG  A N7    1 
ATOM   15  C C5    . DG  A 1 2  ? 7.905   0.366   -0.539  1.00 26.28 ? 2  DG  A C5    1 
ATOM   16  C C6    . DG  A 1 2  ? 6.860   0.031   0.331   1.00 24.52 ? 2  DG  A C6    1 
ATOM   17  O O6    . DG  A 1 2  ? 6.136   0.804   0.944   1.00 26.83 ? 2  DG  A O6    1 
ATOM   18  N N1    . DG  A 1 2  ? 6.674   -1.342  0.457   1.00 20.43 ? 2  DG  A N1    1 
ATOM   19  C C2    . DG  A 1 2  ? 7.413   -2.280  -0.207  1.00 19.77 ? 2  DG  A C2    1 
ATOM   20  N N2    . DG  A 1 2  ? 7.112   -3.562  0.037   1.00 18.29 ? 2  DG  A N2    1 
ATOM   21  N N3    . DG  A 1 2  ? 8.413   -1.980  -1.015  1.00 23.71 ? 2  DG  A N3    1 
ATOM   22  C C4    . DG  A 1 2  ? 8.597   -0.643  -1.138  1.00 26.67 ? 2  DG  A C4    1 
ATOM   23  P P     . DG  A 1 3  ? 10.582  -1.734  -6.854  1.00 56.62 ? 3  DG  A P     1 
ATOM   24  O OP1   . DG  A 1 3  ? 11.332  -2.527  -7.851  1.00 60.30 ? 3  DG  A OP1   1 
ATOM   25  O OP2   . DG  A 1 3  ? 9.473   -0.844  -7.295  1.00 54.45 ? 3  DG  A OP2   1 
ATOM   26  O "O5'" . DG  A 1 3  ? 10.019  -2.727  -5.716  1.00 51.44 ? 3  DG  A "O5'" 1 
ATOM   27  C "C5'" . DG  A 1 3  ? 10.031  -4.153  -5.868  1.00 46.69 ? 3  DG  A "C5'" 1 
ATOM   28  C "C4'" . DG  A 1 3  ? 8.674   -4.763  -5.523  1.00 41.20 ? 3  DG  A "C4'" 1 
ATOM   29  O "O4'" . DG  A 1 3  ? 8.108   -4.097  -4.358  1.00 38.05 ? 3  DG  A "O4'" 1 
ATOM   30  C "C3'" . DG  A 1 3  ? 7.621   -4.650  -6.627  1.00 40.92 ? 3  DG  A "C3'" 1 
ATOM   31  O "O3'" . DG  A 1 3  ? 7.018   -5.884  -6.950  1.00 41.77 ? 3  DG  A "O3'" 1 
ATOM   32  C "C2'" . DG  A 1 3  ? 6.569   -3.737  -6.040  1.00 37.80 ? 3  DG  A "C2'" 1 
ATOM   33  C "C1'" . DG  A 1 3  ? 6.728   -3.983  -4.551  1.00 32.37 ? 3  DG  A "C1'" 1 
ATOM   34  N N9    . DG  A 1 3  ? 6.236   -2.823  -3.849  1.00 30.38 ? 3  DG  A N9    1 
ATOM   35  C C8    . DG  A 1 3  ? 6.588   -1.527  -4.108  1.00 29.92 ? 3  DG  A C8    1 
ATOM   36  N N7    . DG  A 1 3  ? 5.922   -0.662  -3.421  1.00 26.71 ? 3  DG  A N7    1 
ATOM   37  C C5    . DG  A 1 3  ? 5.047   -1.437  -2.686  1.00 24.43 ? 3  DG  A C5    1 
ATOM   38  C C6    . DG  A 1 3  ? 4.092   -1.046  -1.748  1.00 23.14 ? 3  DG  A C6    1 
ATOM   39  O O6    . DG  A 1 3  ? 3.849   0.098   -1.382  1.00 27.94 ? 3  DG  A O6    1 
ATOM   40  N N1    . DG  A 1 3  ? 3.391   -2.122  -1.214  1.00 19.40 ? 3  DG  A N1    1 
ATOM   41  C C2    . DG  A 1 3  ? 3.617   -3.424  -1.537  1.00 17.70 ? 3  DG  A C2    1 
ATOM   42  N N2    . DG  A 1 3  ? 2.844   -4.330  -0.936  1.00 15.78 ? 3  DG  A N2    1 
ATOM   43  N N3    . DG  A 1 3  ? 4.520   -3.810  -2.421  1.00 22.76 ? 3  DG  A N3    1 
ATOM   44  C C4    . DG  A 1 3  ? 5.197   -2.762  -2.954  1.00 25.08 ? 3  DG  A C4    1 
ATOM   45  P P     . DG  A 1 4  ? 6.085   -5.943  -8.253  1.00 44.71 ? 4  DG  A P     1 
ATOM   46  O OP1   . DG  A 1 4  ? 6.741   -6.827  -9.233  1.00 50.04 ? 4  DG  A OP1   1 
ATOM   47  O OP2   . DG  A 1 4  ? 5.734   -4.562  -8.640  1.00 45.17 ? 4  DG  A OP2   1 
ATOM   48  O "O5'" . DG  A 1 4  ? 4.755   -6.659  -7.752  1.00 41.45 ? 4  DG  A "O5'" 1 
ATOM   49  C "C5'" . DG  A 1 4  ? 4.791   -7.578  -6.686  1.00 38.04 ? 4  DG  A "C5'" 1 
ATOM   50  C "C4'" . DG  A 1 4  ? 3.387   -7.861  -6.205  1.00 36.43 ? 4  DG  A "C4'" 1 
ATOM   51  O "O4'" . DG  A 1 4  ? 3.042   -6.875  -5.194  1.00 36.45 ? 4  DG  A "O4'" 1 
ATOM   52  C "C3'" . DG  A 1 4  ? 2.311   -7.753  -7.286  1.00 38.56 ? 4  DG  A "C3'" 1 
ATOM   53  O "O3'" . DG  A 1 4  ? 1.274   -8.671  -7.026  1.00 42.73 ? 4  DG  A "O3'" 1 
ATOM   54  C "C2'" . DG  A 1 4  ? 1.801   -6.337  -7.101  1.00 35.72 ? 4  DG  A "C2'" 1 
ATOM   55  C "C1'" . DG  A 1 4  ? 1.877   -6.183  -5.587  1.00 31.04 ? 4  DG  A "C1'" 1 
ATOM   56  N N9    . DG  A 1 4  ? 1.987   -4.795  -5.185  1.00 27.45 ? 4  DG  A N9    1 
ATOM   57  C C8    . DG  A 1 4  ? 2.881   -3.883  -5.665  1.00 26.52 ? 4  DG  A C8    1 
ATOM   58  N N7    . DG  A 1 4  ? 2.716   -2.694  -5.183  1.00 26.97 ? 4  DG  A N7    1 
ATOM   59  C C5    . DG  A 1 4  ? 1.636   -2.820  -4.323  1.00 25.17 ? 4  DG  A C5    1 
ATOM   60  C C6    . DG  A 1 4  ? 1.001   -1.859  -3.513  1.00 24.24 ? 4  DG  A C6    1 
ATOM   61  O O6    . DG  A 1 4  ? 1.295   -0.673  -3.363  1.00 28.59 ? 4  DG  A O6    1 
ATOM   62  N N1    . DG  A 1 4  ? -0.054  -2.389  -2.789  1.00 23.91 ? 4  DG  A N1    1 
ATOM   63  C C2    . DG  A 1 4  ? -0.457  -3.694  -2.846  1.00 24.88 ? 4  DG  A C2    1 
ATOM   64  N N2    . DG  A 1 4  ? -1.495  -4.022  -2.069  1.00 25.21 ? 4  DG  A N2    1 
ATOM   65  N N3    . DG  A 1 4  ? 0.127   -4.613  -3.600  1.00 26.34 ? 4  DG  A N3    1 
ATOM   66  C C4    . DG  A 1 4  ? 1.166   -4.106  -4.316  1.00 26.95 ? 4  DG  A C4    1 
ATOM   67  P P     . DT  A 1 5  ? 0.715   -9.653  -8.155  1.00 48.08 ? 5  DT  A P     1 
ATOM   68  O OP1   . DT  A 1 5  ? 0.268   -8.844  -9.311  1.00 48.22 ? 5  DT  A OP1   1 
ATOM   69  O OP2   . DT  A 1 5  ? -0.217  -10.580 -7.473  1.00 46.95 ? 5  DT  A OP2   1 
ATOM   70  O "O5'" . DT  A 1 5  ? 2.007   -10.479 -8.606  1.00 49.65 ? 5  DT  A "O5'" 1 
ATOM   71  C "C5'" . DT  A 1 5  ? 2.526   -11.510 -7.783  1.00 48.67 ? 5  DT  A "C5'" 1 
ATOM   72  C "C4'" . DT  A 1 5  ? 3.875   -11.964 -8.305  1.00 50.59 ? 5  DT  A "C4'" 1 
ATOM   73  O "O4'" . DT  A 1 5  ? 4.870   -10.925 -8.131  1.00 47.43 ? 5  DT  A "O4'" 1 
ATOM   74  C "C3'" . DT  A 1 5  ? 4.427   -13.206 -7.627  1.00 52.55 ? 5  DT  A "C3'" 1 
ATOM   75  O "O3'" . DT  A 1 5  ? 4.757   -14.173 -8.618  1.00 58.92 ? 5  DT  A "O3'" 1 
ATOM   76  C "C2'" . DT  A 1 5  ? 5.652   -12.702 -6.866  1.00 49.48 ? 5  DT  A "C2'" 1 
ATOM   77  C "C1'" . DT  A 1 5  ? 6.075   -11.508 -7.706  1.00 47.59 ? 5  DT  A "C1'" 1 
ATOM   78  N N1    . DT  A 1 5  ? 6.853   -10.485 -6.953  1.00 45.15 ? 5  DT  A N1    1 
ATOM   79  C C2    . DT  A 1 5  ? 7.870   -9.807  -7.587  1.00 47.04 ? 5  DT  A C2    1 
ATOM   80  O O2    . DT  A 1 5  ? 8.180   -9.999  -8.740  1.00 50.51 ? 5  DT  A O2    1 
ATOM   81  N N3    . DT  A 1 5  ? 8.523   -8.884  -6.813  1.00 47.40 ? 5  DT  A N3    1 
ATOM   82  C C4    . DT  A 1 5  ? 8.258   -8.569  -5.495  1.00 44.60 ? 5  DT  A C4    1 
ATOM   83  O O4    . DT  A 1 5  ? 8.892   -7.722  -4.875  1.00 46.17 ? 5  DT  A O4    1 
ATOM   84  C C5    . DT  A 1 5  ? 7.186   -9.308  -4.891  1.00 42.51 ? 5  DT  A C5    1 
ATOM   85  C C7    . DT  A 1 5  ? 6.824   -9.040  -3.462  1.00 39.54 ? 5  DT  A C7    1 
ATOM   86  C C6    . DT  A 1 5  ? 6.539   -10.221 -5.635  1.00 42.46 ? 5  DT  A C6    1 
ATOM   87  P P     . DT  A 1 6  ? 3.960   -15.559 -8.681  1.00 50.76 ? 6  DT  A P     1 
ATOM   88  O OP1   . DT  A 1 6  ? 4.150   -16.117 -10.042 1.00 53.02 ? 6  DT  A OP1   1 
ATOM   89  O OP2   . DT  A 1 6  ? 2.593   -15.361 -8.153  1.00 52.90 ? 6  DT  A OP2   1 
ATOM   90  O "O5'" . DT  A 1 6  ? 4.727   -16.468 -7.618  1.00 48.20 ? 6  DT  A "O5'" 1 
ATOM   91  C "C5'" . DT  A 1 6  ? 3.984   -17.278 -6.712  1.00 48.01 ? 6  DT  A "C5'" 1 
ATOM   92  C "C4'" . DT  A 1 6  ? 4.850   -17.697 -5.536  1.00 46.24 ? 6  DT  A "C4'" 1 
ATOM   93  O "O4'" . DT  A 1 6  ? 6.128   -18.185 -6.011  1.00 44.67 ? 6  DT  A "O4'" 1 
ATOM   94  C "C3'" . DT  A 1 6  ? 5.222   -16.577 -4.590  1.00 44.13 ? 6  DT  A "C3'" 1 
ATOM   95  O "O3'" . DT  A 1 6  ? 4.149   -16.362 -3.680  1.00 47.71 ? 6  DT  A "O3'" 1 
ATOM   96  C "C2'" . DT  A 1 6  ? 6.450   -17.193 -3.920  1.00 42.70 ? 6  DT  A "C2'" 1 
ATOM   97  C "C1'" . DT  A 1 6  ? 7.161   -17.782 -5.133  1.00 40.92 ? 6  DT  A "C1'" 1 
ATOM   98  N N1    . DT  A 1 6  ? 8.039   -16.801 -5.858  1.00 36.86 ? 6  DT  A N1    1 
ATOM   99  C C2    . DT  A 1 6  ? 9.263   -16.452 -5.326  1.00 35.69 ? 6  DT  A C2    1 
ATOM   100 O O2    . DT  A 1 6  ? 9.704   -16.902 -4.290  1.00 37.32 ? 6  DT  A O2    1 
ATOM   101 N N3    . DT  A 1 6  ? 9.968   -15.543 -6.059  1.00 35.33 ? 6  DT  A N3    1 
ATOM   102 C C4    . DT  A 1 6  ? 9.589   -14.965 -7.252  1.00 35.21 ? 6  DT  A C4    1 
ATOM   103 O O4    . DT  A 1 6  ? 10.291  -14.142 -7.832  1.00 39.22 ? 6  DT  A O4    1 
ATOM   104 C C5    . DT  A 1 6  ? 8.306   -15.373 -7.753  1.00 34.95 ? 6  DT  A C5    1 
ATOM   105 C C7    . DT  A 1 6  ? 7.786   -14.804 -9.036  1.00 35.93 ? 6  DT  A C7    1 
ATOM   106 C C6    . DT  A 1 6  ? 7.610   -16.267 -7.048  1.00 34.37 ? 6  DT  A C6    1 
ATOM   107 P P     . DA  A 1 7  ? 3.602   -14.896 -3.330  1.00 44.25 ? 7  DA  A P     1 
ATOM   108 O OP1   . DA  A 1 7  ? 2.426   -15.108 -2.469  1.00 47.13 ? 7  DA  A OP1   1 
ATOM   109 O OP2   . DA  A 1 7  ? 3.483   -14.083 -4.552  1.00 42.88 ? 7  DA  A OP2   1 
ATOM   110 O "O5'" . DA  A 1 7  ? 4.797   -14.262 -2.485  1.00 43.10 ? 7  DA  A "O5'" 1 
ATOM   111 C "C5'" . DA  A 1 7  ? 5.220   -14.834 -1.248  1.00 41.35 ? 7  DA  A "C5'" 1 
ATOM   112 C "C4'" . DA  A 1 7  ? 6.301   -13.969 -0.630  1.00 38.04 ? 7  DA  A "C4'" 1 
ATOM   113 O "O4'" . DA  A 1 7  ? 7.454   -13.943 -1.504  1.00 36.97 ? 7  DA  A "O4'" 1 
ATOM   114 C "C3'" . DA  A 1 7  ? 5.906   -12.514 -0.430  1.00 35.96 ? 7  DA  A "C3'" 1 
ATOM   115 O "O3'" . DA  A 1 7  ? 6.480   -12.018 0.749   1.00 37.91 ? 7  DA  A "O3'" 1 
ATOM   116 C "C2'" . DA  A 1 7  ? 6.531   -11.838 -1.636  1.00 35.20 ? 7  DA  A "C2'" 1 
ATOM   117 C "C1'" . DA  A 1 7  ? 7.832   -12.616 -1.753  1.00 35.22 ? 7  DA  A "C1'" 1 
ATOM   118 N N9    . DA  A 1 7  ? 8.419   -12.554 -3.083  1.00 33.53 ? 7  DA  A N9    1 
ATOM   119 C C8    . DA  A 1 7  ? 8.114   -13.344 -4.153  1.00 33.49 ? 7  DA  A C8    1 
ATOM   120 N N7    . DA  A 1 7  ? 8.779   -13.040 -5.243  1.00 34.62 ? 7  DA  A N7    1 
ATOM   121 C C5    . DA  A 1 7  ? 9.573   -11.981 -4.868  1.00 34.70 ? 7  DA  A C5    1 
ATOM   122 C C6    . DA  A 1 7  ? 10.511  -11.206 -5.570  1.00 38.67 ? 7  DA  A C6    1 
ATOM   123 N N6    . DA  A 1 7  ? 10.828  -11.408 -6.853  1.00 42.21 ? 7  DA  A N6    1 
ATOM   124 N N1    . DA  A 1 7  ? 11.115  -10.205 -4.901  1.00 40.82 ? 7  DA  A N1    1 
ATOM   125 C C2    . DA  A 1 7  ? 10.809  -10.015 -3.611  1.00 38.60 ? 7  DA  A C2    1 
ATOM   126 N N3    . DA  A 1 7  ? 9.953   -10.688 -2.845  1.00 35.64 ? 7  DA  A N3    1 
ATOM   127 C C4    . DA  A 1 7  ? 9.361   -11.665 -3.539  1.00 34.39 ? 7  DA  A C4    1 
ATOM   128 P P     . DG  A 1 8  ? 5.949   -12.452 2.196   1.00 40.81 ? 8  DG  A P     1 
ATOM   129 O OP1   . DG  A 1 8  ? 7.100   -12.278 3.099   1.00 43.28 ? 8  DG  A OP1   1 
ATOM   130 O OP2   . DG  A 1 8  ? 5.262   -13.755 2.106   1.00 40.99 ? 8  DG  A OP2   1 
ATOM   131 O "O5'" . DG  A 1 8  ? 4.829   -11.389 2.565   1.00 32.77 ? 8  DG  A "O5'" 1 
ATOM   132 C "C5'" . DG  A 1 8  ? 5.055   -10.032 2.397   1.00 28.66 ? 8  DG  A "C5'" 1 
ATOM   133 C "C4'" . DG  A 1 8  ? 3.856   -9.271  2.929   1.00 26.10 ? 8  DG  A "C4'" 1 
ATOM   134 O "O4'" . DG  A 1 8  ? 4.233   -7.890  3.105   1.00 23.70 ? 8  DG  A "O4'" 1 
ATOM   135 C "C3'" . DG  A 1 8  ? 2.610   -9.281  2.033   1.00 24.86 ? 8  DG  A "C3'" 1 
ATOM   136 O "O3'" . DG  A 1 8  ? 1.500   -9.711  2.795   1.00 30.23 ? 8  DG  A "O3'" 1 
ATOM   137 C "C2'" . DG  A 1 8  ? 2.478   -7.834  1.581   1.00 20.52 ? 8  DG  A "C2'" 1 
ATOM   138 C "C1'" . DG  A 1 8  ? 3.136   -7.094  2.733   1.00 20.79 ? 8  DG  A "C1'" 1 
ATOM   139 N N9    . DG  A 1 8  ? 3.645   -5.772  2.416   1.00 18.49 ? 8  DG  A N9    1 
ATOM   140 C C8    . DG  A 1 8  ? 4.696   -5.475  1.593   1.00 18.57 ? 8  DG  A C8    1 
ATOM   141 N N7    . DG  A 1 8  ? 4.952   -4.202  1.514   1.00 21.87 ? 8  DG  A N7    1 
ATOM   142 C C5    . DG  A 1 8  ? 4.011   -3.619  2.351   1.00 18.71 ? 8  DG  A C5    1 
ATOM   143 C C6    . DG  A 1 8  ? 3.809   -2.272  2.679   1.00 19.63 ? 8  DG  A C6    1 
ATOM   144 O O6    . DG  A 1 8  ? 4.440   -1.297  2.262   1.00 25.48 ? 8  DG  A O6    1 
ATOM   145 N N1    . DG  A 1 8  ? 2.748   -2.082  3.569   1.00 17.70 ? 8  DG  A N1    1 
ATOM   146 C C2    . DG  A 1 8  ? 2.004   -3.094  4.105   1.00 15.87 ? 8  DG  A C2    1 
ATOM   147 N N2    . DG  A 1 8  ? 1.040   -2.730  4.955   1.00 15.38 ? 8  DG  A N2    1 
ATOM   148 N N3    . DG  A 1 8  ? 2.185   -4.376  3.809   1.00 17.39 ? 8  DG  A N3    1 
ATOM   149 C C4    . DG  A 1 8  ? 3.207   -4.568  2.929   1.00 19.51 ? 8  DG  A C4    1 
ATOM   150 P P     . DG  A 1 9  ? 0.041   -9.932  2.185   1.00 34.52 ? 9  DG  A P     1 
ATOM   151 O OP1   . DG  A 1 9  ? -0.602  -11.028 2.927   1.00 35.92 ? 9  DG  A OP1   1 
ATOM   152 O OP2   . DG  A 1 9  ? 0.147   -10.000 0.721   1.00 36.31 ? 9  DG  A OP2   1 
ATOM   153 O "O5'" . DG  A 1 9  ? -0.721  -8.580  2.539   1.00 33.73 ? 9  DG  A "O5'" 1 
ATOM   154 C "C5'" . DG  A 1 9  ? -0.907  -8.166  3.875   1.00 31.95 ? 9  DG  A "C5'" 1 
ATOM   155 C "C4'" . DG  A 1 9  ? -2.063  -7.181  4.011   1.00 31.19 ? 9  DG  A "C4'" 1 
ATOM   156 O "O4'" . DG  A 1 9  ? -1.569  -5.838  3.868   1.00 29.79 ? 9  DG  A "O4'" 1 
ATOM   157 C "C3'" . DG  A 1 9  ? -3.222  -7.297  3.012   1.00 34.50 ? 9  DG  A "C3'" 1 
ATOM   158 O "O3'" . DG  A 1 9  ? -4.445  -6.896  3.662   1.00 34.64 ? 9  DG  A "O3'" 1 
ATOM   159 C "C2'" . DG  A 1 9  ? -2.813  -6.310  1.918   1.00 30.46 ? 9  DG  A "C2'" 1 
ATOM   160 C "C1'" . DG  A 1 9  ? -2.176  -5.214  2.755   1.00 28.16 ? 9  DG  A "C1'" 1 
ATOM   161 N N9    . DG  A 1 9  ? -1.160  -4.438  2.061   1.00 26.86 ? 9  DG  A N9    1 
ATOM   162 C C8    . DG  A 1 9  ? -0.162  -4.881  1.214   1.00 22.22 ? 9  DG  A C8    1 
ATOM   163 N N7    . DG  A 1 9  ? 0.587   -3.912  0.767   1.00 21.37 ? 9  DG  A N7    1 
ATOM   164 C C5    . DG  A 1 9  ? 0.059   -2.770  1.359   1.00 21.22 ? 9  DG  A C5    1 
ATOM   165 C C6    . DG  A 1 9  ? 0.433   -1.416  1.248   1.00 24.47 ? 9  DG  A C6    1 
ATOM   166 O O6    . DG  A 1 9  ? 1.375   -0.915  0.617   1.00 31.53 ? 9  DG  A O6    1 
ATOM   167 N N1    . DG  A 1 9  ? -0.377  -0.591  2.011   1.00 26.78 ? 9  DG  A N1    1 
ATOM   168 C C2    . DG  A 1 9  ? -1.437  -1.023  2.771   1.00 25.41 ? 9  DG  A C2    1 
ATOM   169 N N2    . DG  A 1 9  ? -2.125  -0.086  3.416   1.00 26.38 ? 9  DG  A N2    1 
ATOM   170 N N3    . DG  A 1 9  ? -1.812  -2.279  2.867   1.00 25.58 ? 9  DG  A N3    1 
ATOM   171 C C4    . DG  A 1 9  ? -1.017  -3.089  2.146   1.00 23.03 ? 9  DG  A C4    1 
ATOM   172 P P     . DG  A 1 10 ? -5.862  -7.048  2.970   1.00 41.87 ? 10 DG  A P     1 
ATOM   173 O OP1   . DG  A 1 10 ? -6.795  -7.636  3.948   1.00 44.94 ? 10 DG  A OP1   1 
ATOM   174 O OP2   . DG  A 1 10 ? -5.666  -7.688  1.660   1.00 44.46 ? 10 DG  A OP2   1 
ATOM   175 O "O5'" . DG  A 1 10 ? -6.319  -5.546  2.706   1.00 41.78 ? 10 DG  A "O5'" 1 
ATOM   176 C "C5'" . DG  A 1 10 ? -6.333  -4.589  3.737   1.00 37.31 ? 10 DG  A "C5'" 1 
ATOM   177 C "C4'" . DG  A 1 10 ? -6.807  -3.258  3.190   1.00 37.37 ? 10 DG  A "C4'" 1 
ATOM   178 O "O4'" . DG  A 1 10 ? -5.687  -2.525  2.652   1.00 36.74 ? 10 DG  A "O4'" 1 
ATOM   179 C "C3'" . DG  A 1 10 ? -7.818  -3.333  2.045   1.00 41.03 ? 10 DG  A "C3'" 1 
ATOM   180 O "O3'" . DG  A 1 10 ? -8.774  -2.303  2.205   1.00 45.85 ? 10 DG  A "O3'" 1 
ATOM   181 C "C2'" . DG  A 1 10 ? -6.969  -3.072  0.807   1.00 36.56 ? 10 DG  A "C2'" 1 
ATOM   182 C "C1'" . DG  A 1 10 ? -6.029  -2.028  1.367   1.00 34.14 ? 10 DG  A "C1'" 1 
ATOM   183 N N9    . DG  A 1 10 ? -4.789  -1.883  0.621   1.00 29.74 ? 10 DG  A N9    1 
ATOM   184 C C8    . DG  A 1 10 ? -4.021  -2.890  0.118   1.00 28.80 ? 10 DG  A C8    1 
ATOM   185 N N7    . DG  A 1 10 ? -2.942  -2.466  -0.453  1.00 28.31 ? 10 DG  A N7    1 
ATOM   186 C C5    . DG  A 1 10 ? -2.990  -1.092  -0.311  1.00 29.02 ? 10 DG  A C5    1 
ATOM   187 C C6    . DG  A 1 10 ? -2.084  -0.098  -0.736  1.00 29.17 ? 10 DG  A C6    1 
ATOM   188 O O6    . DG  A 1 10 ? -0.985  -0.225  -1.314  1.00 32.09 ? 10 DG  A O6    1 
ATOM   189 N N1    . DG  A 1 10 ? -2.515  1.168   -0.375  1.00 32.03 ? 10 DG  A N1    1 
ATOM   190 C C2    . DG  A 1 10 ? -3.667  1.443   0.317   1.00 32.00 ? 10 DG  A C2    1 
ATOM   191 N N2    . DG  A 1 10 ? -3.914  2.739   0.558   1.00 34.37 ? 10 DG  A N2    1 
ATOM   192 N N3    . DG  A 1 10 ? -4.530  0.521   0.702   1.00 31.59 ? 10 DG  A N3    1 
ATOM   193 C C4    . DG  A 1 10 ? -4.117  -0.721  0.366   1.00 30.05 ? 10 DG  A C4    1 
ATOM   194 P P     . DT  A 1 11 ? -10.276 -2.519  1.754   1.00 50.55 ? 11 DT  A P     1 
ATOM   195 O OP1   . DT  A 1 11 ? -10.294 -3.023  0.367   1.00 50.58 ? 11 DT  A OP1   1 
ATOM   196 O OP2   . DT  A 1 11 ? -11.011 -1.286  2.099   1.00 50.19 ? 11 DT  A OP2   1 
ATOM   197 O "O5'" . DT  A 1 11 ? -10.732 -3.715  2.705   1.00 51.72 ? 11 DT  A "O5'" 1 
ATOM   198 C "C5'" . DT  A 1 11 ? -11.157 -3.445  4.036   1.00 55.64 ? 11 DT  A "C5'" 1 
ATOM   199 C "C4'" . DT  A 1 11 ? -12.379 -4.272  4.415   1.00 58.24 ? 11 DT  A "C4'" 1 
ATOM   200 O "O4'" . DT  A 1 11 ? -13.597 -3.571  4.037   1.00 61.48 ? 11 DT  A "O4'" 1 
ATOM   201 C "C3'" . DT  A 1 11 ? -12.472 -5.666  3.781   1.00 59.29 ? 11 DT  A "C3'" 1 
ATOM   202 O "O3'" . DT  A 1 11 ? -13.005 -6.610  4.734   1.00 60.47 ? 11 DT  A "O3'" 1 
ATOM   203 C "C2'" . DT  A 1 11 ? -13.470 -5.427  2.648   1.00 61.42 ? 11 DT  A "C2'" 1 
ATOM   204 C "C1'" . DT  A 1 11 ? -14.433 -4.492  3.371   1.00 63.13 ? 11 DT  A "C1'" 1 
ATOM   205 N N1    . DT  A 1 11 ? -15.470 -3.784  2.526   0.50 65.66 ? 11 DT  A N1    1 
ATOM   206 C C2    . DT  A 1 11 ? -15.116 -3.073  1.392   0.50 66.37 ? 11 DT  A C2    1 
ATOM   207 O O2    . DT  A 1 11 ? -13.975 -2.958  0.987   0.50 64.51 ? 11 DT  A O2    1 
ATOM   208 N N3    . DT  A 1 11 ? -16.167 -2.492  0.732   0.50 69.13 ? 11 DT  A N3    1 
ATOM   209 C C4    . DT  A 1 11 ? -17.505 -2.542  1.074   0.50 71.23 ? 11 DT  A C4    1 
ATOM   210 O O4    . DT  A 1 11 ? -18.373 -1.982  0.409   0.50 74.62 ? 11 DT  A O4    1 
ATOM   211 C C5    . DT  A 1 11 ? -17.809 -3.296  2.264   0.50 69.74 ? 11 DT  A C5    1 
ATOM   212 C C7    . DT  A 1 11 ? -19.228 -3.423  2.736   0.50 71.04 ? 11 DT  A C7    1 
ATOM   213 C C6    . DT  A 1 11 ? -16.793 -3.873  2.920   0.50 66.95 ? 11 DT  A C6    1 
ATOM   214 P P     . DT  A 1 12 ? -12.087 -7.537  5.677   1.00 60.75 ? 12 DT  A P     1 
ATOM   215 O OP1   . DT  A 1 12 ? -10.661 -7.363  5.316   1.00 60.36 ? 12 DT  A OP1   1 
ATOM   216 O OP2   . DT  A 1 12 ? -12.692 -8.888  5.693   1.00 60.76 ? 12 DT  A OP2   1 
ATOM   217 O "O5'" . DT  A 1 12 ? -12.287 -6.870  7.101   1.00 59.47 ? 12 DT  A "O5'" 1 
ATOM   218 C "C5'" . DT  A 1 12 ? -11.724 -5.618  7.359   1.00 57.67 ? 12 DT  A "C5'" 1 
ATOM   219 C "C4'" . DT  A 1 12 ? -12.144 -5.170  8.731   1.00 59.53 ? 12 DT  A "C4'" 1 
ATOM   220 O "O4'" . DT  A 1 12 ? -12.297 -6.331  9.586   1.00 60.52 ? 12 DT  A "O4'" 1 
ATOM   221 C "C3'" . DT  A 1 12 ? -11.137 -4.291  9.425   1.00 60.42 ? 12 DT  A "C3'" 1 
ATOM   222 O "O3'" . DT  A 1 12 ? -11.821 -3.390  10.263  1.00 64.24 ? 12 DT  A "O3'" 1 
ATOM   223 C "C2'" . DT  A 1 12 ? -10.266 -5.279  10.198  1.00 59.11 ? 12 DT  A "C2'" 1 
ATOM   224 C "C1'" . DT  A 1 12 ? -11.240 -6.398  10.527  1.00 58.18 ? 12 DT  A "C1'" 1 
ATOM   225 N N1    . DT  A 1 12 ? -10.638 -7.780  10.511  1.00 56.45 ? 12 DT  A N1    1 
ATOM   226 C C2    . DT  A 1 12 ? -10.351 -8.382  11.708  1.00 56.72 ? 12 DT  A C2    1 
ATOM   227 O O2    . DT  A 1 12 ? -10.541 -7.842  12.775  1.00 60.93 ? 12 DT  A O2    1 
ATOM   228 N N3    . DT  A 1 12 ? -9.820  -9.640  11.619  1.00 55.27 ? 12 DT  A N3    1 
ATOM   229 C C4    . DT  A 1 12 ? -9.569  -10.356 10.476  1.00 54.87 ? 12 DT  A C4    1 
ATOM   230 O O4    . DT  A 1 12 ? -9.092  -11.485 10.504  1.00 56.21 ? 12 DT  A O4    1 
ATOM   231 C C5    . DT  A 1 12 ? -9.886  -9.674  9.247   1.00 54.10 ? 12 DT  A C5    1 
ATOM   232 C C7    . DT  A 1 12 ? -9.644  -10.356 7.933   1.00 55.74 ? 12 DT  A C7    1 
ATOM   233 C C6    . DT  A 1 12 ? -10.396 -8.434  9.319   1.00 54.29 ? 12 DT  A C6    1 
ATOM   234 P P     . DA  A 1 13 ? -11.898 -1.878  9.785   1.00 65.59 ? 13 DA  A P     1 
ATOM   235 O OP1   . DA  A 1 13 ? -12.746 -1.128  10.735  1.00 68.50 ? 13 DA  A OP1   1 
ATOM   236 O OP2   . DA  A 1 13 ? -12.234 -1.883  8.346   1.00 66.26 ? 13 DA  A OP2   1 
ATOM   237 O "O5'" . DA  A 1 13 ? -10.372 -1.421  9.930   1.00 62.98 ? 13 DA  A "O5'" 1 
ATOM   238 C "C5'" . DA  A 1 13 ? -9.857  -1.079  11.205  1.00 61.38 ? 13 DA  A "C5'" 1 
ATOM   239 C "C4'" . DA  A 1 13 ? -8.538  -1.771  11.528  1.00 57.02 ? 13 DA  A "C4'" 1 
ATOM   240 O "O4'" . DA  A 1 13 ? -8.628  -3.211  11.527  1.00 53.18 ? 13 DA  A "O4'" 1 
ATOM   241 C "C3'" . DA  A 1 13 ? -7.328  -1.454  10.649  1.00 55.76 ? 13 DA  A "C3'" 1 
ATOM   242 O "O3'" . DA  A 1 13 ? -6.487  -0.549  11.359  1.00 57.89 ? 13 DA  A "O3'" 1 
ATOM   243 C "C2'" . DA  A 1 13 ? -6.640  -2.822  10.489  1.00 52.22 ? 13 DA  A "C2'" 1 
ATOM   244 C "C1'" . DA  A 1 13 ? -7.292  -3.589  11.632  1.00 50.42 ? 13 DA  A "C1'" 1 
ATOM   245 N N9    . DA  A 1 13 ? -7.114  -5.040  11.647  1.00 48.05 ? 13 DA  A N9    1 
ATOM   246 C C8    . DA  A 1 13 ? -6.833  -5.862  10.594  1.00 46.14 ? 13 DA  A C8    1 
ATOM   247 N N7    . DA  A 1 13 ? -6.653  -7.120  10.938  1.00 46.99 ? 13 DA  A N7    1 
ATOM   248 C C5    . DA  A 1 13 ? -6.804  -7.119  12.314  1.00 46.62 ? 13 DA  A C5    1 
ATOM   249 C C6    . DA  A 1 13 ? -6.739  -8.140  13.287  1.00 47.62 ? 13 DA  A C6    1 
ATOM   250 N N6    . DA  A 1 13 ? -6.490  -9.419  13.005  1.00 47.28 ? 13 DA  A N6    1 
ATOM   251 N N1    . DA  A 1 13 ? -6.935  -7.795  14.576  1.00 49.48 ? 13 DA  A N1    1 
ATOM   252 C C2    . DA  A 1 13 ? -7.176  -6.514  14.868  1.00 50.82 ? 13 DA  A C2    1 
ATOM   253 N N3    . DA  A 1 13 ? -7.268  -5.470  14.046  1.00 51.46 ? 13 DA  A N3    1 
ATOM   254 C C4    . DA  A 1 13 ? -7.075  -5.843  12.768  1.00 49.01 ? 13 DA  A C4    1 
ATOM   255 P P     . DG  A 1 14 ? -6.250  0.932   10.817  1.00 57.83 ? 14 DG  A P     1 
ATOM   256 O OP1   . DG  A 1 14 ? -5.515  1.693   11.852  1.00 61.06 ? 14 DG  A OP1   1 
ATOM   257 O OP2   . DG  A 1 14 ? -7.531  1.452   10.288  1.00 57.67 ? 14 DG  A OP2   1 
ATOM   258 O "O5'" . DG  A 1 14 ? -5.238  0.651   9.613   1.00 53.76 ? 14 DG  A "O5'" 1 
ATOM   259 C "C5'" . DG  A 1 14 ? -3.832  0.759   9.822   1.00 48.74 ? 14 DG  A "C5'" 1 
ATOM   260 C "C4'" . DG  A 1 14 ? -3.340  1.977   9.088   1.00 45.60 ? 14 DG  A "C4'" 1 
ATOM   261 O "O4'" . DG  A 1 14 ? -2.020  1.735   8.560   1.00 41.59 ? 14 DG  A "O4'" 1 
ATOM   262 C "C3'" . DG  A 1 14 ? -4.198  2.322   7.880   1.00 45.73 ? 14 DG  A "C3'" 1 
ATOM   263 O "O3'" . DG  A 1 14 ? -4.354  3.698   7.791   1.00 53.36 ? 14 DG  A "O3'" 1 
ATOM   264 C "C2'" . DG  A 1 14 ? -3.379  1.824   6.715   1.00 38.63 ? 14 DG  A "C2'" 1 
ATOM   265 C "C1'" . DG  A 1 14 ? -2.020  2.212   7.236   1.00 37.43 ? 14 DG  A "C1'" 1 
ATOM   266 N N9    . DG  A 1 14 ? -0.935  1.601   6.496   1.00 31.43 ? 14 DG  A N9    1 
ATOM   267 C C8    . DG  A 1 14 ? -0.751  0.278   6.253   1.00 29.40 ? 14 DG  A C8    1 
ATOM   268 N N7    . DG  A 1 14 ? 0.315   0.036   5.572   1.00 27.88 ? 14 DG  A N7    1 
ATOM   269 C C5    . DG  A 1 14 ? 0.831   1.287   5.299   1.00 28.72 ? 14 DG  A C5    1 
ATOM   270 C C6    . DG  A 1 14 ? 1.954   1.660   4.545   1.00 27.86 ? 14 DG  A C6    1 
ATOM   271 O O6    . DG  A 1 14 ? 2.770   0.922   3.996   1.00 33.54 ? 14 DG  A O6    1 
ATOM   272 N N1    . DG  A 1 14 ? 2.160   3.030   4.544   1.00 30.12 ? 14 DG  A N1    1 
ATOM   273 C C2    . DG  A 1 14 ? 1.338   3.937   5.161   1.00 32.36 ? 14 DG  A C2    1 
ATOM   274 N N2    . DG  A 1 14 ? 1.652   5.234   5.024   1.00 34.59 ? 14 DG  A N2    1 
ATOM   275 N N3    . DG  A 1 14 ? 0.257   3.595   5.831   1.00 33.16 ? 14 DG  A N3    1 
ATOM   276 C C4    . DG  A 1 14 ? 0.079   2.260   5.867   1.00 31.08 ? 14 DG  A C4    1 
ATOM   277 P P     . DG  A 1 15 ? -5.803  4.252   7.516   1.00 62.66 ? 15 DG  A P     1 
ATOM   278 O OP1   . DG  A 1 15 ? -6.425  4.501   8.835   1.00 69.47 ? 15 DG  A OP1   1 
ATOM   279 O OP2   . DG  A 1 15 ? -6.458  3.374   6.516   1.00 63.56 ? 15 DG  A OP2   1 
ATOM   280 O "O5'" . DG  A 1 15 ? -5.499  5.625   6.797   1.00 58.07 ? 15 DG  A "O5'" 1 
ATOM   281 C "C5'" . DG  A 1 15 ? -5.254  5.599   5.425   1.00 53.96 ? 15 DG  A "C5'" 1 
ATOM   282 C "C4'" . DG  A 1 15 ? -4.403  6.778   5.043   1.00 50.51 ? 15 DG  A "C4'" 1 
ATOM   283 O "O4'" . DG  A 1 15 ? -3.012  6.438   5.219   1.00 49.75 ? 15 DG  A "O4'" 1 
ATOM   284 C "C3'" . DG  A 1 15 ? -4.577  7.177   3.600   1.00 49.24 ? 15 DG  A "C3'" 1 
ATOM   285 O "O3'" . DG  A 1 15 ? -5.438  8.292   3.547   1.00 51.04 ? 15 DG  A "O3'" 1 
ATOM   286 C "C2'" . DG  A 1 15 ? -3.171  7.526   3.122   1.00 45.85 ? 15 DG  A "C2'" 1 
ATOM   287 C "C1'" . DG  A 1 15 ? -2.290  6.696   4.036   1.00 44.43 ? 15 DG  A "C1'" 1 
ATOM   288 N N9    . DG  A 1 15 ? -1.844  5.426   3.484   1.00 41.08 ? 15 DG  A N9    1 
ATOM   289 C C8    . DG  A 1 15 ? -2.346  4.178   3.750   1.00 39.92 ? 15 DG  A C8    1 
ATOM   290 N N7    . DG  A 1 15 ? -1.695  3.227   3.151   1.00 38.00 ? 15 DG  A N7    1 
ATOM   291 C C5    . DG  A 1 15 ? -0.697  3.886   2.460   1.00 36.71 ? 15 DG  A C5    1 
ATOM   292 C C6    . DG  A 1 15 ? 0.325   3.377   1.635   1.00 36.85 ? 15 DG  A C6    1 
ATOM   293 O O6    . DG  A 1 15 ? 0.547   2.198   1.346   1.00 36.10 ? 15 DG  A O6    1 
ATOM   294 N N1    . DG  A 1 15 ? 1.134   4.389   1.123   1.00 36.26 ? 15 DG  A N1    1 
ATOM   295 C C2    . DG  A 1 15 ? 0.962   5.728   1.375   1.00 36.32 ? 15 DG  A C2    1 
ATOM   296 N N2    . DG  A 1 15 ? 1.827   6.573   0.799   1.00 36.95 ? 15 DG  A N2    1 
ATOM   297 N N3    . DG  A 1 15 ? 0.013   6.208   2.155   1.00 36.72 ? 15 DG  A N3    1 
ATOM   298 C C4    . DG  A 1 15 ? -0.771  5.234   2.659   1.00 36.73 ? 15 DG  A C4    1 
ATOM   299 P P     . DG  A 1 16 ? -6.446  8.417   2.330   1.00 52.18 ? 16 DG  A P     1 
ATOM   300 O OP1   . DG  A 1 16 ? -7.524  9.350   2.717   1.00 55.31 ? 16 DG  A OP1   1 
ATOM   301 O OP2   . DG  A 1 16 ? -6.795  7.050   1.879   1.00 53.72 ? 16 DG  A OP2   1 
ATOM   302 O "O5'" . DG  A 1 16 ? -5.532  9.086   1.203   1.00 49.37 ? 16 DG  A "O5'" 1 
ATOM   303 C "C5'" . DG  A 1 16 ? -4.469  9.955   1.548   1.00 49.64 ? 16 DG  A "C5'" 1 
ATOM   304 C "C4'" . DG  A 1 16 ? -3.662  10.312  0.318   1.00 49.54 ? 16 DG  A "C4'" 1 
ATOM   305 O "O4'" . DG  A 1 16 ? -2.620  9.327   0.110   1.00 49.35 ? 16 DG  A "O4'" 1 
ATOM   306 C "C3'" . DG  A 1 16 ? -4.452  10.359  -0.982  1.00 50.50 ? 16 DG  A "C3'" 1 
ATOM   307 O "O3'" . DG  A 1 16 ? -3.943  11.417  -1.790  1.00 55.07 ? 16 DG  A "O3'" 1 
ATOM   308 C "C2'" . DG  A 1 16 ? -4.182  8.986   -1.596  1.00 48.00 ? 16 DG  A "C2'" 1 
ATOM   309 C "C1'" . DG  A 1 16 ? -2.743  8.743   -1.170  1.00 45.60 ? 16 DG  A "C1'" 1 
ATOM   310 N N9    . DG  A 1 16 ? -2.383  7.330   -1.048  1.00 42.73 ? 16 DG  A N9    1 
ATOM   311 C C8    . DG  A 1 16 ? -3.033  6.378   -0.311  1.00 39.89 ? 16 DG  A C8    1 
ATOM   312 N N7    . DG  A 1 16 ? -2.484  5.204   -0.379  1.00 39.86 ? 16 DG  A N7    1 
ATOM   313 C C5    . DG  A 1 16 ? -1.384  5.390   -1.196  1.00 39.26 ? 16 DG  A C5    1 
ATOM   314 C C6    . DG  A 1 16 ? -0.406  4.471   -1.620  1.00 38.61 ? 16 DG  A C6    1 
ATOM   315 O O6    . DG  A 1 16 ? -0.305  3.273   -1.342  1.00 36.34 ? 16 DG  A O6    1 
ATOM   316 N N1    . DG  A 1 16 ? 0.533   5.065   -2.451  1.00 41.19 ? 16 DG  A N1    1 
ATOM   317 C C2    . DG  A 1 16 ? 0.527   6.382   -2.824  1.00 41.28 ? 16 DG  A C2    1 
ATOM   318 N N2    . DG  A 1 16 ? 1.517   6.778   -3.634  1.00 44.45 ? 16 DG  A N2    1 
ATOM   319 N N3    . DG  A 1 16 ? -0.385  7.252   -2.430  1.00 41.31 ? 16 DG  A N3    1 
ATOM   320 C C4    . DG  A 1 16 ? -1.302  6.691   -1.615  1.00 40.30 ? 16 DG  A C4    1 
ATOM   321 P P     . DT  A 1 17 ? -4.924  12.339  -2.652  1.00 57.73 ? 17 DT  A P     1 
ATOM   322 O OP1   . DT  A 1 17 ? -6.273  11.729  -2.600  1.00 57.18 ? 17 DT  A OP1   1 
ATOM   323 O OP2   . DT  A 1 17 ? -4.275  12.581  -3.961  1.00 57.43 ? 17 DT  A OP2   1 
ATOM   324 O "O5'" . DT  A 1 17 ? -4.932  13.727  -1.853  0.10 58.53 ? 17 DT  A "O5'" 1 
ATOM   325 C "C5'" . DT  A 1 17 ? -5.474  13.808  -0.537  0.10 59.04 ? 17 DT  A "C5'" 1 
ATOM   326 C "C4'" . DT  A 1 17 ? -4.766  14.888  0.262   0.10 61.35 ? 17 DT  A "C4'" 1 
ATOM   327 O "O4'" . DT  A 1 17 ? -5.224  14.853  1.635   0.10 62.69 ? 17 DT  A "O4'" 1 
ATOM   328 C "C3'" . DT  A 1 17 ? -3.255  14.736  0.338   0.10 62.06 ? 17 DT  A "C3'" 1 
ATOM   329 O "O3'" . DT  A 1 17 ? -2.652  15.406  -0.760  0.10 63.50 ? 17 DT  A "O3'" 1 
ATOM   330 C "C2'" . DT  A 1 17 ? -2.919  15.423  1.658   0.10 65.38 ? 17 DT  A "C2'" 1 
ATOM   331 C "C1'" . DT  A 1 17 ? -4.148  15.122  2.514   0.10 64.77 ? 17 DT  A "C1'" 1 
ATOM   332 N N1    . DT  A 1 17 ? -3.979  13.951  3.415   0.50 63.72 ? 17 DT  A N1    1 
ATOM   333 C C2    . DT  A 1 17 ? -4.906  12.938  3.374   0.50 61.07 ? 17 DT  A C2    1 
ATOM   334 O O2    . DT  A 1 17 ? -5.864  12.947  2.624   0.50 59.44 ? 17 DT  A O2    1 
ATOM   335 N N3    . DT  A 1 17 ? -4.667  11.904  4.245   0.50 61.63 ? 17 DT  A N3    1 
ATOM   336 C C4    . DT  A 1 17 ? -3.614  11.788  5.135   0.50 63.48 ? 17 DT  A C4    1 
ATOM   337 O O4    . DT  A 1 17 ? -3.488  10.822  5.880   0.50 62.89 ? 17 DT  A O4    1 
ATOM   338 C C5    . DT  A 1 17 ? -2.680  12.890  5.130   0.50 66.47 ? 17 DT  A C5    1 
ATOM   339 C C7    . DT  A 1 17 ? -1.495  12.879  6.050   0.50 69.97 ? 17 DT  A C7    1 
ATOM   340 C C6    . DT  A 1 17 ? -2.904  13.905  4.282   0.50 66.54 ? 17 DT  A C6    1 
ATOM   341 P P     . DT  A 1 18 ? -3.211  16.831  -1.227  0.10 66.17 ? 18 DT  A P     1 
ATOM   342 O OP1   . DT  A 1 18 ? -4.437  17.116  -0.449  0.10 65.81 ? 18 DT  A OP1   1 
ATOM   343 O OP2   . DT  A 1 18 ? -3.257  16.840  -2.706  0.10 65.71 ? 18 DT  A OP2   1 
ATOM   344 O "O5'" . DT  A 1 18 ? -2.070  17.840  -0.738  0.10 71.58 ? 18 DT  A "O5'" 1 
ATOM   345 C "C5'" . DT  A 1 18 ? -2.415  18.982  0.039   0.10 75.78 ? 18 DT  A "C5'" 1 
ATOM   346 C "C4'" . DT  A 1 18 ? -1.351  19.267  1.085   0.10 80.75 ? 18 DT  A "C4'" 1 
ATOM   347 O "O4'" . DT  A 1 18 ? -1.905  20.135  2.107   0.10 84.32 ? 18 DT  A "O4'" 1 
ATOM   348 C "C3'" . DT  A 1 18 ? -0.819  18.035  1.814   0.10 78.94 ? 18 DT  A "C3'" 1 
ATOM   349 O "O3'" . DT  A 1 18 ? 0.421   17.633  1.244   0.10 80.54 ? 18 DT  A "O3'" 1 
ATOM   350 C "C2'" . DT  A 1 18 ? -0.641  18.529  3.247   0.10 83.50 ? 18 DT  A "C2'" 1 
ATOM   351 C "C1'" . DT  A 1 18 ? -1.793  19.518  3.371   0.10 84.55 ? 18 DT  A "C1'" 1 
ATOM   352 N N1    . DT  A 1 18 ? -3.097  18.876  3.696   0.10 80.11 ? 18 DT  A N1    1 
ATOM   353 C C2    . DT  A 1 18 ? -3.538  18.862  5.000   0.10 82.58 ? 18 DT  A C2    1 
ATOM   354 O O2    . DT  A 1 18 ? -2.911  19.350  5.923   0.10 87.97 ? 18 DT  A O2    1 
ATOM   355 N N3    . DT  A 1 18 ? -4.749  18.247  5.187   0.10 79.62 ? 18 DT  A N3    1 
ATOM   356 C C4    . DT  A 1 18 ? -5.545  17.660  4.221   0.10 74.76 ? 18 DT  A C4    1 
ATOM   357 O O4    . DT  A 1 18 ? -6.620  17.132  4.488   0.10 73.74 ? 18 DT  A O4    1 
ATOM   358 C C5    . DT  A 1 18 ? -5.024  17.712  2.876   0.10 72.12 ? 18 DT  A C5    1 
ATOM   359 C C7    . DT  A 1 18 ? -5.799  17.108  1.743   0.10 68.02 ? 18 DT  A C7    1 
ATOM   360 C C6    . DT  A 1 18 ? -3.841  18.310  2.682   0.10 74.79 ? 18 DT  A C6    1 
ATOM   361 P P     . DA  A 1 19 ? 1.061   16.215  1.625   0.10 72.59 ? 19 DA  A P     1 
ATOM   362 O OP1   . DA  A 1 19 ? 2.455   16.449  2.065   0.10 72.38 ? 19 DA  A OP1   1 
ATOM   363 O OP2   . DA  A 1 19 ? 0.786   15.280  0.513   0.10 71.78 ? 19 DA  A OP2   1 
ATOM   364 O "O5'" . DA  A 1 19 ? 0.210   15.766  2.904   0.10 71.68 ? 19 DA  A "O5'" 1 
ATOM   365 C "C5'" . DA  A 1 19 ? 0.284   14.424  3.378   0.10 69.65 ? 19 DA  A "C5'" 1 
ATOM   366 C "C4'" . DA  A 1 19 ? 0.874   14.377  4.776   0.10 69.92 ? 19 DA  A "C4'" 1 
ATOM   367 O "O4'" . DA  A 1 19 ? -0.056  14.960  5.711   0.10 72.44 ? 19 DA  A "O4'" 1 
ATOM   368 C "C3'" . DA  A 1 19 ? 1.137   12.982  5.322   0.10 68.36 ? 19 DA  A "C3'" 1 
ATOM   369 O "O3'" . DA  A 1 19 ? 2.456   12.573  4.968   1.00 67.26 ? 19 DA  A "O3'" 1 
ATOM   370 C "C2'" . DA  A 1 19 ? 0.994   13.159  6.839   0.10 70.72 ? 19 DA  A "C2'" 1 
ATOM   371 C "C1'" . DA  A 1 19 ? 0.261   14.493  7.004   0.10 73.06 ? 19 DA  A "C1'" 1 
ATOM   372 N N9    . DA  A 1 19 ? -0.977  14.389  7.774   0.50 75.58 ? 19 DA  A N9    1 
ATOM   373 C C8    . DA  A 1 19 ? -2.252  14.422  7.286   0.50 76.91 ? 19 DA  A C8    1 
ATOM   374 N N7    . DA  A 1 19 ? -3.176  14.304  8.210   0.50 80.19 ? 19 DA  A N7    1 
ATOM   375 C C5    . DA  A 1 19 ? -2.457  14.189  9.388   0.50 80.73 ? 19 DA  A C5    1 
ATOM   376 C C6    . DA  A 1 19 ? -2.855  14.034  10.731  0.50 84.56 ? 19 DA  A C6    1 
ATOM   377 N N6    . DA  A 1 19 ? -4.133  13.968  11.119  0.50 88.49 ? 19 DA  A N6    1 
ATOM   378 N N1    . DA  A 1 19 ? -1.885  13.948  11.663  0.50 85.40 ? 19 DA  A N1    1 
ATOM   379 C C2    . DA  A 1 19 ? -0.609  14.016  11.271  0.50 82.72 ? 19 DA  A C2    1 
ATOM   380 N N3    . DA  A 1 19 ? -0.114  14.159  10.043  0.50 79.17 ? 19 DA  A N3    1 
ATOM   381 C C4    . DA  A 1 19 ? -1.100  14.240  9.138   0.50 78.09 ? 19 DA  A C4    1 
ATOM   382 P P     . DG  A 1 20 ? 2.843   11.021  4.859   1.00 64.94 ? 20 DG  A P     1 
ATOM   383 O OP1   . DG  A 1 20 ? 2.135   10.445  3.691   1.00 62.22 ? 20 DG  A OP1   1 
ATOM   384 O OP2   . DG  A 1 20 ? 2.666   10.415  6.198   1.00 67.14 ? 20 DG  A OP2   1 
ATOM   385 O "O5'" . DG  A 1 20 ? 4.418   11.045  4.561   1.00 62.87 ? 20 DG  A "O5'" 1 
ATOM   386 C "C5'" . DG  A 1 20 ? 4.997   12.060  3.747   1.00 60.88 ? 20 DG  A "C5'" 1 
ATOM   387 C "C4'" . DG  A 1 20 ? 5.916   11.477  2.682   1.00 56.93 ? 20 DG  A "C4'" 1 
ATOM   388 O "O4'" . DG  A 1 20 ? 6.147   10.061  2.917   1.00 54.46 ? 20 DG  A "O4'" 1 
ATOM   389 C "C3'" . DG  A 1 20 ? 5.395   11.601  1.255   1.00 56.01 ? 20 DG  A "C3'" 1 
ATOM   390 O "O3'" . DG  A 1 20 ? 6.434   12.053  0.405   1.00 58.96 ? 20 DG  A "O3'" 1 
ATOM   391 C "C2'" . DG  A 1 20 ? 4.935   10.188  0.907   1.00 51.72 ? 20 DG  A "C2'" 1 
ATOM   392 C "C1'" . DG  A 1 20 ? 5.879   9.333   1.737   1.00 50.09 ? 20 DG  A "C1'" 1 
ATOM   393 N N9    . DG  A 1 20 ? 5.314   8.040   2.102   1.00 45.26 ? 20 DG  A N9    1 
ATOM   394 C C8    . DG  A 1 20 ? 4.232   7.806   2.913   1.00 45.61 ? 20 DG  A C8    1 
ATOM   395 N N7    . DG  A 1 20 ? 3.956   6.540   3.058   1.00 44.45 ? 20 DG  A N7    1 
ATOM   396 C C5    . DG  A 1 20 ? 4.923   5.895   2.300   1.00 41.53 ? 20 DG  A C5    1 
ATOM   397 C C6    . DG  A 1 20 ? 5.129   4.525   2.063   1.00 40.14 ? 20 DG  A C6    1 
ATOM   398 O O6    . DG  A 1 20 ? 4.485   3.568   2.502   1.00 43.16 ? 20 DG  A O6    1 
ATOM   399 N N1    . DG  A 1 20 ? 6.217   4.287   1.233   1.00 38.96 ? 20 DG  A N1    1 
ATOM   400 C C2    . DG  A 1 20 ? 7.003   5.263   0.675   1.00 42.05 ? 20 DG  A C2    1 
ATOM   401 N N2    . DG  A 1 20 ? 8.012   4.845   -0.109  1.00 42.50 ? 20 DG  A N2    1 
ATOM   402 N N3    . DG  A 1 20 ? 6.812   6.559   0.874   1.00 44.21 ? 20 DG  A N3    1 
ATOM   403 C C4    . DG  A 1 20 ? 5.758   6.803   1.698   1.00 43.57 ? 20 DG  A C4    1 
ATOM   404 P P     . DG  A 1 21 ? 6.337   11.862  -1.176  1.00 59.65 ? 21 DG  A P     1 
ATOM   405 O OP1   . DG  A 1 21 ? 7.253   12.832  -1.803  1.00 65.14 ? 21 DG  A OP1   1 
ATOM   406 O OP2   . DG  A 1 21 ? 4.906   11.841  -1.556  1.00 59.29 ? 21 DG  A OP2   1 
ATOM   407 O "O5'" . DG  A 1 21 ? 6.927   10.396  -1.375  1.00 56.96 ? 21 DG  A "O5'" 1 
ATOM   408 C "C5'" . DG  A 1 21 ? 8.097   10.205  -2.129  1.00 58.99 ? 21 DG  A "C5'" 1 
ATOM   409 C "C4'" . DG  A 1 21 ? 7.885   9.121   -3.165  1.00 57.50 ? 21 DG  A "C4'" 1 
ATOM   410 O "O4'" . DG  A 1 21 ? 7.323   7.942   -2.542  1.00 52.94 ? 21 DG  A "O4'" 1 
ATOM   411 C "C3'" . DG  A 1 21 ? 6.954   9.484   -4.320  1.00 60.00 ? 21 DG  A "C3'" 1 
ATOM   412 O "O3'" . DG  A 1 21 ? 7.616   9.150   -5.538  1.00 63.08 ? 21 DG  A "O3'" 1 
ATOM   413 C "C2'" . DG  A 1 21 ? 5.709   8.626   -4.068  1.00 56.14 ? 21 DG  A "C2'" 1 
ATOM   414 C "C1'" . DG  A 1 21 ? 6.326   7.413   -3.389  1.00 52.03 ? 21 DG  A "C1'" 1 
ATOM   415 N N9    . DG  A 1 21 ? 5.415   6.644   -2.552  1.00 49.06 ? 21 DG  A N9    1 
ATOM   416 C C8    . DG  A 1 21 ? 4.528   7.138   -1.630  1.00 50.11 ? 21 DG  A C8    1 
ATOM   417 N N7    . DG  A 1 21 ? 3.873   6.210   -0.991  1.00 49.23 ? 21 DG  A N7    1 
ATOM   418 C C5    . DG  A 1 21 ? 4.372   5.021   -1.511  1.00 46.08 ? 21 DG  A C5    1 
ATOM   419 C C6    . DG  A 1 21 ? 4.054   3.678   -1.198  1.00 44.58 ? 21 DG  A C6    1 
ATOM   420 O O6    . DG  A 1 21 ? 3.237   3.239   -0.373  1.00 47.24 ? 21 DG  A O6    1 
ATOM   421 N N1    . DG  A 1 21 ? 4.783   2.783   -1.965  1.00 42.44 ? 21 DG  A N1    1 
ATOM   422 C C2    . DG  A 1 21 ? 5.721   3.124   -2.896  1.00 40.57 ? 21 DG  A C2    1 
ATOM   423 N N2    . DG  A 1 21 ? 6.316   2.104   -3.521  1.00 38.05 ? 21 DG  A N2    1 
ATOM   424 N N3    . DG  A 1 21 ? 6.042   4.373   -3.199  1.00 44.91 ? 21 DG  A N3    1 
ATOM   425 C C4    . DG  A 1 21 ? 5.325   5.271   -2.472  1.00 46.84 ? 21 DG  A C4    1 
ATOM   426 P P     . DG  A 1 22 ? 6.842   9.057   -6.931  1.00 65.50 ? 22 DG  A P     1 
ATOM   427 O OP1   . DG  A 1 22 ? 7.701   9.710   -7.940  1.00 72.29 ? 22 DG  A OP1   1 
ATOM   428 O OP2   . DG  A 1 22 ? 5.440   9.501   -6.745  1.00 65.15 ? 22 DG  A OP2   1 
ATOM   429 O "O5'" . DG  A 1 22 ? 6.827   7.487   -7.216  1.00 60.69 ? 22 DG  A "O5'" 1 
ATOM   430 C "C5'" . DG  A 1 22 ? 7.966   6.840   -7.767  1.00 58.30 ? 22 DG  A "C5'" 1 
ATOM   431 C "C4'" . DG  A 1 22 ? 7.589   5.481   -8.337  1.00 54.09 ? 22 DG  A "C4'" 1 
ATOM   432 O "O4'" . DG  A 1 22 ? 6.772   4.762   -7.384  1.00 48.79 ? 22 DG  A "O4'" 1 
ATOM   433 C "C3'" . DG  A 1 22 ? 6.762   5.506   -9.619  1.00 57.04 ? 22 DG  A "C3'" 1 
ATOM   434 O "O3'" . DG  A 1 22 ? 7.085   4.361   -10.403 1.00 55.80 ? 22 DG  A "O3'" 1 
ATOM   435 C "C2'" . DG  A 1 22 ? 5.331   5.434   -9.086  1.00 54.46 ? 22 DG  A "C2'" 1 
ATOM   436 C "C1'" . DG  A 1 22 ? 5.539   4.407   -7.989  1.00 48.04 ? 22 DG  A "C1'" 1 
ATOM   437 N N9    . DG  A 1 22 ? 4.519   4.333   -6.943  1.00 42.74 ? 22 DG  A N9    1 
ATOM   438 C C8    . DG  A 1 22 ? 3.923   5.361   -6.255  1.00 43.12 ? 22 DG  A C8    1 
ATOM   439 N N7    . DG  A 1 22 ? 3.089   4.951   -5.339  1.00 41.13 ? 22 DG  A N7    1 
ATOM   440 C C5    . DG  A 1 22 ? 3.165   3.565   -5.403  1.00 38.91 ? 22 DG  A C5    1 
ATOM   441 C C6    . DG  A 1 22 ? 2.504   2.562   -4.649  1.00 38.92 ? 22 DG  A C6    1 
ATOM   442 O O6    . DG  A 1 22 ? 1.680   2.694   -3.733  1.00 42.65 ? 22 DG  A O6    1 
ATOM   443 N N1    . DG  A 1 22 ? 2.863   1.287   -5.058  1.00 37.06 ? 22 DG  A N1    1 
ATOM   444 C C2    . DG  A 1 22 ? 3.765   1.003   -6.057  1.00 33.33 ? 22 DG  A C2    1 
ATOM   445 N N2    . DG  A 1 22 ? 3.997   -0.289  -6.318  1.00 29.22 ? 22 DG  A N2    1 
ATOM   446 N N3    . DG  A 1 22 ? 4.392   1.924   -6.754  1.00 35.52 ? 22 DG  A N3    1 
ATOM   447 C C4    . DG  A 1 22 ? 4.041   3.177   -6.383  1.00 38.47 ? 22 DG  A C4    1 
HETATM 448 K K     . K   B 2 .  ? 1.219   1.200   -1.573  1.00 31.35 ? 24 K   A K     1 
HETATM 449 K K     . K   C 2 .  ? 3.277   1.083   1.076   1.00 25.80 ? 25 K   A K     1 
HETATM 450 K K     . K   D 2 .  ? 5.525   0.847   3.668   0.50 18.66 ? 26 K   A K     1 
HETATM 451 C CAA   . R8G E 3 .  ? -10.117 1.279   3.461   1.00 61.03 ? 23 R8G A CAA   1 
HETATM 452 C CAB   . R8G E 3 .  ? 5.599   -5.155  -13.458 1.00 51.33 ? 23 R8G A CAB   1 
HETATM 453 C CAC   . R8G E 3 .  ? -2.742  8.857   -10.816 1.00 48.96 ? 23 R8G A CAC   1 
HETATM 454 C CAD   . R8G E 3 .  ? -0.628  -12.333 -2.248  1.00 60.27 ? 23 R8G A CAD   1 
HETATM 455 O OAE   . R8G E 3 .  ? 0.129   2.392   -6.174  1.00 35.63 ? 23 R8G A OAE   1 
HETATM 456 O OAF   . R8G E 3 .  ? -4.731  -3.786  -3.952  1.00 35.71 ? 23 R8G A OAF   1 
HETATM 457 O OAG   . R8G E 3 .  ? -3.350  2.868   -3.305  1.00 36.67 ? 23 R8G A OAG   1 
HETATM 458 O OAH   . R8G E 3 .  ? -1.253  -4.169  -6.847  1.00 37.81 ? 23 R8G A OAH   1 
HETATM 459 C CAI   . R8G E 3 .  ? -0.322  -0.231  -6.498  1.00 35.21 ? 23 R8G A CAI   1 
HETATM 460 C CAJ   . R8G E 3 .  ? -4.311  -1.132  -3.576  1.00 33.64 ? 23 R8G A CAJ   1 
HETATM 461 C CAK   . R8G E 3 .  ? -6.667  2.267   -1.830  1.00 45.03 ? 23 R8G A CAK   1 
HETATM 462 C CAL   . R8G E 3 .  ? 1.583   -2.094  -9.435  1.00 43.19 ? 23 R8G A CAL   1 
HETATM 463 C CAM   . R8G E 3 .  ? -1.299  4.820   -5.975  1.00 41.44 ? 23 R8G A CAM   1 
HETATM 464 C CAN   . R8G E 3 .  ? -2.305  -6.391  -4.824  1.00 46.59 ? 23 R8G A CAN   1 
HETATM 465 C CAO   . R8G E 3 .  ? -6.201  0.940   -2.466  1.00 41.97 ? 23 R8G A CAO   1 
HETATM 466 C CAP   . R8G E 3 .  ? 1.427   -1.803  -7.941  1.00 40.63 ? 23 R8G A CAP   1 
HETATM 467 C CAQ   . R8G E 3 .  ? -8.195  2.355   -1.731  1.00 51.47 ? 23 R8G A CAQ   1 
HETATM 468 C CAR   . R8G E 3 .  ? 1.680   -3.596  -9.721  1.00 45.45 ? 23 R8G A CAR   1 
HETATM 469 C CAS   . R8G E 3 .  ? -1.749  6.281   -5.902  1.00 44.89 ? 23 R8G A CAS   1 
HETATM 470 C CAT   . R8G E 3 .  ? -2.714  -7.860  -4.944  1.00 50.79 ? 23 R8G A CAT   1 
HETATM 471 C CAU   . R8G E 3 .  ? -8.279  1.529   1.938   1.00 59.85 ? 23 R8G A CAU   1 
HETATM 472 C CAV   . R8G E 3 .  ? -10.497 2.180   1.251   1.00 59.39 ? 23 R8G A CAV   1 
HETATM 473 C CAW   . R8G E 3 .  ? 3.374   -5.480  -12.516 1.00 50.23 ? 23 R8G A CAW   1 
HETATM 474 C CAX   . R8G E 3 .  ? 4.549   -3.404  -12.157 1.00 50.07 ? 23 R8G A CAX   1 
HETATM 475 C CAY   . R8G E 3 .  ? -2.534  6.832   -9.560  1.00 49.07 ? 23 R8G A CAY   1 
HETATM 476 C CAZ   . R8G E 3 .  ? -2.094  8.976   -8.507  1.00 49.53 ? 23 R8G A CAZ   1 
HETATM 477 C CBA   . R8G E 3 .  ? -0.236  -10.312 -3.507  1.00 57.85 ? 23 R8G A CBA   1 
HETATM 478 C CBB   . R8G E 3 .  ? -2.370  -10.673 -2.467  1.00 58.46 ? 23 R8G A CBB   1 
HETATM 479 C CBC   . R8G E 3 .  ? -7.862  1.444   0.471   1.00 58.50 ? 23 R8G A CBC   1 
HETATM 480 C CBD   . R8G E 3 .  ? -10.058 2.126   -0.222  1.00 57.38 ? 23 R8G A CBD   1 
HETATM 481 C CBE   . R8G E 3 .  ? 2.525   -5.250  -11.262 1.00 48.40 ? 23 R8G A CBE   1 
HETATM 482 C CBF   . R8G E 3 .  ? 3.733   -3.145  -10.889 1.00 49.22 ? 23 R8G A CBF   1 
HETATM 483 C CBG   . R8G E 3 .  ? -2.597  6.192   -8.160  1.00 48.42 ? 23 R8G A CBG   1 
HETATM 484 C CBH   . R8G E 3 .  ? -2.170  8.302   -7.128  1.00 48.09 ? 23 R8G A CBH   1 
HETATM 485 C CBI   . R8G E 3 .  ? -0.863  -9.312  -4.492  1.00 56.47 ? 23 R8G A CBI   1 
HETATM 486 C CBJ   . R8G E 3 .  ? -3.033  -9.677  -3.433  1.00 57.11 ? 23 R8G A CBJ   1 
HETATM 487 C CBK   . R8G E 3 .  ? -1.297  4.160   -4.591  1.00 39.05 ? 23 R8G A CBK   1 
HETATM 488 C CBL   . R8G E 3 .  ? -3.296  -5.512  -5.587  1.00 42.51 ? 23 R8G A CBL   1 
HETATM 489 N NBM   . R8G E 3 .  ? -4.739  1.001   -2.630  1.00 36.69 ? 23 R8G A NBM   1 
HETATM 490 N NBN   . R8G E 3 .  ? 0.140   -2.324  -7.454  1.00 37.96 ? 23 R8G A NBN   1 
HETATM 491 C CBO   . R8G E 3 .  ? -4.038  0.231   -3.459  1.00 34.44 ? 23 R8G A CBO   1 
HETATM 492 C CBP   . R8G E 3 .  ? -0.610  -1.577  -6.646  1.00 35.75 ? 23 R8G A CBP   1 
HETATM 493 C CBQ   . R8G E 3 .  ? -0.811  1.908   -5.547  1.00 36.31 ? 23 R8G A CBQ   1 
HETATM 494 C CBR   . R8G E 3 .  ? -3.792  -3.277  -4.554  1.00 35.00 ? 23 R8G A CBR   1 
HETATM 495 C CBS   . R8G E 3 .  ? -2.659  2.150   -4.018  1.00 34.43 ? 23 R8G A CBS   1 
HETATM 496 C CBT   . R8G E 3 .  ? -1.944  -3.487  -6.099  1.00 35.57 ? 23 R8G A CBT   1 
HETATM 497 C CBU   . R8G E 3 .  ? -1.100  0.556   -5.665  1.00 35.06 ? 23 R8G A CBU   1 
HETATM 498 C CBV   . R8G E 3 .  ? -3.515  -1.926  -4.402  1.00 33.21 ? 23 R8G A CBV   1 
HETATM 499 C CBW   . R8G E 3 .  ? -2.944  0.788   -4.132  1.00 34.08 ? 23 R8G A CBW   1 
HETATM 500 C CBX   . R8G E 3 .  ? -1.675  -2.139  -5.955  1.00 34.22 ? 23 R8G A CBX   1 
HETATM 501 C CBY   . R8G E 3 .  ? -2.157  -0.007  -4.954  1.00 33.87 ? 23 R8G A CBY   1 
HETATM 502 C CBZ   . R8G E 3 .  ? -2.449  -1.360  -5.100  1.00 34.02 ? 23 R8G A CBZ   1 
HETATM 503 N NCA   . R8G E 3 .  ? -9.713  1.214   2.048   1.00 61.21 ? 23 R8G A NCA   1 
HETATM 504 N NCB   . R8G E 3 .  ? 4.700   -4.855  -12.329 1.00 51.37 ? 23 R8G A NCB   1 
HETATM 505 N NCC   . R8G E 3 .  ? -2.929  8.250   -9.491  1.00 49.82 ? 23 R8G A NCC   1 
HETATM 506 N NCD   . R8G E 3 .  ? -1.236  -11.330 -3.140  1.00 59.15 ? 23 R8G A NCD   1 
HETATM 507 N NCE   . R8G E 3 .  ? -8.619  2.431   -0.323  1.00 56.00 ? 23 R8G A NCE   1 
HETATM 508 N NCF   . R8G E 3 .  ? 2.410   -3.803  -10.985 1.00 48.01 ? 23 R8G A NCF   1 
HETATM 509 N NCG   . R8G E 3 .  ? -1.703  6.908   -7.237  1.00 46.79 ? 23 R8G A NCG   1 
HETATM 510 N NCH   . R8G E 3 .  ? -2.057  -8.665  -3.903  1.00 54.78 ? 23 R8G A NCH   1 
HETATM 511 N NCI   . R8G E 3 .  ? -1.588  2.711   -4.714  1.00 35.66 ? 23 R8G A NCI   1 
HETATM 512 N NCJ   . R8G E 3 .  ? -2.993  -4.069  -5.397  1.00 37.86 ? 23 R8G A NCJ   1 
HETATM 513 O O     . HOH F 4 .  ? -4.201  -4.348  6.889   1.00 27.54 ? 27 HOH A O     1 
HETATM 514 O O     . HOH F 4 .  ? -0.303  -5.218  8.532   1.00 29.32 ? 28 HOH A O     1 
HETATM 515 O O     . HOH F 4 .  ? -0.843  -1.265  9.588   1.00 29.35 ? 29 HOH A O     1 
HETATM 516 O O     . HOH F 4 .  ? -4.994  -6.177  -0.762  1.00 12.97 ? 30 HOH A O     1 
HETATM 517 O O     . HOH F 4 .  ? -1.046  -5.580  -9.809  1.00 28.25 ? 31 HOH A O     1 
HETATM 518 O O     . HOH F 4 .  ? -8.423  -2.161  -2.809  1.00 15.55 ? 32 HOH A O     1 
HETATM 519 O O     . HOH F 4 .  ? -8.938  -4.450  6.774   1.00 14.58 ? 33 HOH A O     1 
HETATM 520 O O     . HOH F 4 .  ? -3.698  -2.496  9.777   1.00 14.34 ? 34 HOH A O     1 
HETATM 521 O O     . HOH F 4 .  ? -5.165  -1.827  7.393   1.00 28.16 ? 35 HOH A O     1 
HETATM 522 O O     . HOH F 4 .  ? -5.833  -8.838  9.024   1.00 28.37 ? 36 HOH A O     1 
HETATM 523 O O     . HOH F 4 .  ? -6.432  -9.781  6.829   1.00 28.75 ? 37 HOH A O     1 
HETATM 524 O O     . HOH F 4 .  ? -2.679  -6.580  -1.690  1.00 21.76 ? 38 HOH A O     1 
HETATM 525 O O     . HOH F 4 .  ? -0.314  -7.636  -0.608  1.00 23.79 ? 39 HOH A O     1 
HETATM 526 O O     . HOH F 4 .  ? 1.395   -7.317  -2.163  1.00 20.83 ? 40 HOH A O     1 
HETATM 527 O O     . HOH F 4 .  ? 1.028   10.052  -1.070  1.00 15.63 ? 41 HOH A O     1 
HETATM 528 O O     . HOH F 4 .  ? 2.784   8.238   7.534   1.00 1.00  ? 42 HOH A O     1 
HETATM 529 O O     . HOH F 4 .  ? 3.743   -10.128 -1.515  1.00 18.39 ? 43 HOH A O     1 
HETATM 530 O O     . HOH F 4 .  ? 5.179   -8.327  -0.984  1.00 17.29 ? 44 HOH A O     1 
HETATM 531 O O     . HOH F 4 .  ? 5.145   -6.205  -2.300  1.00 28.76 ? 45 HOH A O     1 
HETATM 532 O O     . HOH F 4 .  ? 8.133   1.399   -6.561  1.00 1.00  ? 46 HOH A O     1 
HETATM 533 O O     . HOH F 4 .  ? 1.694   9.339   -5.224  1.00 24.41 ? 47 HOH A O     1 
HETATM 534 O O     . HOH F 4 .  ? 3.228   10.199  -2.386  1.00 18.84 ? 48 HOH A O     1 
HETATM 535 O O     . HOH F 4 .  ? -5.162  1.548   3.946   1.00 23.67 ? 49 HOH A O     1 
HETATM 536 O O     . HOH F 4 .  ? 10.722  -6.998  -8.500  1.00 12.89 ? 50 HOH A O     1 
HETATM 537 O O     . HOH F 4 .  ? 10.033  -9.553  -0.415  1.00 11.11 ? 51 HOH A O     1 
HETATM 538 O O     . HOH F 4 .  ? -3.689  -9.121  6.089   1.00 28.24 ? 52 HOH A O     1 
HETATM 539 O O     . HOH F 4 .  ? -0.766  11.176  -3.353  1.00 18.92 ? 53 HOH A O     1 
HETATM 540 O O     . HOH F 4 .  ? -0.125  9.174   1.043   1.00 38.13 ? 54 HOH A O     1 
HETATM 541 O O     . HOH F 4 .  ? 9.374   5.226   -3.744  1.00 1.00  ? 55 HOH A O     1 
# 
loop_
_atom_site_anisotrop.id 
_atom_site_anisotrop.type_symbol 
_atom_site_anisotrop.pdbx_label_atom_id 
_atom_site_anisotrop.pdbx_label_alt_id 
_atom_site_anisotrop.pdbx_label_comp_id 
_atom_site_anisotrop.pdbx_label_asym_id 
_atom_site_anisotrop.pdbx_label_seq_id 
_atom_site_anisotrop.pdbx_PDB_ins_code 
_atom_site_anisotrop.U[1][1] 
_atom_site_anisotrop.U[2][2] 
_atom_site_anisotrop.U[3][3] 
_atom_site_anisotrop.U[1][2] 
_atom_site_anisotrop.U[1][3] 
_atom_site_anisotrop.U[2][3] 
_atom_site_anisotrop.pdbx_auth_seq_id 
_atom_site_anisotrop.pdbx_auth_comp_id 
_atom_site_anisotrop.pdbx_auth_asym_id 
_atom_site_anisotrop.pdbx_auth_atom_id 
1   P P     . DG A 2  ? 0.7523 0.7597 0.7583 -0.0353 0.1923  0.0500  2  DG A P     
2   O OP1   . DG A 2  ? 0.7717 0.6860 0.6710 -0.0151 0.1743  0.0562  2  DG A OP1   
3   O OP2   . DG A 2  ? 0.7661 0.7977 0.8524 -0.0864 0.2231  0.0546  2  DG A OP2   
4   O "O5'" . DG A 2  ? 0.6306 0.7108 0.6984 -0.0236 0.1390  0.0257  2  DG A "O5'" 
5   C "C5'" . DG A 2  ? 0.5761 0.7413 0.7174 -0.0122 0.1421  0.0184  2  DG A "C5'" 
6   C "C4'" . DG A 2  ? 0.5166 0.6831 0.6170 0.0306  0.1135  0.0102  2  DG A "C4'" 
7   O "O4'" . DG A 2  ? 0.4333 0.5977 0.5318 0.0300  0.0635  -0.0020 2  DG A "O4'" 
8   C "C3'" . DG A 2  ? 0.5608 0.6556 0.5549 0.0579  0.1240  0.0180  2  DG A "C3'" 
9   O "O3'" . DG A 2  ? 0.6473 0.7533 0.6284 0.0795  0.1583  0.0217  2  DG A "O3'" 
10  C "C2'" . DG A 2  ? 0.4741 0.5608 0.4397 0.0798  0.0770  0.0049  2  DG A "C2'" 
11  C "C1'" . DG A 2  ? 0.4052 0.5389 0.4396 0.0618  0.0453  -0.0052 2  DG A "C1'" 
12  N N9    . DG A 2  ? 0.3758 0.4736 0.3742 0.0575  0.0143  -0.0117 2  DG A N9    
13  C C8    . DG A 2  ? 0.4020 0.4541 0.3771 0.0371  0.0151  -0.0102 2  DG A C8    
14  N N7    . DG A 2  ? 0.3818 0.4092 0.3244 0.0441  -0.0132 -0.0200 2  DG A N7    
15  C C5    . DG A 2  ? 0.3304 0.3910 0.2769 0.0660  -0.0311 -0.0260 2  DG A C5    
16  C C6    . DG A 2  ? 0.3169 0.3742 0.2405 0.0790  -0.0564 -0.0357 2  DG A C6    
17  O O6    . DG A 2  ? 0.3654 0.3937 0.2604 0.0777  -0.0683 -0.0433 2  DG A O6    
18  N N1    . DG A 2  ? 0.2510 0.3389 0.1863 0.0949  -0.0636 -0.0363 2  DG A N1    
19  C C2    . DG A 2  ? 0.2245 0.3390 0.1876 0.1026  -0.0507 -0.0308 2  DG A C2    
20  N N2    . DG A 2  ? 0.1999 0.3282 0.1667 0.1182  -0.0603 -0.0328 2  DG A N2    
21  N N3    . DG A 2  ? 0.2633 0.3876 0.2501 0.0949  -0.0265 -0.0242 2  DG A N3    
22  C C4    . DG A 2  ? 0.3125 0.4105 0.2904 0.0746  -0.0165 -0.0209 2  DG A C4    
23  P P     . DG A 3  ? 0.7300 0.7961 0.6253 0.1199  0.1488  0.0154  3  DG A P     
24  O OP1   . DG A 3  ? 0.7699 0.8551 0.6660 0.1378  0.1887  0.0151  3  DG A OP1   
25  O OP2   . DG A 3  ? 0.7577 0.7490 0.5620 0.1251  0.1392  0.0230  3  DG A OP2   
26  O "O5'" . DG A 3  ? 0.6423 0.7404 0.5718 0.1315  0.0998  -0.0017 3  DG A "O5'" 
27  C "C5'" . DG A 3  ? 0.5722 0.6909 0.5109 0.1575  0.0944  -0.0135 3  DG A "C5'" 
28  C "C4'" . DG A 3  ? 0.5253 0.6165 0.4236 0.1716  0.0561  -0.0252 3  DG A "C4'" 
29  O "O4'" . DG A 3  ? 0.4807 0.5731 0.3921 0.1539  0.0267  -0.0241 3  DG A "O4'" 
30  C "C3'" . DG A 3  ? 0.5687 0.6058 0.3803 0.1886  0.0556  -0.0298 3  DG A "C3'" 
31  O "O3'" . DG A 3  ? 0.5895 0.6168 0.3806 0.2090  0.0405  -0.0471 3  DG A "O3'" 
32  C "C2'" . DG A 3  ? 0.5429 0.5592 0.3343 0.1791  0.0281  -0.0282 3  DG A "C2'" 
33  C "C1'" . DG A 3  ? 0.4395 0.4947 0.2958 0.1634  0.0073  -0.0307 3  DG A "C1'" 
34  N N9    . DG A 3  ? 0.4206 0.4626 0.2709 0.1489  -0.0062 -0.0271 3  DG A N9    
35  C C8    . DG A 3  ? 0.4287 0.4448 0.2631 0.1359  0.0093  -0.0161 3  DG A C8    
36  N N7    . DG A 3  ? 0.3986 0.3950 0.2213 0.1296  -0.0082 -0.0182 3  DG A N7    
37  C C5    . DG A 3  ? 0.3596 0.3767 0.1921 0.1387  -0.0338 -0.0308 3  DG A C5    
38  C C6    . DG A 3  ? 0.3460 0.3593 0.1741 0.1389  -0.0544 -0.0394 3  DG A C6    
39  O O6    . DG A 3  ? 0.4210 0.4078 0.2330 0.1341  -0.0575 -0.0395 3  DG A O6    
40  N N1    . DG A 3  ? 0.2851 0.3242 0.1280 0.1453  -0.0686 -0.0487 3  DG A N1    
41  C C2    . DG A 3  ? 0.2524 0.3094 0.1107 0.1504  -0.0666 -0.0500 3  DG A C2    
42  N N2    . DG A 3  ? 0.2198 0.2900 0.0896 0.1516  -0.0782 -0.0575 3  DG A N2    
43  N N3    . DG A 3  ? 0.3160 0.3729 0.1761 0.1546  -0.0504 -0.0449 3  DG A N3    
44  C C4    . DG A 3  ? 0.3546 0.3956 0.2025 0.1486  -0.0330 -0.0352 3  DG A C4    
45  P P     . DG A 4  ? 0.6729 0.6508 0.3751 0.2301  0.0358  -0.0582 4  DG A P     
46  O OP1   . DG A 4  ? 0.7520 0.7200 0.4293 0.2501  0.0616  -0.0675 4  DG A OP1   
47  O OP2   . DG A 4  ? 0.7053 0.6524 0.3587 0.2270  0.0391  -0.0437 4  DG A OP2   
48  O "O5'" . DG A 4  ? 0.6301 0.6072 0.3376 0.2316  -0.0068 -0.0775 4  DG A "O5'" 
49  C "C5'" . DG A 4  ? 0.5584 0.5614 0.3254 0.2219  -0.0192 -0.0823 4  DG A "C5'" 
50  C "C4'" . DG A 4  ? 0.5372 0.5388 0.3082 0.2153  -0.0522 -0.0957 4  DG A "C4'" 
51  O "O4'" . DG A 4  ? 0.5233 0.5438 0.3180 0.2003  -0.0605 -0.0839 4  DG A "O4'" 
52  C "C3'" . DG A 4  ? 0.5906 0.5677 0.3069 0.2290  -0.0712 -0.1136 4  DG A "C3'" 
53  O "O3'" . DG A 4  ? 0.6343 0.6165 0.3727 0.2220  -0.0967 -0.1345 4  DG A "O3'" 
54  C "C2'" . DG A 4  ? 0.5579 0.5378 0.2614 0.2279  -0.0787 -0.1019 4  DG A "C2'" 
55  C "C1'" . DG A 4  ? 0.4679 0.4787 0.2326 0.2066  -0.0789 -0.0919 4  DG A "C1'" 
56  N N9    . DG A 4  ? 0.4249 0.4334 0.1846 0.2021  -0.0741 -0.0769 4  DG A N9    
57  C C8    . DG A 4  ? 0.4287 0.4164 0.1625 0.2028  -0.0522 -0.0605 4  DG A C8    
58  N N7    . DG A 4  ? 0.4388 0.4165 0.1696 0.1967  -0.0541 -0.0516 4  DG A N7    
59  C C5    . DG A 4  ? 0.4008 0.3991 0.1564 0.1958  -0.0774 -0.0637 4  DG A C5    
60  C C6    . DG A 4  ? 0.3874 0.3845 0.1489 0.1941  -0.0871 -0.0643 4  DG A C6    
61  O O6    . DG A 4  ? 0.4576 0.4271 0.2014 0.1916  -0.0803 -0.0546 4  DG A O6    
62  N N1    . DG A 4  ? 0.3625 0.3910 0.1550 0.1940  -0.1028 -0.0788 4  DG A N1    
63  C C2    . DG A 4  ? 0.3586 0.4116 0.1753 0.1906  -0.1094 -0.0901 4  DG A C2    
64  N N2    . DG A 4  ? 0.3417 0.4243 0.1921 0.1852  -0.1178 -0.1016 4  DG A N2    
65  N N3    . DG A 4  ? 0.3824 0.4278 0.1908 0.1915  -0.1045 -0.0909 4  DG A N3    
66  C C4    . DG A 4  ? 0.4092 0.4292 0.1856 0.1967  -0.0882 -0.0780 4  DG A C4    
67  P P     . DT A 5  ? 0.7237 0.6783 0.4247 0.2339  -0.1143 -0.1651 5  DT A P     
68  O OP1   . DT A 5  ? 0.7539 0.6911 0.3871 0.2551  -0.1277 -0.1716 5  DT A OP1   
69  O OP2   . DT A 5  ? 0.6883 0.6553 0.4400 0.2131  -0.1346 -0.1818 5  DT A OP2   
70  O "O5'" . DT A 5  ? 0.7579 0.6869 0.4418 0.2460  -0.0854 -0.1644 5  DT A "O5'" 
71  C "C5'" . DT A 5  ? 0.7289 0.6590 0.4614 0.2371  -0.0763 -0.1616 5  DT A "C5'" 
72  C "C4'" . DT A 5  ? 0.7628 0.6782 0.4811 0.2580  -0.0453 -0.1585 5  DT A "C4'" 
73  O "O4'" . DT A 5  ? 0.7084 0.6539 0.4396 0.2597  -0.0190 -0.1325 5  DT A "O4'" 
74  C "C3'" . DT A 5  ? 0.7774 0.6823 0.5370 0.2595  -0.0398 -0.1590 5  DT A "C3'" 
75  O "O3'" . DT A 5  ? 0.8851 0.7474 0.6063 0.2823  -0.0303 -0.1829 5  DT A "O3'" 
76  C "C2'" . DT A 5  ? 0.7096 0.6552 0.5154 0.2621  -0.0183 -0.1308 5  DT A "C2'" 
77  C "C1'" . DT A 5  ? 0.6906 0.6519 0.4655 0.2679  0.0027  -0.1235 5  DT A "C1'" 
78  N N1    . DT A 5  ? 0.6292 0.6362 0.4499 0.2554  0.0150  -0.0977 5  DT A N1    
79  C C2    . DT A 5  ? 0.6479 0.6724 0.4668 0.2618  0.0492  -0.0879 5  DT A C2    
80  O O2    . DT A 5  ? 0.7140 0.7173 0.4880 0.2807  0.0741  -0.0969 5  DT A O2    
81  N N3    . DT A 5  ? 0.6215 0.6877 0.4917 0.2435  0.0552  -0.0681 5  DT A N3    
82  C C4    . DT A 5  ? 0.5657 0.6531 0.4759 0.2241  0.0285  -0.0592 5  DT A C4    
83  O O4    . DT A 5  ? 0.5608 0.6818 0.5116 0.2076  0.0320  -0.0462 5  DT A O4    
84  C C5    . DT A 5  ? 0.5498 0.6155 0.4497 0.2223  -0.0019 -0.0678 5  DT A C5    
85  C C7    . DT A 5  ? 0.4971 0.5794 0.4260 0.2039  -0.0256 -0.0582 5  DT A C7    
86  C C6    . DT A 5  ? 0.5742 0.6031 0.4361 0.2354  -0.0062 -0.0858 5  DT A C6    
87  P P     . DT A 6  ? 0.6818 0.6778 0.5692 0.1057  -0.1009 -0.1408 6  DT A P     
88  O OP1   . DT A 6  ? 0.7148 0.7197 0.5800 0.1455  -0.1163 -0.1652 6  DT A OP1   
89  O OP2   . DT A 6  ? 0.6786 0.7173 0.6139 0.0848  -0.1056 -0.1825 6  DT A OP2   
90  O "O5'" . DT A 6  ? 0.6644 0.6052 0.5616 0.0648  -0.0763 -0.1113 6  DT A "O5'" 
91  C "C5'" . DT A 6  ? 0.6562 0.5782 0.5897 0.0237  -0.0549 -0.1330 6  DT A "C5'" 
92  C "C4'" . DT A 6  ? 0.6673 0.5214 0.5683 0.0095  -0.0318 -0.0879 6  DT A "C4'" 
93  O "O4'" . DT A 6  ? 0.6657 0.4950 0.5364 0.0320  -0.0377 -0.0637 6  DT A "O4'" 
94  C "C3'" . DT A 6  ? 0.6479 0.5021 0.5265 0.0131  -0.0376 -0.0525 6  DT A "C3'" 
95  O "O3'" . DT A 6  ? 0.6894 0.5402 0.5832 -0.0118 -0.0206 -0.0645 6  DT A "O3'" 
96  C "C2'" . DT A 6  ? 0.6610 0.4617 0.4996 0.0245  -0.0318 -0.0198 6  DT A "C2'" 
97  C "C1'" . DT A 6  ? 0.6356 0.4427 0.4767 0.0422  -0.0401 -0.0241 6  DT A "C1'" 
98  N N1    . DT A 6  ? 0.5694 0.4144 0.4164 0.0658  -0.0572 -0.0103 6  DT A N1    
99  C C2    . DT A 6  ? 0.5553 0.3987 0.4022 0.0779  -0.0623 0.0111  6  DT A C2    
100 O O2    . DT A 6  ? 0.5911 0.4081 0.4191 0.0818  -0.0649 0.0195  6  DT A O2    
101 N N3    . DT A 6  ? 0.5341 0.4052 0.4032 0.0915  -0.0605 0.0166  6  DT A N3    
102 C C4    . DT A 6  ? 0.5307 0.4133 0.3939 0.1047  -0.0516 0.0134  6  DT A C4    
103 O O4    . DT A 6  ? 0.5773 0.4626 0.4504 0.1197  -0.0337 0.0240  6  DT A O4    
104 C C5    . DT A 6  ? 0.5313 0.4197 0.3768 0.1050  -0.0599 -0.0091 6  DT A C5    
105 C C7    . DT A 6  ? 0.5481 0.4505 0.3666 0.1391  -0.0605 -0.0205 6  DT A C7    
106 C C6    . DT A 6  ? 0.5253 0.4029 0.3776 0.0805  -0.0630 -0.0248 6  DT A C6    
107 P P     . DA A 7  ? 0.6282 0.5226 0.5303 -0.0107 -0.0343 -0.0618 7  DA A P     
108 O OP1   . DA A 7  ? 0.6613 0.5438 0.5859 -0.0398 -0.0071 -0.0818 7  DA A OP1   
109 O OP2   . DA A 7  ? 0.5899 0.5387 0.5006 0.0152  -0.0590 -0.0752 7  DA A OP2   
110 O "O5'" . DA A 7  ? 0.6343 0.5050 0.4984 0.0031  -0.0427 -0.0203 7  DA A "O5'" 
111 C "C5'" . DA A 7  ? 0.6444 0.4582 0.4684 0.0042  -0.0298 -0.0011 7  DA A "C5'" 
112 C "C4'" . DA A 7  ? 0.6031 0.4291 0.4131 0.0253  -0.0535 0.0167  7  DA A "C4'" 
113 O "O4'" . DA A 7  ? 0.5743 0.4248 0.4056 0.0410  -0.0688 0.0183  7  DA A "O4'" 
114 C "C3'" . DA A 7  ? 0.5556 0.4221 0.3887 0.0182  -0.0626 0.0135  7  DA A "C3'" 
115 O "O3'" . DA A 7  ? 0.5893 0.4482 0.4028 0.0314  -0.0755 0.0193  7  DA A "O3'" 
116 C "C2'" . DA A 7  ? 0.5217 0.4262 0.3895 0.0263  -0.0703 0.0117  7  DA A "C2'" 
117 C "C1'" . DA A 7  ? 0.5262 0.4190 0.3932 0.0421  -0.0774 0.0164  7  DA A "C1'" 
118 N N9    . DA A 7  ? 0.4917 0.4002 0.3820 0.0510  -0.0716 0.0164  7  DA A N9    
119 C C8    . DA A 7  ? 0.4977 0.3983 0.3764 0.0560  -0.0659 0.0131  7  DA A C8    
120 N N7    . DA A 7  ? 0.5062 0.4142 0.3950 0.0727  -0.0568 0.0170  7  DA A N7    
121 C C5    . DA A 7  ? 0.4920 0.4124 0.4140 0.0713  -0.0486 0.0211  7  DA A C5    
122 C C6    . DA A 7  ? 0.5312 0.4527 0.4855 0.0803  -0.0213 0.0242  7  DA A C6    
123 N N6    . DA A 7  ? 0.5879 0.4902 0.5255 0.1012  0.0014  0.0325  7  DA A N6    
124 N N1    . DA A 7  ? 0.5352 0.4732 0.5424 0.0681  -0.0113 0.0144  7  DA A N1    
125 C C2    . DA A 7  ? 0.4992 0.4549 0.5124 0.0555  -0.0376 0.0038  7  DA A C2    
126 N N3    . DA A 7  ? 0.4798 0.4274 0.4468 0.0530  -0.0637 0.0076  7  DA A N3    
127 C C4    . DA A 7  ? 0.4836 0.4115 0.4114 0.0578  -0.0631 0.0164  7  DA A C4    
128 P P     . DG A 8  ? 0.6661 0.4688 0.4157 0.0396  -0.0631 0.0277  8  DG A P     
129 O OP1   . DG A 8  ? 0.7076 0.5087 0.4280 0.0769  -0.0922 0.0258  8  DG A OP1   
130 O OP2   . DG A 8  ? 0.6969 0.4421 0.4186 0.0293  -0.0269 0.0322  8  DG A OP2   
131 O "O5'" . DG A 8  ? 0.5526 0.3752 0.3173 0.0189  -0.0549 0.0227  8  DG A "O5'" 
132 C "C5'" . DG A 8  ? 0.4713 0.3435 0.2742 0.0165  -0.0735 0.0155  8  DG A "C5'" 
133 C "C4'" . DG A 8  ? 0.4392 0.3144 0.2383 0.0022  -0.0612 0.0132  8  DG A "C4'" 
134 O "O4'" . DG A 8  ? 0.3904 0.2971 0.2130 0.0054  -0.0768 0.0074  8  DG A "O4'" 
135 C "C3'" . DG A 8  ? 0.4046 0.3044 0.2357 -0.0175 -0.0445 0.0016  8  DG A "C3'" 
136 O "O3'" . DG A 8  ? 0.4855 0.3589 0.3042 -0.0322 -0.0173 -0.0037 8  DG A "O3'" 
137 C "C2'" . DG A 8  ? 0.3289 0.2682 0.1826 -0.0132 -0.0547 -0.0016 8  DG A "C2'" 
138 C "C1'" . DG A 8  ? 0.3418 0.2683 0.1800 -0.0074 -0.0647 0.0045  8  DG A "C1'" 
139 N N9    . DG A 8  ? 0.2963 0.2438 0.1624 -0.0040 -0.0683 0.0010  8  DG A N9    
140 C C8    . DG A 8  ? 0.2836 0.2394 0.1824 0.0009  -0.0654 -0.0005 8  DG A C8    
141 N N7    . DG A 8  ? 0.3166 0.2745 0.2400 -0.0005 -0.0519 -0.0055 8  DG A N7    
142 C C5    . DG A 8  ? 0.2844 0.2409 0.1855 -0.0041 -0.0549 -0.0065 8  DG A C5    
143 C C6    . DG A 8  ? 0.2946 0.2466 0.2046 -0.0064 -0.0423 -0.0119 8  DG A C6    
144 O O6    . DG A 8  ? 0.3613 0.3025 0.3043 -0.0081 -0.0184 -0.0177 8  DG A O6    
145 N N1    . DG A 8  ? 0.2808 0.2326 0.1591 -0.0079 -0.0497 -0.0111 8  DG A N1    
146 C C2    . DG A 8  ? 0.2686 0.2186 0.1158 -0.0098 -0.0583 -0.0067 8  DG A C2    
147 N N2    . DG A 8  ? 0.2721 0.2167 0.0957 -0.0118 -0.0543 -0.0075 8  DG A N2    
148 N N3    . DG A 8  ? 0.2915 0.2367 0.1327 -0.0102 -0.0617 -0.0026 8  DG A N3    
149 C C4    . DG A 8  ? 0.3076 0.2593 0.1745 -0.0062 -0.0646 -0.0025 8  DG A C4    
150 P P     . DG A 9  ? 0.5108 0.4188 0.3820 -0.0543 0.0027  -0.0353 9  DG A P     
151 O OP1   . DG A 9  ? 0.5485 0.4019 0.4146 -0.0745 0.0493  -0.0414 9  DG A OP1   
152 O OP2   . DG A 9  ? 0.5057 0.4622 0.4119 -0.0454 -0.0183 -0.0535 9  DG A OP2   
153 O "O5'" . DG A 9  ? 0.4863 0.4291 0.3662 -0.0526 -0.0038 -0.0406 9  DG A "O5'" 
154 C "C5'" . DG A 9  ? 0.4882 0.3947 0.3312 -0.0541 0.0105  -0.0256 9  DG A "C5'" 
155 C "C4'" . DG A 9  ? 0.4563 0.4027 0.3260 -0.0591 0.0146  -0.0427 9  DG A "C4'" 
156 O "O4'" . DG A 9  ? 0.4368 0.4034 0.2917 -0.0404 -0.0133 -0.0307 9  DG A "O4'" 
157 C "C3'" . DG A 9  ? 0.4529 0.4659 0.3919 -0.0659 0.0158  -0.0858 9  DG A "C3'" 
158 O "O3'" . DG A 9  ? 0.4393 0.4709 0.4059 -0.0776 0.0380  -0.1067 9  DG A "O3'" 
159 C "C2'" . DG A 9  ? 0.3910 0.4446 0.3216 -0.0340 -0.0215 -0.0830 9  DG A "C2'" 
160 C "C1'" . DG A 9  ? 0.3882 0.4083 0.2733 -0.0272 -0.0254 -0.0499 9  DG A "C1'" 
161 N N9    . DG A 9  ? 0.3798 0.3948 0.2461 -0.0061 -0.0408 -0.0323 9  DG A N9    
162 C C8    . DG A 9  ? 0.3240 0.3306 0.1896 0.0020  -0.0472 -0.0240 9  DG A C8    
163 N N7    . DG A 9  ? 0.3215 0.3146 0.1758 0.0182  -0.0444 -0.0103 9  DG A N7    
164 C C5    . DG A 9  ? 0.3238 0.3146 0.1679 0.0209  -0.0383 -0.0093 9  DG A C5    
165 C C6    . DG A 9  ? 0.3770 0.3438 0.2091 0.0337  -0.0224 0.0007  9  DG A C6    
166 O O6    . DG A 9  ? 0.4753 0.4135 0.3094 0.0424  -0.0028 0.0105  9  DG A O6    
167 N N1    . DG A 9  ? 0.4089 0.3781 0.2305 0.0332  -0.0200 -0.0030 9  DG A N1    
168 C C2    . DG A 9  ? 0.3822 0.3766 0.2070 0.0221  -0.0294 -0.0150 9  DG A C2    
169 N N2    . DG A 9  ? 0.3988 0.3920 0.2114 0.0257  -0.0236 -0.0171 9  DG A N2    
170 N N3    . DG A 9  ? 0.3725 0.3850 0.2144 0.0077  -0.0350 -0.0259 9  DG A N3    
171 C C4    . DG A 9  ? 0.3392 0.3474 0.1883 0.0079  -0.0402 -0.0222 9  DG A C4    
172 P P     . DG A 10 ? 0.3678 0.6659 0.5574 -0.0240 -0.0915 0.1973  10 DG A P     
173 O OP1   . DG A 10 ? 0.3940 0.7038 0.6097 -0.0223 -0.0889 0.2165  10 DG A OP1   
174 O OP2   . DG A 10 ? 0.4000 0.6993 0.5901 -0.0392 -0.1027 0.1795  10 DG A OP2   
175 O "O5'" . DG A 10 ? 0.3647 0.6733 0.5496 -0.0162 -0.0845 0.2067  10 DG A "O5'" 
176 C "C5'" . DG A 10 ? 0.3069 0.6152 0.4957 -0.0051 -0.0658 0.2085  10 DG A "C5'" 
177 C "C4'" . DG A 10 ? 0.2983 0.6128 0.5087 0.0016  -0.0549 0.2201  10 DG A "C4'" 
178 O "O4'" . DG A 10 ? 0.2986 0.6001 0.4973 0.0045  -0.0498 0.2080  10 DG A "O4'" 
179 C "C3'" . DG A 10 ? 0.3295 0.6703 0.5593 -0.0036 -0.0688 0.2468  10 DG A "C3'" 
180 O "O3'" . DG A 10 ? 0.3715 0.7259 0.6449 0.0063  -0.0523 0.2722  10 DG A "O3'" 
181 C "C2'" . DG A 10 ? 0.2757 0.6243 0.4892 -0.0081 -0.0780 0.2440  10 DG A "C2'" 
182 C "C1'" . DG A 10 ? 0.2533 0.5745 0.4691 0.0042  -0.0566 0.2314  10 DG A "C1'" 
183 N N9    . DG A 10 ? 0.2084 0.5221 0.3994 0.0022  -0.0620 0.2184  10 DG A N9    
184 C C8    . DG A 10 ? 0.2101 0.5200 0.3643 -0.0090 -0.0793 0.1981  10 DG A C8    
185 N N7    . DG A 10 ? 0.2111 0.5150 0.3496 -0.0079 -0.0787 0.1890  10 DG A N7    
186 C C5    . DG A 10 ? 0.2097 0.5122 0.3805 0.0049  -0.0594 0.2055  10 DG A C5    
187 C C6    . DG A 10 ? 0.2106 0.5070 0.3909 0.0119  -0.0484 0.2072  10 DG A C6    
188 O O6    . DG A 10 ? 0.2586 0.5506 0.4099 0.0085  -0.0560 0.1938  10 DG A O6    
189 N N1    . DG A 10 ? 0.2284 0.5217 0.4670 0.0242  -0.0218 0.2247  10 DG A N1    
190 C C2    . DG A 10 ? 0.2134 0.5095 0.4928 0.0288  -0.0071 0.2362  10 DG A C2    
191 N N2    . DG A 10 ? 0.2215 0.5118 0.5724 0.0400  0.0255  0.2484  10 DG A N2    
192 N N3    . DG A 10 ? 0.2112 0.5161 0.4729 0.0227  -0.0205 0.2365  10 DG A N3    
193 C C4    . DG A 10 ? 0.2092 0.5161 0.4166 0.0110  -0.0468 0.2215  10 DG A C4    
194 P P     . DT A 11 ? 0.4084 0.8000 0.7123 0.0024  -0.0619 0.3073  11 DT A P     
195 O OP1   . DT A 11 ? 0.4008 0.8312 0.6900 -0.0127 -0.0863 0.3174  11 DT A OP1   
196 O OP2   . DT A 11 ? 0.3827 0.7797 0.7445 0.0167  -0.0361 0.3327  11 DT A OP2   
197 O "O5'" . DT A 11 ? 0.4312 0.8131 0.7209 -0.0036 -0.0687 0.2937  11 DT A "O5'" 
198 C "C5'" . DT A 11 ? 0.4784 0.8515 0.7843 0.0051  -0.0492 0.2910  11 DT A "C5'" 
199 C "C4'" . DT A 11 ? 0.5004 0.8911 0.8212 0.0007  -0.0576 0.3081  11 DT A "C4'" 
200 O "O4'" . DT A 11 ? 0.5192 0.9338 0.8828 0.0055  -0.0516 0.3401  11 DT A "O4'" 
201 C "C3'" . DT A 11 ? 0.5159 0.9134 0.8233 -0.0147 -0.0831 0.3060  11 DT A "C3'" 
202 O "O3'" . DT A 11 ? 0.5269 0.9252 0.8452 -0.0163 -0.0836 0.3103  11 DT A "O3'" 
203 C "C2'" . DT A 11 ? 0.5234 0.9585 0.8519 -0.0221 -0.0941 0.3312  11 DT A "C2'" 
204 C "C1'" . DT A 11 ? 0.5305 0.9720 0.8961 -0.0072 -0.0746 0.3570  11 DT A "C1'" 
205 N N1    . DT A 11 ? 0.5350 1.0191 0.9409 -0.0060 -0.0756 0.3981  11 DT A N1    
206 C C2    . DT A 11 ? 0.5319 1.0439 0.9458 -0.0068 -0.0792 0.4167  11 DT A C2    
207 O O2    . DT A 11 ? 0.5225 1.0203 0.9082 -0.0085 -0.0817 0.3964  11 DT A O2    
208 N N3    . DT A 11 ? 0.5329 1.0994 0.9943 -0.0054 -0.0796 0.4669  11 DT A N3    
209 C C4    . DT A 11 ? 0.5392 1.1283 1.0388 -0.0030 -0.0766 0.4963  11 DT A C4    
210 O O4    . DT A 11 ? 0.5469 1.1935 1.0947 -0.0016 -0.0770 0.5484  11 DT A O4    
211 C C5    . DT A 11 ? 0.5385 1.0886 1.0227 -0.0024 -0.0728 0.4683  11 DT A C5    
212 C C7    . DT A 11 ? 0.5354 1.1061 1.0578 0.0002  -0.0691 0.4963  11 DT A C7    
213 C C6    . DT A 11 ? 0.5332 1.0374 0.9732 -0.0040 -0.0727 0.4237  11 DT A C6    
214 P P     . DT A 12 ? 0.5388 0.9234 0.8459 -0.0163 -0.0820 0.2981  12 DT A P     
215 O OP1   . DT A 12 ? 0.5500 0.9147 0.8288 -0.0163 -0.0821 0.2756  12 DT A OP1   
216 O OP2   . DT A 12 ? 0.5274 0.9174 0.8638 -0.0257 -0.0922 0.3085  12 DT A OP2   
217 O "O5'" . DT A 12 ? 0.5164 0.9184 0.8247 -0.0058 -0.0621 0.3037  12 DT A "O5'" 
218 C "C5'" . DT A 12 ? 0.4990 0.8984 0.7938 0.0005  -0.0438 0.2856  12 DT A "C5'" 
219 C "C4'" . DT A 12 ? 0.5090 0.9399 0.8130 0.0028  -0.0222 0.2826  12 DT A "C4'" 
220 O "O4'" . DT A 12 ? 0.5113 0.9717 0.8165 -0.0009 -0.0304 0.3010  12 DT A "O4'" 
221 C "C3'" . DT A 12 ? 0.5224 0.9650 0.8084 0.0015  -0.0006 0.2501  12 DT A "C3'" 
222 O "O3'" . DT A 12 ? 0.5539 1.0225 0.8643 0.0011  0.0280  0.2357  12 DT A "O3'" 
223 C "C2'" . DT A 12 ? 0.5040 0.9774 0.7645 -0.0046 -0.0103 0.2544  12 DT A "C2'" 
224 C "C1'" . DT A 12 ? 0.4783 0.9711 0.7611 -0.0045 -0.0228 0.2902  12 DT A "C1'" 
225 N N1    . DT A 12 ? 0.4539 0.9492 0.7420 -0.0061 -0.0407 0.3147  12 DT A N1    
226 C C2    . DT A 12 ? 0.4350 0.9910 0.7291 -0.0088 -0.0374 0.3379  12 DT A C2    
227 O O2    . DT A 12 ? 0.4720 1.0872 0.7558 -0.0132 -0.0222 0.3328  12 DT A O2    
228 N N3    . DT A 12 ? 0.4082 0.9630 0.7290 -0.0077 -0.0493 0.3682  12 DT A N3    
229 C C4    . DT A 12 ? 0.4157 0.9116 0.7575 -0.0072 -0.0610 0.3657  12 DT A C4    
230 O O4    . DT A 12 ? 0.4188 0.9153 0.8017 -0.0068 -0.0643 0.3910  12 DT A O4    
231 C C5    . DT A 12 ? 0.4304 0.8736 0.7516 -0.0087 -0.0658 0.3325  12 DT A C5    
232 C C7    . DT A 12 ? 0.4613 0.8579 0.7987 -0.0148 -0.0771 0.3191  12 DT A C7    
233 C C6    . DT A 12 ? 0.4394 0.8869 0.7364 -0.0067 -0.0569 0.3152  12 DT A C6    
234 P P     . DA A 13 ? 0.5676 1.0100 0.9146 0.0065  0.0559  0.2145  13 DA A P     
235 O OP1   . DA A 13 ? 0.5814 1.0524 0.9688 0.0041  0.0905  0.1969  13 DA A OP1   
236 O OP2   . DA A 13 ? 0.5826 0.9897 0.9452 0.0152  0.0372  0.2455  13 DA A OP2   
237 O "O5'" . DA A 13 ? 0.5452 0.9846 0.8632 0.0003  0.0649  0.1769  13 DA A "O5'" 
238 C "C5'" . DA A 13 ? 0.5125 1.0007 0.8187 -0.0132 0.0888  0.1372  13 DA A "C5'" 
239 C "C4'" . DA A 13 ? 0.4668 0.9802 0.7197 -0.0217 0.0712  0.1314  13 DA A "C4'" 
240 O "O4'" . DA A 13 ? 0.4213 0.9461 0.6530 -0.0189 0.0390  0.1743  13 DA A "O4'" 
241 C "C3'" . DA A 13 ? 0.4706 0.9413 0.7066 -0.0185 0.0643  0.1194  13 DA A "C3'" 
242 O "O3'" . DA A 13 ? 0.4884 0.9901 0.7213 -0.0320 0.0926  0.0700  13 DA A "O3'" 
243 C "C2'" . DA A 13 ? 0.4371 0.9125 0.6347 -0.0177 0.0305  0.1495  13 DA A "C2'" 
244 C "C1'" . DA A 13 ? 0.3928 0.9314 0.5915 -0.0240 0.0290  0.1696  13 DA A "C1'" 
245 N N9    . DA A 13 ? 0.3608 0.9107 0.5542 -0.0211 0.0026  0.2126  13 DA A N9    
246 C C8    . DA A 13 ? 0.3530 0.8501 0.5502 -0.0135 -0.0197 0.2332  13 DA A C8    
247 N N7    . DA A 13 ? 0.3511 0.8720 0.5623 -0.0133 -0.0327 0.2689  13 DA A N7    
248 C C5    . DA A 13 ? 0.3192 0.9227 0.5296 -0.0205 -0.0220 0.2804  13 DA A C5    
249 C C6    . DA A 13 ? 0.3008 0.9766 0.5318 -0.0229 -0.0265 0.3264  13 DA A C6    
250 N N6    . DA A 13 ? 0.2883 0.9500 0.5580 -0.0161 -0.0402 0.3696  13 DA A N6    
251 N N1    . DA A 13 ? 0.2957 1.0682 0.5161 -0.0345 -0.0132 0.3273  13 DA A N1    
252 C C2    . DA A 13 ? 0.3166 1.1024 0.5119 -0.0441 0.0075  0.2749  13 DA A C2    
253 N N3    . DA A 13 ? 0.3517 1.0639 0.5396 -0.0409 0.0178  0.2290  13 DA A N3    
254 C C4    . DA A 13 ? 0.3477 0.9727 0.5416 -0.0277 -0.0002 0.2399  13 DA A C4    
255 P P     . DG A 14 ? 0.4864 0.9458 0.7650 -0.0295 0.1251  0.0342  14 DG A P     
256 O OP1   . DG A 14 ? 0.5102 1.0201 0.7895 -0.0510 0.1586  -0.0270 14 DG A OP1   
257 O OP2   . DG A 14 ? 0.4751 0.9010 0.8148 -0.0165 0.1382  0.0547  14 DG A OP2   
258 O "O5'" . DG A 14 ? 0.4606 0.8705 0.7115 -0.0193 0.0976  0.0543  14 DG A "O5'" 
259 C "C5'" . DG A 14 ? 0.4039 0.8266 0.6212 -0.0289 0.0981  0.0264  14 DG A "C5'" 
260 C "C4'" . DG A 14 ? 0.3658 0.7450 0.6219 -0.0242 0.1203  0.0048  14 DG A "C4'" 
261 O "O4'" . DG A 14 ? 0.3335 0.6969 0.5497 -0.0238 0.1019  0.0043  14 DG A "O4'" 
262 C "C3'" . DG A 14 ? 0.3680 0.6981 0.6715 -0.0054 0.1170  0.0442  14 DG A "C3'" 
263 O "O3'" . DG A 14 ? 0.4450 0.7581 0.8246 -0.0029 0.1579  0.0237  14 DG A "O3'" 
264 C "C2'" . DG A 14 ? 0.3001 0.6009 0.5668 0.0026  0.0849  0.0700  14 DG A "C2'" 
265 C "C1'" . DG A 14 ? 0.2889 0.5995 0.5336 -0.0085 0.0978  0.0273  14 DG A "C1'" 
266 N N9    . DG A 14 ? 0.2345 0.5277 0.4318 -0.0056 0.0695  0.0396  14 DG A N9    
267 C C8    . DG A 14 ? 0.2236 0.5194 0.3741 -0.0045 0.0355  0.0642  14 DG A C8    
268 N N7    . DG A 14 ? 0.2194 0.4969 0.3431 -0.0028 0.0210  0.0651  14 DG A N7    
269 C C5    . DG A 14 ? 0.2262 0.4881 0.3770 -0.0015 0.0437  0.0446  14 DG A C5    
270 C C6    . DG A 14 ? 0.2254 0.4657 0.3673 0.0012  0.0411  0.0391  14 DG A C6    
271 O O6    . DG A 14 ? 0.3133 0.5452 0.4159 0.0020  0.0182  0.0473  14 DG A O6    
272 N N1    . DG A 14 ? 0.2408 0.4709 0.4328 0.0018  0.0732  0.0186  14 DG A N1    
273 C C2    . DG A 14 ? 0.2466 0.4835 0.4995 -0.0005 0.1075  0.0019  14 DG A C2    
274 N N2    . DG A 14 ? 0.2583 0.4792 0.5767 0.0005  0.1427  -0.0176 14 DG A N2    
275 N N3    . DG A 14 ? 0.2479 0.5049 0.5072 -0.0031 0.1103  0.0051  14 DG A N3    
276 C C4    . DG A 14 ? 0.2364 0.5062 0.4385 -0.0033 0.0755  0.0282  14 DG A C4    
277 P P     . DG A 15 ? 0.7290 0.7725 0.8792 0.2153  0.0674  0.2596  15 DG A P     
278 O OP1   . DG A 15 ? 0.8270 0.8984 0.9141 0.3024  0.1124  0.3046  15 DG A OP1   
279 O OP2   . DG A 15 ? 0.7065 0.7573 0.9513 0.1345  0.0664  0.3043  15 DG A OP2   
280 O "O5'" . DG A 15 ? 0.6641 0.7111 0.8310 0.2008  0.0369  0.1967  15 DG A "O5'" 
281 C "C5'" . DG A 15 ? 0.5952 0.6311 0.8239 0.1300  0.0123  0.1748  15 DG A "C5'" 
282 C "C4'" . DG A 15 ? 0.5583 0.5764 0.7845 0.1329  -0.0143 0.1093  15 DG A "C4'" 
283 O "O4'" . DG A 15 ? 0.5662 0.5508 0.7734 0.1403  -0.0424 0.0611  15 DG A "O4'" 
284 C "C3'" . DG A 15 ? 0.5228 0.5424 0.8056 0.0789  -0.0200 0.1053  15 DG A "C3'" 
285 O "O3'" . DG A 15 ? 0.5344 0.5789 0.8258 0.0921  -0.0067 0.1154  15 DG A "O3'" 
286 C "C2'" . DG A 15 ? 0.4862 0.4753 0.7805 0.0687  -0.0424 0.0520  15 DG A "C2'" 
287 C "C1'" . DG A 15 ? 0.4852 0.4599 0.7431 0.0962  -0.0569 0.0333  15 DG A "C1'" 
288 N N9    . DG A 15 ? 0.4507 0.4056 0.7044 0.0728  -0.0616 0.0423  15 DG A N9    
289 C C8    . DG A 15 ? 0.4509 0.3898 0.6760 0.0700  -0.0557 0.0799  15 DG A C8    
290 N N7    . DG A 15 ? 0.4425 0.3463 0.6548 0.0552  -0.0708 0.0719  15 DG A N7    
291 C C5    . DG A 15 ? 0.4154 0.3268 0.6527 0.0527  -0.0790 0.0324  15 DG A C5    
292 C C6    . DG A 15 ? 0.4249 0.3177 0.6576 0.0518  -0.0880 0.0143  15 DG A C6    
293 O O6    . DG A 15 ? 0.4445 0.2955 0.6314 0.0559  -0.0995 0.0208  15 DG A O6    
294 N N1    . DG A 15 ? 0.3883 0.3122 0.6771 0.0508  -0.0805 -0.0086 15 DG A N1    
295 C C2    . DG A 15 ? 0.3624 0.3142 0.7034 0.0448  -0.0748 -0.0187 15 DG A C2    
296 N N2    . DG A 15 ? 0.3394 0.3131 0.7516 0.0373  -0.0663 -0.0317 15 DG A N2    
297 N N3    . DG A 15 ? 0.3714 0.3268 0.6970 0.0508  -0.0753 -0.0116 15 DG A N3    
298 C C4    . DG A 15 ? 0.3932 0.3353 0.6669 0.0574  -0.0733 0.0164  15 DG A C4    
299 P P     . DG A 16 ? 0.5248 0.5930 0.8647 0.0533  -0.0007 0.1455  16 DG A P     
300 O OP1   . DG A 16 ? 0.5516 0.6609 0.8892 0.0859  0.0198  0.1691  16 DG A OP1   
301 O OP2   . DG A 16 ? 0.5334 0.6036 0.9042 0.0154  -0.0100 0.1771  16 DG A OP2   
302 O "O5'" . DG A 16 ? 0.5005 0.5277 0.8479 0.0322  -0.0136 0.1042  16 DG A "O5'" 
303 C "C5'" . DG A 16 ? 0.5147 0.5139 0.8576 0.0481  -0.0204 0.0620  16 DG A "C5'" 
304 C "C4'" . DG A 16 ? 0.5114 0.4843 0.8865 0.0220  -0.0178 0.0479  16 DG A "C4'" 
305 O "O4'" . DG A 16 ? 0.5097 0.4740 0.8913 0.0105  -0.0257 0.0374  16 DG A "O4'" 
306 C "C3'" . DG A 16 ? 0.5253 0.4966 0.8969 0.0083  -0.0061 0.0741  16 DG A "C3'" 
307 O "O3'" . DG A 16 ? 0.5867 0.5304 0.9755 0.0085  0.0111  0.0674  16 DG A "O3'" 
308 C "C2'" . DG A 16 ? 0.5019 0.4618 0.8600 -0.0069 -0.0186 0.0809  16 DG A "C2'" 
309 C "C1'" . DG A 16 ? 0.4706 0.4209 0.8409 -0.0039 -0.0196 0.0554  16 DG A "C1'" 
310 N N9    . DG A 16 ? 0.4468 0.3860 0.7906 -0.0061 -0.0360 0.0554  16 DG A N9    
311 C C8    . DG A 16 ? 0.4163 0.3586 0.7407 -0.0092 -0.0500 0.0710  16 DG A C8    
312 N N7    . DG A 16 ? 0.4347 0.3484 0.7315 -0.0092 -0.0649 0.0677  16 DG A N7    
313 C C5    . DG A 16 ? 0.4321 0.3327 0.7270 0.0005  -0.0586 0.0479  16 DG A C5    
314 C C6    . DG A 16 ? 0.4443 0.3169 0.7057 0.0161  -0.0662 0.0375  16 DG A C6    
315 O O6    . DG A 16 ? 0.4413 0.2807 0.6589 0.0217  -0.0872 0.0375  16 DG A O6    
316 N N1    . DG A 16 ? 0.4658 0.3504 0.7490 0.0315  -0.0420 0.0325  16 DG A N1    
317 C C2    . DG A 16 ? 0.4410 0.3503 0.7773 0.0251  -0.0146 0.0389  16 DG A C2    
318 N N2    . DG A 16 ? 0.4667 0.3883 0.8339 0.0423  0.0175  0.0481  16 DG A N2    
319 N N3    . DG A 16 ? 0.4303 0.3506 0.7886 0.0085  -0.0144 0.0422  16 DG A N3    
320 C C4    . DG A 16 ? 0.4263 0.3460 0.7590 0.0001  -0.0370 0.0451  16 DG A C4    
321 P P     . DT A 17 ? 0.6296 0.5639 1.0000 0.0197  0.0266  0.0866  17 DT A P     
322 O OP1   . DT A 17 ? 0.6159 0.5880 0.9687 0.0222  0.0117  0.1071  17 DT A OP1   
323 O OP2   . DT A 17 ? 0.6380 0.5376 1.0065 0.0218  0.0500  0.0959  17 DT A OP2   
324 O "O5'" . DT A 17 ? 0.6417 0.5590 1.0231 0.0352  0.0298  0.0713  17 DT A "O5'" 
325 C "C5'" . DT A 17 ? 0.6482 0.5865 1.0086 0.0582  0.0138  0.0619  17 DT A "C5'" 
326 C "C4'" . DT A 17 ? 0.6897 0.5817 1.0596 0.0741  -0.0033 0.0260  17 DT A "C4'" 
327 O "O4'" . DT A 17 ? 0.7193 0.6234 1.0394 0.1178  -0.0221 0.0133  17 DT A "O4'" 
328 C "C3'" . DT A 17 ? 0.6842 0.5564 1.1175 0.0480  -0.0189 -0.0015 17 DT A "C3'" 
329 O "O3'" . DT A 17 ? 0.6931 0.5356 1.1839 0.0220  0.0044  0.0111  17 DT A "O3'" 
330 C "C2'" . DT A 17 ? 0.7410 0.5779 1.1651 0.0786  -0.0622 -0.0463 17 DT A "C2'" 
331 C "C1'" . DT A 17 ? 0.7550 0.6196 1.0866 0.1289  -0.0596 -0.0337 17 DT A "C1'" 
332 N N1    . DT A 17 ? 0.7398 0.6392 1.0422 0.1473  -0.0690 -0.0360 17 DT A N1    
333 C C2    . DT A 17 ? 0.6958 0.6511 0.9736 0.1483  -0.0388 0.0108  17 DT A C2    
334 O O2    . DT A 17 ? 0.6624 0.6470 0.9491 0.1338  -0.0134 0.0484  17 DT A O2    
335 N N3    . DT A 17 ? 0.7062 0.6791 0.9562 0.1678  -0.0437 0.0132  17 DT A N3    
336 C C4    . DT A 17 ? 0.7461 0.6894 0.9766 0.1947  -0.0788 -0.0319 17 DT A C4    
337 O O4    . DT A 17 ? 0.7474 0.7034 0.9387 0.2205  -0.0778 -0.0239 17 DT A O4    
338 C C5    . DT A 17 ? 0.7885 0.6815 1.0556 0.1916  -0.1205 -0.0874 17 DT A C5    
339 C C7    . DT A 17 ? 0.8426 0.7050 1.1109 0.2195  -0.1767 -0.1463 17 DT A C7    
340 C C6    . DT A 17 ? 0.7830 0.6548 1.0905 0.1642  -0.1118 -0.0836 17 DT A C6    
341 P P     . DT A 18 ? 0.7481 0.5374 1.2287 0.0333  0.0194  0.0220  18 DT A P     
342 O OP1   . DT A 18 ? 0.7693 0.5622 1.1689 0.0752  0.0039  0.0150  18 DT A OP1   
343 O OP2   . DT A 18 ? 0.7424 0.5281 1.2261 0.0238  0.0659  0.0633  18 DT A OP2   
344 O "O5'" . DT A 18 ? 0.8059 0.5385 1.3753 0.0159  -0.0094 -0.0092 18 DT A "O5'" 
345 C "C5'" . DT A 18 ? 0.8903 0.5562 1.4328 0.0424  -0.0468 -0.0406 18 DT A "C5'" 
346 C "C4'" . DT A 18 ? 0.9420 0.5733 1.5528 0.0358  -0.1122 -0.0950 18 DT A "C4'" 
347 O "O4'" . DT A 18 ? 1.0376 0.5972 1.5689 0.0881  -0.1647 -0.1380 18 DT A "O4'" 
348 C "C3'" . DT A 18 ? 0.8982 0.5919 1.5094 0.0401  -0.1363 -0.1182 18 DT A "C3'" 
349 O "O3'" . DT A 18 ? 0.8644 0.5936 1.6021 -0.0092 -0.1247 -0.1072 18 DT A "O3'" 
350 C "C2'" . DT A 18 ? 0.9865 0.6247 1.5613 0.0854  -0.2158 -0.1840 18 DT A "C2'" 
351 C "C1'" . DT A 18 ? 1.0537 0.6305 1.5285 0.1308  -0.2138 -0.1817 18 DT A "C1'" 
352 N N1    . DT A 18 ? 1.0235 0.6534 1.3668 0.1846  -0.1787 -0.1538 18 DT A N1    
353 C C2    . DT A 18 ? 1.0974 0.7104 1.3298 0.2641  -0.2144 -0.1844 18 DT A C2    
354 O O2    . DT A 18 ? 1.1944 0.7377 1.4104 0.2999  -0.2851 -0.2450 18 DT A O2    
355 N N3    . DT A 18 ? 1.0668 0.7473 1.2111 0.3064  -0.1663 -0.1388 18 DT A N3    
356 C C4    . DT A 18 ? 0.9721 0.7293 1.1393 0.2708  -0.1035 -0.0770 18 DT A C4    
357 O O4    . DT A 18 ? 0.9546 0.7775 1.0699 0.3060  -0.0691 -0.0354 18 DT A O4    
358 C C5    . DT A 18 ? 0.9076 0.6633 1.1695 0.1954  -0.0829 -0.0617 18 DT A C5    
359 C C7    . DT A 18 ? 0.8298 0.6493 1.1053 0.1657  -0.0323 -0.0074 18 DT A C7    
360 C C6    . DT A 18 ? 0.9355 0.6310 1.2750 0.1601  -0.1129 -0.0950 18 DT A C6    
361 P P     . DA A 19 ? 0.9124 0.6271 1.2184 0.1121  0.0286  0.0555  19 DA A P     
362 O OP1   . DA A 19 ? 0.9079 0.6116 1.2306 0.0713  0.0562  0.0347  19 DA A OP1   
363 O OP2   . DA A 19 ? 0.9040 0.6363 1.1868 0.1231  0.0083  0.0743  19 DA A OP2   
364 O "O5'" . DA A 19 ? 0.8576 0.6467 1.2193 0.1256  0.0206  0.0337  19 DA A "O5'" 
365 C "C5'" . DA A 19 ? 0.8030 0.6570 1.1865 0.1141  0.0248  0.0275  19 DA A "C5'" 
366 C "C4'" . DA A 19 ? 0.8097 0.6666 1.1805 0.1127  0.0391  0.0038  19 DA A "C4'" 
367 O "O4'" . DA A 19 ? 0.8422 0.6880 1.2222 0.1395  0.0519  -0.0072 19 DA A "O4'" 
368 C "C3'" . DA A 19 ? 0.7870 0.6738 1.1364 0.1125  0.0495  0.0005  19 DA A "C3'" 
369 O "O3'" . DA A 19 ? 0.7756 0.6714 1.1087 0.0931  0.0342  -0.0076 19 DA A "O3'" 
370 C "C2'" . DA A 19 ? 0.8405 0.6989 1.1477 0.1439  0.0666  -0.0207 19 DA A "C2'" 
371 C "C1'" . DA A 19 ? 0.8669 0.7051 1.2040 0.1552  0.0677  -0.0255 19 DA A "C1'" 
372 N N9    . DA A 19 ? 0.8984 0.7300 1.2433 0.1799  0.1047  -0.0258 19 DA A N9    
373 C C8    . DA A 19 ? 0.8790 0.7414 1.3020 0.1804  0.1186  -0.0212 19 DA A C8    
374 N N7    . DA A 19 ? 0.9191 0.7712 1.3564 0.1992  0.1680  -0.0324 19 DA A N7    
375 C C5    . DA A 19 ? 0.9828 0.7744 1.3104 0.2205  0.1863  -0.0362 19 DA A C5    
376 C C6    . DA A 19 ? 1.0775 0.8045 1.3310 0.2561  0.2445  -0.0435 19 DA A C6    
377 N N6    . DA A 19 ? 1.1101 0.8325 1.4194 0.2617  0.3121  -0.0482 19 DA A N6    
378 N N1    . DA A 19 ? 1.1556 0.8160 1.2732 0.2927  0.2323  -0.0533 19 DA A N1    
379 C C2    . DA A 19 ? 1.1210 0.8027 1.2195 0.2850  0.1659  -0.0653 19 DA A C2    
380 N N3    . DA A 19 ? 1.0268 0.7723 1.2092 0.2404  0.1232  -0.0596 19 DA A N3    
381 C C4    . DA A 19 ? 0.9673 0.7549 1.2450 0.2125  0.1377  -0.0388 19 DA A C4    
382 P P     . DG A 20 ? 0.7461 0.6684 1.0530 0.0893  0.0356  -0.0011 20 DG A P     
383 O OP1   . DG A 20 ? 0.6926 0.6387 1.0328 0.0737  0.0375  0.0264  20 DG A OP1   
384 O OP2   . DG A 20 ? 0.8041 0.6990 1.0478 0.1243  0.0537  -0.0126 20 DG A OP2   
385 O "O5'" . DG A 20 ? 0.7138 0.6498 1.0253 0.0723  0.0132  -0.0277 20 DG A "O5'" 
386 C "C5'" . DG A 20 ? 0.6773 0.6021 1.0337 0.0428  0.0160  -0.0338 20 DG A "C5'" 
387 C "C4'" . DG A 20 ? 0.6163 0.5588 0.9878 0.0136  0.0201  -0.0306 20 DG A "C4'" 
388 O "O4'" . DG A 20 ? 0.5820 0.5621 0.9252 0.0261  0.0044  -0.0323 20 DG A "O4'" 
389 C "C3'" . DG A 20 ? 0.6227 0.5309 0.9744 0.0009  0.0363  0.0151  20 DG A "C3'" 
390 O "O3'" . DG A 20 ? 0.6664 0.5415 1.0324 -0.0297 0.0663  0.0085  20 DG A "O3'" 
391 C "C2'" . DG A 20 ? 0.5630 0.5094 0.8926 0.0097  0.0208  0.0360  20 DG A "C2'" 
392 C "C1'" . DG A 20 ? 0.5283 0.5141 0.8609 0.0107  0.0110  0.0040  20 DG A "C1'" 
393 N N9    . DG A 20 ? 0.4722 0.4750 0.7726 0.0286  0.0065  0.0165  20 DG A N9    
394 C C8    . DG A 20 ? 0.4866 0.4752 0.7712 0.0499  0.0204  0.0247  20 DG A C8    
395 N N7    . DG A 20 ? 0.4803 0.4686 0.7398 0.0564  0.0340  0.0335  20 DG A N7    
396 C C5    . DG A 20 ? 0.4378 0.4491 0.6912 0.0427  0.0156  0.0316  20 DG A C5    
397 C C6    . DG A 20 ? 0.4280 0.4431 0.6539 0.0433  0.0190  0.0379  20 DG A C6    
398 O O6    . DG A 20 ? 0.4840 0.4721 0.6839 0.0535  0.0473  0.0471  20 DG A O6    
399 N N1    . DG A 20 ? 0.4013 0.4450 0.6339 0.0287  -0.0027 0.0301  20 DG A N1    
400 C C2    . DG A 20 ? 0.4236 0.4819 0.6923 0.0100  -0.0109 0.0170  20 DG A C2    
401 N N2    . DG A 20 ? 0.4182 0.4989 0.6979 -0.0056 -0.0152 0.0071  20 DG A N2    
402 N N3    . DG A 20 ? 0.4476 0.4899 0.7423 0.0054  -0.0047 0.0120  20 DG A N3    
403 C C4    . DG A 20 ? 0.4499 0.4732 0.7323 0.0248  0.0013  0.0203  20 DG A C4    
404 P P     . DG A 21 ? 0.7141 0.5335 1.0189 -0.0328 0.0872  0.0520  21 DG A P     
405 O OP1   . DG A 21 ? 0.8093 0.5483 1.1173 -0.0622 0.1480  0.0461  21 DG A OP1   
406 O OP2   . DG A 21 ? 0.7335 0.5333 0.9859 0.0067  0.0579  0.0858  21 DG A OP2   
407 O "O5'" . DG A 21 ? 0.6541 0.5415 0.9686 -0.0416 0.0710  0.0449  21 DG A "O5'" 
408 C "C5'" . DG A 21 ? 0.6794 0.5559 1.0061 -0.0702 0.1056  0.0344  21 DG A "C5'" 
409 C "C4'" . DG A 21 ? 0.6806 0.5579 0.9462 -0.0587 0.0937  0.0667  21 DG A "C4'" 
410 O "O4'" . DG A 21 ? 0.5949 0.5465 0.8701 -0.0411 0.0458  0.0635  21 DG A "O4'" 
411 C "C3'" . DG A 21 ? 0.7750 0.5646 0.9403 -0.0265 0.0941  0.1126  21 DG A "C3'" 
412 O "O3'" . DG A 21 ? 0.8532 0.5881 0.9552 -0.0303 0.1272  0.1295  21 DG A "O3'" 
413 C "C2'" . DG A 21 ? 0.7035 0.5552 0.8743 0.0046  0.0330  0.1171  21 DG A "C2'" 
414 C "C1'" . DG A 21 ? 0.6047 0.5422 0.8300 -0.0171 0.0232  0.0944  21 DG A "C1'" 
415 N N9    . DG A 21 ? 0.5379 0.5301 0.7962 -0.0040 -0.0051 0.0869  21 DG A N9    
416 C C8    . DG A 21 ? 0.5399 0.5377 0.8266 0.0082  -0.0084 0.0809  21 DG A C8    
417 N N7    . DG A 21 ? 0.5086 0.5409 0.8210 0.0139  -0.0109 0.0738  21 DG A N7    
418 C C5    . DG A 21 ? 0.4670 0.5184 0.7654 0.0055  -0.0162 0.0753  21 DG A C5    
419 C C6    . DG A 21 ? 0.4379 0.5092 0.7469 0.0050  -0.0093 0.0702  21 DG A C6    
420 O O6    . DG A 21 ? 0.4642 0.5324 0.7981 0.0094  0.0146  0.0637  21 DG A O6    
421 N N1    . DG A 21 ? 0.4152 0.4969 0.7003 -0.0024 -0.0199 0.0729  21 DG A N1    
422 C C2    . DG A 21 ? 0.4035 0.4782 0.6597 -0.0092 -0.0285 0.0788  21 DG A C2    
423 N N2    . DG A 21 ? 0.3741 0.4613 0.6104 -0.0139 -0.0345 0.0785  21 DG A N2    
424 N N3    . DG A 21 ? 0.4720 0.5169 0.7173 -0.0121 -0.0203 0.0843  21 DG A N3    
425 C C4    . DG A 21 ? 0.4930 0.5272 0.7596 -0.0041 -0.0175 0.0825  21 DG A C4    
426 P P     . DG A 22 ? 0.9620 0.6034 0.9234 0.0237  0.1110  0.1695  22 DG A P     
427 O OP1   . DG A 22 ? 1.1255 0.6297 0.9914 0.0183  0.1930  0.1917  22 DG A OP1   
428 O OP2   . DG A 22 ? 0.9666 0.6014 0.9074 0.0713  0.0565  0.1746  22 DG A OP2   
429 O "O5'" . DG A 22 ? 0.8662 0.5947 0.8449 0.0271  0.0661  0.1612  22 DG A "O5'" 
430 C "C5'" . DG A 22 ? 0.8391 0.5671 0.8088 0.0018  0.1032  0.1587  22 DG A "C5'" 
431 C "C4'" . DG A 22 ? 0.7783 0.5533 0.7235 0.0257  0.0510  0.1589  22 DG A "C4'" 
432 O "O4'" . DG A 22 ? 0.6471 0.5255 0.6814 0.0247  -0.0043 0.1382  22 DG A "O4'" 
433 C "C3'" . DG A 22 ? 0.8893 0.5762 0.7019 0.0908  0.0182  0.1798  22 DG A "C3'" 
434 O "O3'" . DG A 22 ? 0.8807 0.5824 0.6571 0.1005  0.0027  0.1770  22 DG A "O3'" 
435 C "C2'" . DG A 22 ? 0.8145 0.5661 0.6883 0.1200  -0.0549 0.1600  22 DG A "C2'" 
436 C "C1'" . DG A 22 ? 0.6473 0.5242 0.6537 0.0707  -0.0606 0.1364  22 DG A "C1'" 
437 N N9    . DG A 22 ? 0.5239 0.4709 0.6292 0.0678  -0.0879 0.1152  22 DG A N9    
438 C C8    . DG A 22 ? 0.5225 0.4601 0.6559 0.0734  -0.0849 0.1139  22 DG A C8    
439 N N7    . DG A 22 ? 0.4434 0.4485 0.6710 0.0662  -0.0972 0.0913  22 DG A N7    
440 C C5    . DG A 22 ? 0.3874 0.4412 0.6497 0.0521  -0.1037 0.0782  22 DG A C5    
441 C C6    . DG A 22 ? 0.3393 0.4485 0.6909 0.0365  -0.0964 0.0545  22 DG A C6    
442 O O6    . DG A 22 ? 0.3561 0.4857 0.7787 0.0317  -0.0782 0.0390  22 DG A O6    
443 N N1    . DG A 22 ? 0.3103 0.4370 0.6606 0.0262  -0.0994 0.0485  22 DG A N1    
444 C C2    . DG A 22 ? 0.2955 0.4007 0.5703 0.0317  -0.1132 0.0625  22 DG A C2    
445 N N2    . DG A 22 ? 0.2331 0.3596 0.5175 0.0223  -0.1162 0.0524  22 DG A N2    
446 N N3    . DG A 22 ? 0.3681 0.4212 0.5601 0.0454  -0.1124 0.0846  22 DG A N3    
447 C C4    . DG A 22 ? 0.4158 0.4409 0.6052 0.0542  -0.1052 0.0919  22 DG A C4    
# 
loop_
_pdbx_poly_seq_scheme.asym_id 
_pdbx_poly_seq_scheme.entity_id 
_pdbx_poly_seq_scheme.seq_id 
_pdbx_poly_seq_scheme.mon_id 
_pdbx_poly_seq_scheme.ndb_seq_num 
_pdbx_poly_seq_scheme.pdb_seq_num 
_pdbx_poly_seq_scheme.auth_seq_num 
_pdbx_poly_seq_scheme.pdb_mon_id 
_pdbx_poly_seq_scheme.auth_mon_id 
_pdbx_poly_seq_scheme.pdb_strand_id 
_pdbx_poly_seq_scheme.pdb_ins_code 
_pdbx_poly_seq_scheme.hetero 
A 1 1  DA 1  1  ?  ?  ? A . n 
A 1 2  DG 2  2  2  DG G A . n 
A 1 3  DG 3  3  3  DG G A . n 
A 1 4  DG 4  4  4  DG G A . n 
A 1 5  DT 5  5  5  DT T A . n 
A 1 6  DT 6  6  6  DT T A . n 
A 1 7  DA 7  7  7  DA A A . n 
A 1 8  DG 8  8  8  DG G A . n 
A 1 9  DG 9  9  9  DG G A . n 
A 1 10 DG 10 10 10 DG G A . n 
A 1 11 DT 11 11 11 DT T A . n 
A 1 12 DT 12 12 12 DT T A . n 
A 1 13 DA 13 13 13 DA A A . n 
A 1 14 DG 14 14 14 DG G A . n 
A 1 15 DG 15 15 15 DG G A . n 
A 1 16 DG 16 16 16 DG G A . n 
A 1 17 DT 17 17 17 DT T A . n 
A 1 18 DT 18 18 18 DT T A . n 
A 1 19 DA 19 19 19 DA A A . n 
A 1 20 DG 20 20 20 DG G A . n 
A 1 21 DG 21 21 21 DG G A . n 
A 1 22 DG 22 22 22 DG G A . n 
# 
loop_
_pdbx_nonpoly_scheme.asym_id 
_pdbx_nonpoly_scheme.entity_id 
_pdbx_nonpoly_scheme.mon_id 
_pdbx_nonpoly_scheme.ndb_seq_num 
_pdbx_nonpoly_scheme.pdb_seq_num 
_pdbx_nonpoly_scheme.auth_seq_num 
_pdbx_nonpoly_scheme.pdb_mon_id 
_pdbx_nonpoly_scheme.auth_mon_id 
_pdbx_nonpoly_scheme.pdb_strand_id 
_pdbx_nonpoly_scheme.pdb_ins_code 
B 2 K   1  24 24 K   K   A . 
C 2 K   1  25 25 K   K   A . 
D 2 K   1  26 26 K   K   A . 
E 3 R8G 1  23 1  R8G R8G A . 
F 4 HOH 1  27 27 HOH HOH A . 
F 4 HOH 2  28 28 HOH HOH A . 
F 4 HOH 3  29 29 HOH HOH A . 
F 4 HOH 4  30 1  HOH HOH A . 
F 4 HOH 5  31 2  HOH HOH A . 
F 4 HOH 6  32 3  HOH HOH A . 
F 4 HOH 7  33 4  HOH HOH A . 
F 4 HOH 8  34 5  HOH HOH A . 
F 4 HOH 9  35 6  HOH HOH A . 
F 4 HOH 10 36 7  HOH HOH A . 
F 4 HOH 11 37 8  HOH HOH A . 
F 4 HOH 12 38 9  HOH HOH A . 
F 4 HOH 13 39 10 HOH HOH A . 
F 4 HOH 14 40 11 HOH HOH A . 
F 4 HOH 15 41 12 HOH HOH A . 
F 4 HOH 16 42 13 HOH HOH A . 
F 4 HOH 17 43 14 HOH HOH A . 
F 4 HOH 18 44 15 HOH HOH A . 
F 4 HOH 19 45 16 HOH HOH A . 
F 4 HOH 20 46 17 HOH HOH A . 
F 4 HOH 21 47 18 HOH HOH A . 
F 4 HOH 22 48 19 HOH HOH A . 
F 4 HOH 23 49 20 HOH HOH A . 
F 4 HOH 24 50 21 HOH HOH A . 
F 4 HOH 25 51 22 HOH HOH A . 
F 4 HOH 26 52 23 HOH HOH A . 
F 4 HOH 27 53 24 HOH HOH A . 
F 4 HOH 28 54 25 HOH HOH A . 
F 4 HOH 29 55 26 HOH HOH A . 
# 
_pdbx_struct_assembly.id                   1 
_pdbx_struct_assembly.details              author_and_software_defined_assembly 
_pdbx_struct_assembly.method_details       PISA 
_pdbx_struct_assembly.oligomeric_details   monomeric 
_pdbx_struct_assembly.oligomeric_count     1 
# 
_pdbx_struct_assembly_gen.assembly_id       1 
_pdbx_struct_assembly_gen.oper_expression   1 
_pdbx_struct_assembly_gen.asym_id_list      A,B,C,D,E,F 
# 
_pdbx_struct_oper_list.id                   1 
_pdbx_struct_oper_list.type                 'identity operation' 
_pdbx_struct_oper_list.name                 1_555 
_pdbx_struct_oper_list.symmetry_operation   x,y,z 
_pdbx_struct_oper_list.matrix[1][1]         1.0000000000 
_pdbx_struct_oper_list.matrix[1][2]         0.0000000000 
_pdbx_struct_oper_list.matrix[1][3]         0.0000000000 
_pdbx_struct_oper_list.vector[1]            0.0000000000 
_pdbx_struct_oper_list.matrix[2][1]         0.0000000000 
_pdbx_struct_oper_list.matrix[2][2]         1.0000000000 
_pdbx_struct_oper_list.matrix[2][3]         0.0000000000 
_pdbx_struct_oper_list.vector[2]            0.0000000000 
_pdbx_struct_oper_list.matrix[3][1]         0.0000000000 
_pdbx_struct_oper_list.matrix[3][2]         0.0000000000 
_pdbx_struct_oper_list.matrix[3][3]         1.0000000000 
_pdbx_struct_oper_list.vector[3]            0.0000000000 
# 
_pdbx_struct_special_symmetry.id              1 
_pdbx_struct_special_symmetry.PDB_model_num   1 
_pdbx_struct_special_symmetry.auth_asym_id    A 
_pdbx_struct_special_symmetry.auth_comp_id    K 
_pdbx_struct_special_symmetry.auth_seq_id     26 
_pdbx_struct_special_symmetry.PDB_ins_code    ? 
_pdbx_struct_special_symmetry.label_asym_id   D 
_pdbx_struct_special_symmetry.label_comp_id   K 
_pdbx_struct_special_symmetry.label_seq_id    . 
# 
loop_
_pdbx_struct_conn_angle.id 
_pdbx_struct_conn_angle.ptnr1_label_atom_id 
_pdbx_struct_conn_angle.ptnr1_label_alt_id 
_pdbx_struct_conn_angle.ptnr1_label_asym_id 
_pdbx_struct_conn_angle.ptnr1_label_comp_id 
_pdbx_struct_conn_angle.ptnr1_label_seq_id 
_pdbx_struct_conn_angle.ptnr1_auth_atom_id 
_pdbx_struct_conn_angle.ptnr1_auth_asym_id 
_pdbx_struct_conn_angle.ptnr1_auth_comp_id 
_pdbx_struct_conn_angle.ptnr1_auth_seq_id 
_pdbx_struct_conn_angle.ptnr1_PDB_ins_code 
_pdbx_struct_conn_angle.ptnr1_symmetry 
_pdbx_struct_conn_angle.ptnr2_label_atom_id 
_pdbx_struct_conn_angle.ptnr2_label_alt_id 
_pdbx_struct_conn_angle.ptnr2_label_asym_id 
_pdbx_struct_conn_angle.ptnr2_label_comp_id 
_pdbx_struct_conn_angle.ptnr2_label_seq_id 
_pdbx_struct_conn_angle.ptnr2_auth_atom_id 
_pdbx_struct_conn_angle.ptnr2_auth_asym_id 
_pdbx_struct_conn_angle.ptnr2_auth_comp_id 
_pdbx_struct_conn_angle.ptnr2_auth_seq_id 
_pdbx_struct_conn_angle.ptnr2_PDB_ins_code 
_pdbx_struct_conn_angle.ptnr2_symmetry 
_pdbx_struct_conn_angle.ptnr3_label_atom_id 
_pdbx_struct_conn_angle.ptnr3_label_alt_id 
_pdbx_struct_conn_angle.ptnr3_label_asym_id 
_pdbx_struct_conn_angle.ptnr3_label_comp_id 
_pdbx_struct_conn_angle.ptnr3_label_seq_id 
_pdbx_struct_conn_angle.ptnr3_auth_atom_id 
_pdbx_struct_conn_angle.ptnr3_auth_asym_id 
_pdbx_struct_conn_angle.ptnr3_auth_comp_id 
_pdbx_struct_conn_angle.ptnr3_auth_seq_id 
_pdbx_struct_conn_angle.ptnr3_PDB_ins_code 
_pdbx_struct_conn_angle.ptnr3_symmetry 
_pdbx_struct_conn_angle.value 
_pdbx_struct_conn_angle.value_esd 
1  O6 ? A DG 2  ? A DG 2  ? 1_555 K ? C K . ? A K 25 ? 1_555 O6 ? A DG 3  ? A DG 3  ? 1_555 73.3  ? 
2  O6 ? A DG 2  ? A DG 2  ? 1_555 K ? C K . ? A K 25 ? 1_555 O6 ? A DG 8  ? A DG 8  ? 1_555 62.7  ? 
3  O6 ? A DG 3  ? A DG 3  ? 1_555 K ? C K . ? A K 25 ? 1_555 O6 ? A DG 8  ? A DG 8  ? 1_555 89.3  ? 
4  O6 ? A DG 2  ? A DG 2  ? 1_555 K ? C K . ? A K 25 ? 1_555 O6 ? A DG 9  ? A DG 9  ? 1_555 126.8 ? 
5  O6 ? A DG 3  ? A DG 3  ? 1_555 K ? C K . ? A K 25 ? 1_555 O6 ? A DG 9  ? A DG 9  ? 1_555 74.6  ? 
6  O6 ? A DG 8  ? A DG 8  ? 1_555 K ? C K . ? A K 25 ? 1_555 O6 ? A DG 9  ? A DG 9  ? 1_555 75.7  ? 
7  O6 ? A DG 2  ? A DG 2  ? 1_555 K ? C K . ? A K 25 ? 1_555 O6 ? A DG 14 ? A DG 14 ? 1_555 102.1 ? 
8  O6 ? A DG 3  ? A DG 3  ? 1_555 K ? C K . ? A K 25 ? 1_555 O6 ? A DG 14 ? A DG 14 ? 1_555 155.4 ? 
9  O6 ? A DG 8  ? A DG 8  ? 1_555 K ? C K . ? A K 25 ? 1_555 O6 ? A DG 14 ? A DG 14 ? 1_555 67.8  ? 
10 O6 ? A DG 9  ? A DG 9  ? 1_555 K ? C K . ? A K 25 ? 1_555 O6 ? A DG 14 ? A DG 14 ? 1_555 90.4  ? 
11 O6 ? A DG 2  ? A DG 2  ? 1_555 K ? C K . ? A K 25 ? 1_555 O6 ? A DG 15 ? A DG 15 ? 1_555 163.2 ? 
12 O6 ? A DG 3  ? A DG 3  ? 1_555 K ? C K . ? A K 25 ? 1_555 O6 ? A DG 15 ? A DG 15 ? 1_555 114.5 ? 
13 O6 ? A DG 8  ? A DG 8  ? 1_555 K ? C K . ? A K 25 ? 1_555 O6 ? A DG 15 ? A DG 15 ? 1_555 129.8 ? 
14 O6 ? A DG 9  ? A DG 9  ? 1_555 K ? C K . ? A K 25 ? 1_555 O6 ? A DG 15 ? A DG 15 ? 1_555 69.9  ? 
15 O6 ? A DG 14 ? A DG 14 ? 1_555 K ? C K . ? A K 25 ? 1_555 O6 ? A DG 15 ? A DG 15 ? 1_555 76.9  ? 
16 O6 ? A DG 2  ? A DG 2  ? 1_555 K ? C K . ? A K 25 ? 1_555 O6 ? A DG 20 ? A DG 20 ? 1_555 73.3  ? 
17 O6 ? A DG 3  ? A DG 3  ? 1_555 K ? C K . ? A K 25 ? 1_555 O6 ? A DG 20 ? A DG 20 ? 1_555 128.7 ? 
18 O6 ? A DG 8  ? A DG 8  ? 1_555 K ? C K . ? A K 25 ? 1_555 O6 ? A DG 20 ? A DG 20 ? 1_555 108.2 ? 
19 O6 ? A DG 9  ? A DG 9  ? 1_555 K ? C K . ? A K 25 ? 1_555 O6 ? A DG 20 ? A DG 20 ? 1_555 155.6 ? 
20 O6 ? A DG 14 ? A DG 14 ? 1_555 K ? C K . ? A K 25 ? 1_555 O6 ? A DG 20 ? A DG 20 ? 1_555 70.0  ? 
21 O6 ? A DG 15 ? A DG 15 ? 1_555 K ? C K . ? A K 25 ? 1_555 O6 ? A DG 20 ? A DG 20 ? 1_555 90.9  ? 
22 O6 ? A DG 2  ? A DG 2  ? 1_555 K ? C K . ? A K 25 ? 1_555 O6 ? A DG 21 ? A DG 21 ? 1_555 94.0  ? 
23 O6 ? A DG 3  ? A DG 3  ? 1_555 K ? C K . ? A K 25 ? 1_555 O6 ? A DG 21 ? A DG 21 ? 1_555 78.4  ? 
24 O6 ? A DG 8  ? A DG 8  ? 1_555 K ? C K . ? A K 25 ? 1_555 O6 ? A DG 21 ? A DG 21 ? 1_555 156.2 ? 
25 O6 ? A DG 9  ? A DG 9  ? 1_555 K ? C K . ? A K 25 ? 1_555 O6 ? A DG 21 ? A DG 21 ? 1_555 119.4 ? 
26 O6 ? A DG 14 ? A DG 14 ? 1_555 K ? C K . ? A K 25 ? 1_555 O6 ? A DG 21 ? A DG 21 ? 1_555 126.2 ? 
27 O6 ? A DG 15 ? A DG 15 ? 1_555 K ? C K . ? A K 25 ? 1_555 O6 ? A DG 21 ? A DG 21 ? 1_555 74.0  ? 
28 O6 ? A DG 20 ? A DG 20 ? 1_555 K ? C K . ? A K 25 ? 1_555 O6 ? A DG 21 ? A DG 21 ? 1_555 66.3  ? 
29 O6 ? A DG 2  ? A DG 2  ? 1_555 K ? D K . ? A K 26 ? 1_555 O6 ? A DG 8  ? A DG 8  ? 1_555 65.2  ? 
30 O6 ? A DG 2  ? A DG 2  ? 1_555 K ? D K . ? A K 26 ? 1_555 O6 ? A DG 14 ? A DG 14 ? 1_555 109.5 ? 
31 O6 ? A DG 8  ? A DG 8  ? 1_555 K ? D K . ? A K 26 ? 1_555 O6 ? A DG 14 ? A DG 14 ? 1_555 72.2  ? 
32 O6 ? A DG 2  ? A DG 2  ? 1_555 K ? D K . ? A K 26 ? 1_555 O6 ? A DG 20 ? A DG 20 ? 1_555 73.9  ? 
33 O6 ? A DG 8  ? A DG 8  ? 1_555 K ? D K . ? A K 26 ? 1_555 O6 ? A DG 20 ? A DG 20 ? 1_555 110.6 ? 
34 O6 ? A DG 14 ? A DG 14 ? 1_555 K ? D K . ? A K 26 ? 1_555 O6 ? A DG 20 ? A DG 20 ? 1_555 72.0  ? 
35 O6 ? A DG 3  ? A DG 3  ? 1_555 K ? B K . ? A K 24 ? 1_555 O6 ? A DG 4  ? A DG 4  ? 1_555 75.0  ? 
36 O6 ? A DG 3  ? A DG 3  ? 1_555 K ? B K . ? A K 24 ? 1_555 O6 ? A DG 9  ? A DG 9  ? 1_555 68.7  ? 
37 O6 ? A DG 4  ? A DG 4  ? 1_555 K ? B K . ? A K 24 ? 1_555 O6 ? A DG 9  ? A DG 9  ? 1_555 89.6  ? 
38 O6 ? A DG 3  ? A DG 3  ? 1_555 K ? B K . ? A K 24 ? 1_555 O6 ? A DG 10 ? A DG 10 ? 1_555 123.7 ? 
39 O6 ? A DG 4  ? A DG 4  ? 1_555 K ? B K . ? A K 24 ? 1_555 O6 ? A DG 10 ? A DG 10 ? 1_555 72.6  ? 
40 O6 ? A DG 9  ? A DG 9  ? 1_555 K ? B K . ? A K 24 ? 1_555 O6 ? A DG 10 ? A DG 10 ? 1_555 66.3  ? 
41 O6 ? A DG 3  ? A DG 3  ? 1_555 K ? B K . ? A K 24 ? 1_555 O6 ? A DG 15 ? A DG 15 ? 1_555 104.8 ? 
42 O6 ? A DG 4  ? A DG 4  ? 1_555 K ? B K . ? A K 24 ? 1_555 O6 ? A DG 15 ? A DG 15 ? 1_555 150.8 ? 
43 O6 ? A DG 9  ? A DG 9  ? 1_555 K ? B K . ? A K 24 ? 1_555 O6 ? A DG 15 ? A DG 15 ? 1_555 64.3  ? 
44 O6 ? A DG 10 ? A DG 10 ? 1_555 K ? B K . ? A K 24 ? 1_555 O6 ? A DG 15 ? A DG 15 ? 1_555 84.4  ? 
45 O6 ? A DG 3  ? A DG 3  ? 1_555 K ? B K . ? A K 24 ? 1_555 O6 ? A DG 16 ? A DG 16 ? 1_555 147.8 ? 
46 O6 ? A DG 4  ? A DG 4  ? 1_555 K ? B K . ? A K 24 ? 1_555 O6 ? A DG 16 ? A DG 16 ? 1_555 131.2 ? 
47 O6 ? A DG 9  ? A DG 9  ? 1_555 K ? B K . ? A K 24 ? 1_555 O6 ? A DG 16 ? A DG 16 ? 1_555 121.5 ? 
48 O6 ? A DG 10 ? A DG 10 ? 1_555 K ? B K . ? A K 24 ? 1_555 O6 ? A DG 16 ? A DG 16 ? 1_555 86.1  ? 
49 O6 ? A DG 15 ? A DG 15 ? 1_555 K ? B K . ? A K 24 ? 1_555 O6 ? A DG 16 ? A DG 16 ? 1_555 62.5  ? 
50 O6 ? A DG 3  ? A DG 3  ? 1_555 K ? B K . ? A K 24 ? 1_555 O6 ? A DG 21 ? A DG 21 ? 1_555 68.3  ? 
51 O6 ? A DG 4  ? A DG 4  ? 1_555 K ? B K . ? A K 24 ? 1_555 O6 ? A DG 21 ? A DG 21 ? 1_555 136.2 ? 
52 O6 ? A DG 9  ? A DG 9  ? 1_555 K ? B K . ? A K 24 ? 1_555 O6 ? A DG 21 ? A DG 21 ? 1_555 98.3  ? 
53 O6 ? A DG 10 ? A DG 10 ? 1_555 K ? B K . ? A K 24 ? 1_555 O6 ? A DG 21 ? A DG 21 ? 1_555 149.2 ? 
54 O6 ? A DG 15 ? A DG 15 ? 1_555 K ? B K . ? A K 24 ? 1_555 O6 ? A DG 21 ? A DG 21 ? 1_555 64.8  ? 
55 O6 ? A DG 16 ? A DG 16 ? 1_555 K ? B K . ? A K 24 ? 1_555 O6 ? A DG 21 ? A DG 21 ? 1_555 79.8  ? 
56 O6 ? A DG 3  ? A DG 3  ? 1_555 K ? B K . ? A K 24 ? 1_555 O6 ? A DG 22 ? A DG 22 ? 1_555 96.4  ? 
57 O6 ? A DG 4  ? A DG 4  ? 1_555 K ? B K . ? A K 24 ? 1_555 O6 ? A DG 22 ? A DG 22 ? 1_555 80.8  ? 
58 O6 ? A DG 9  ? A DG 9  ? 1_555 K ? B K . ? A K 24 ? 1_555 O6 ? A DG 22 ? A DG 22 ? 1_555 164.1 ? 
59 O6 ? A DG 10 ? A DG 10 ? 1_555 K ? B K . ? A K 24 ? 1_555 O6 ? A DG 22 ? A DG 22 ? 1_555 121.8 ? 
60 O6 ? A DG 15 ? A DG 15 ? 1_555 K ? B K . ? A K 24 ? 1_555 O6 ? A DG 22 ? A DG 22 ? 1_555 127.5 ? 
61 O6 ? A DG 16 ? A DG 16 ? 1_555 K ? B K . ? A K 24 ? 1_555 O6 ? A DG 22 ? A DG 22 ? 1_555 74.0  ? 
62 O6 ? A DG 21 ? A DG 21 ? 1_555 K ? B K . ? A K 24 ? 1_555 O6 ? A DG 22 ? A DG 22 ? 1_555 80.4  ? 
# 
loop_
_pdbx_audit_revision_history.ordinal 
_pdbx_audit_revision_history.data_content_type 
_pdbx_audit_revision_history.major_revision 
_pdbx_audit_revision_history.minor_revision 
_pdbx_audit_revision_history.revision_date 
1 'Structure model' 1 0 2012-02-15 
2 'Structure model' 1 1 2012-02-22 
3 'Structure model' 1 2 2023-09-13 
# 
_pdbx_audit_revision_details.ordinal             1 
_pdbx_audit_revision_details.revision_ordinal    1 
_pdbx_audit_revision_details.data_content_type   'Structure model' 
_pdbx_audit_revision_details.provider            repository 
_pdbx_audit_revision_details.type                'Initial release' 
_pdbx_audit_revision_details.description         ? 
_pdbx_audit_revision_details.details             ? 
# 
loop_
_pdbx_audit_revision_group.ordinal 
_pdbx_audit_revision_group.revision_ordinal 
_pdbx_audit_revision_group.data_content_type 
_pdbx_audit_revision_group.group 
1 2 'Structure model' 'Database references'    
2 3 'Structure model' 'Data collection'        
3 3 'Structure model' 'Database references'    
4 3 'Structure model' 'Derived calculations'   
5 3 'Structure model' 'Refinement description' 
# 
loop_
_pdbx_audit_revision_category.ordinal 
_pdbx_audit_revision_category.revision_ordinal 
_pdbx_audit_revision_category.data_content_type 
_pdbx_audit_revision_category.category 
1 3 'Structure model' chem_comp_atom                
2 3 'Structure model' chem_comp_bond                
3 3 'Structure model' database_2                    
4 3 'Structure model' pdbx_initial_refinement_model 
5 3 'Structure model' pdbx_struct_conn_angle        
6 3 'Structure model' struct_conn                   
7 3 'Structure model' struct_site                   
# 
loop_
_pdbx_audit_revision_item.ordinal 
_pdbx_audit_revision_item.revision_ordinal 
_pdbx_audit_revision_item.data_content_type 
_pdbx_audit_revision_item.item 
1  3 'Structure model' '_database_2.pdbx_DOI'                        
2  3 'Structure model' '_database_2.pdbx_database_accession'         
3  3 'Structure model' '_pdbx_struct_conn_angle.ptnr1_auth_seq_id'   
4  3 'Structure model' '_pdbx_struct_conn_angle.ptnr1_label_seq_id'  
5  3 'Structure model' '_pdbx_struct_conn_angle.ptnr2_auth_seq_id'   
6  3 'Structure model' '_pdbx_struct_conn_angle.ptnr2_label_asym_id' 
7  3 'Structure model' '_pdbx_struct_conn_angle.ptnr3_auth_seq_id'   
8  3 'Structure model' '_pdbx_struct_conn_angle.ptnr3_label_seq_id'  
9  3 'Structure model' '_pdbx_struct_conn_angle.value'               
10 3 'Structure model' '_struct_conn.pdbx_dist_value'                
11 3 'Structure model' '_struct_conn.ptnr1_auth_seq_id'              
12 3 'Structure model' '_struct_conn.ptnr1_label_seq_id'             
13 3 'Structure model' '_struct_conn.ptnr2_auth_seq_id'              
14 3 'Structure model' '_struct_conn.ptnr2_label_asym_id'            
15 3 'Structure model' '_struct_site.pdbx_auth_asym_id'              
16 3 'Structure model' '_struct_site.pdbx_auth_comp_id'              
17 3 'Structure model' '_struct_site.pdbx_auth_seq_id'               
# 
loop_
_pdbx_refine_tls.pdbx_refine_id 
_pdbx_refine_tls.id 
_pdbx_refine_tls.details 
_pdbx_refine_tls.method 
_pdbx_refine_tls.origin_x 
_pdbx_refine_tls.origin_y 
_pdbx_refine_tls.origin_z 
_pdbx_refine_tls.T[1][1] 
_pdbx_refine_tls.T[2][2] 
_pdbx_refine_tls.T[3][3] 
_pdbx_refine_tls.T[1][2] 
_pdbx_refine_tls.T[1][3] 
_pdbx_refine_tls.T[2][3] 
_pdbx_refine_tls.L[1][1] 
_pdbx_refine_tls.L[2][2] 
_pdbx_refine_tls.L[3][3] 
_pdbx_refine_tls.L[1][2] 
_pdbx_refine_tls.L[1][3] 
_pdbx_refine_tls.L[2][3] 
_pdbx_refine_tls.S[1][1] 
_pdbx_refine_tls.S[1][2] 
_pdbx_refine_tls.S[1][3] 
_pdbx_refine_tls.S[2][1] 
_pdbx_refine_tls.S[2][2] 
_pdbx_refine_tls.S[2][3] 
_pdbx_refine_tls.S[3][1] 
_pdbx_refine_tls.S[3][2] 
_pdbx_refine_tls.S[3][3] 
'X-RAY DIFFRACTION' 1 ? refined 5.9975  -4.3980  -4.8457 0.2896 0.3308 0.1196 0.1749 -0.0030 -0.0384 5.0409  8.6343  7.3770 -1.5409  -0.3620 1.3752  0.2933  0.4359  -0.0118 -1.0144 -0.3440 -0.7607 -0.3307 0.4744  0.0507  
'X-RAY DIFFRACTION' 2 ? refined 4.1519  -10.0508 -0.9925 0.1821 0.1190 0.0550 0.0053 -0.0616 -0.0021 6.0908  10.9551 7.6171 -7.3361  -5.3755 6.7318  0.1066  0.1616  -0.2792 0.2813  -0.3574 0.0481  0.4271  -0.2473 0.2508  
'X-RAY DIFFRACTION' 3 ? refined -7.7671 -3.0326  6.3684  0.1946 0.5383 0.4277 0.0058 -0.0167 0.2075  13.1537 1.1740  1.5761 2.4538   -3.6372 -1.3157 0.3592  -0.5268 0.5407  0.0501  0.2649  0.6349  -0.1001 -0.2095 -0.6240 
'X-RAY DIFFRACTION' 4 ? refined -2.5445 11.2646  0.9268  0.2306 0.1821 0.6374 0.0326 -0.0313 0.0076  8.4491  13.4566 9.7369 -10.6123 2.7120  -2.9811 -0.3974 -0.5803 0.8924  0.5056  0.7852  -0.9321 -0.4344 -0.2610 -0.3878 
'X-RAY DIFFRACTION' 5 ? refined 3.9818  8.5028   -0.1718 0.2090 0.1901 0.5231 0.0188 0.0030  0.0667  5.7565  18.8375 8.5773 -8.3556  -3.9594 9.7564  0.0465  0.0224  0.7785  -0.3778 0.1658  0.3299  -0.8247 -0.0946 -0.2123  
# 
loop_
_pdbx_refine_tls_group.pdbx_refine_id 
_pdbx_refine_tls_group.id 
_pdbx_refine_tls_group.refine_tls_id 
_pdbx_refine_tls_group.beg_auth_asym_id 
_pdbx_refine_tls_group.beg_auth_seq_id 
_pdbx_refine_tls_group.beg_label_asym_id 
_pdbx_refine_tls_group.beg_label_seq_id 
_pdbx_refine_tls_group.end_auth_asym_id 
_pdbx_refine_tls_group.end_auth_seq_id 
_pdbx_refine_tls_group.end_label_asym_id 
_pdbx_refine_tls_group.end_label_seq_id 
_pdbx_refine_tls_group.selection 
_pdbx_refine_tls_group.selection_details 
'X-RAY DIFFRACTION' 1 1 A 2  ? ? A 5  ? ? ? ? 
'X-RAY DIFFRACTION' 2 2 A 6  ? ? A 9  ? ? ? ? 
'X-RAY DIFFRACTION' 3 3 A 10 ? ? A 14 ? ? ? ? 
'X-RAY DIFFRACTION' 4 4 A 15 ? ? A 18 ? ? ? ? 
'X-RAY DIFFRACTION' 5 5 A 19 ? ? A 22 ? ? ? ? 
# 
loop_
_software.name 
_software.classification 
_software.version 
_software.citation_id 
_software.pdbx_ordinal 
GDA    'data collection' .        ? 1 
PHASER phasing           .        ? 2 
REFMAC refinement        5.5.0072 ? 3 
XDS    'data reduction'  .        ? 4 
SCALA  'data scaling'    .        ? 5 
# 
loop_
_pdbx_validate_rmsd_angle.id 
_pdbx_validate_rmsd_angle.PDB_model_num 
_pdbx_validate_rmsd_angle.auth_atom_id_1 
_pdbx_validate_rmsd_angle.auth_asym_id_1 
_pdbx_validate_rmsd_angle.auth_comp_id_1 
_pdbx_validate_rmsd_angle.auth_seq_id_1 
_pdbx_validate_rmsd_angle.PDB_ins_code_1 
_pdbx_validate_rmsd_angle.label_alt_id_1 
_pdbx_validate_rmsd_angle.auth_atom_id_2 
_pdbx_validate_rmsd_angle.auth_asym_id_2 
_pdbx_validate_rmsd_angle.auth_comp_id_2 
_pdbx_validate_rmsd_angle.auth_seq_id_2 
_pdbx_validate_rmsd_angle.PDB_ins_code_2 
_pdbx_validate_rmsd_angle.label_alt_id_2 
_pdbx_validate_rmsd_angle.auth_atom_id_3 
_pdbx_validate_rmsd_angle.auth_asym_id_3 
_pdbx_validate_rmsd_angle.auth_comp_id_3 
_pdbx_validate_rmsd_angle.auth_seq_id_3 
_pdbx_validate_rmsd_angle.PDB_ins_code_3 
_pdbx_validate_rmsd_angle.label_alt_id_3 
_pdbx_validate_rmsd_angle.angle_value 
_pdbx_validate_rmsd_angle.angle_target_value 
_pdbx_validate_rmsd_angle.angle_deviation 
_pdbx_validate_rmsd_angle.angle_standard_deviation 
_pdbx_validate_rmsd_angle.linker_flag 
1 1 "O4'" A DT 11 ? ? "C1'" A DT 11 ? ? N1    A DT 11 ? ? 111.35 108.30 3.05  0.30 N 
2 1 "C1'" A DA 13 ? ? "O4'" A DA 13 ? ? "C4'" A DA 13 ? ? 102.20 110.10 -7.90 1.00 N 
3 1 "O4'" A DA 13 ? ? "C1'" A DA 13 ? ? N9    A DA 13 ? ? 112.77 108.30 4.47  0.30 N 
# 
_pdbx_unobs_or_zero_occ_residues.id               1 
_pdbx_unobs_or_zero_occ_residues.PDB_model_num    1 
_pdbx_unobs_or_zero_occ_residues.polymer_flag     Y 
_pdbx_unobs_or_zero_occ_residues.occupancy_flag   1 
_pdbx_unobs_or_zero_occ_residues.auth_asym_id     A 
_pdbx_unobs_or_zero_occ_residues.auth_comp_id     DA 
_pdbx_unobs_or_zero_occ_residues.auth_seq_id      1 
_pdbx_unobs_or_zero_occ_residues.PDB_ins_code     ? 
_pdbx_unobs_or_zero_occ_residues.label_asym_id    A 
_pdbx_unobs_or_zero_occ_residues.label_comp_id    DA 
_pdbx_unobs_or_zero_occ_residues.label_seq_id     1 
# 
loop_
_chem_comp_atom.comp_id 
_chem_comp_atom.atom_id 
_chem_comp_atom.type_symbol 
_chem_comp_atom.pdbx_aromatic_flag 
_chem_comp_atom.pdbx_stereo_config 
_chem_comp_atom.pdbx_ordinal 
DA  OP3    O N N 1   
DA  P      P N N 2   
DA  OP1    O N N 3   
DA  OP2    O N N 4   
DA  "O5'"  O N N 5   
DA  "C5'"  C N N 6   
DA  "C4'"  C N R 7   
DA  "O4'"  O N N 8   
DA  "C3'"  C N S 9   
DA  "O3'"  O N N 10  
DA  "C2'"  C N N 11  
DA  "C1'"  C N R 12  
DA  N9     N Y N 13  
DA  C8     C Y N 14  
DA  N7     N Y N 15  
DA  C5     C Y N 16  
DA  C6     C Y N 17  
DA  N6     N N N 18  
DA  N1     N Y N 19  
DA  C2     C Y N 20  
DA  N3     N Y N 21  
DA  C4     C Y N 22  
DA  HOP3   H N N 23  
DA  HOP2   H N N 24  
DA  "H5'"  H N N 25  
DA  "H5''" H N N 26  
DA  "H4'"  H N N 27  
DA  "H3'"  H N N 28  
DA  "HO3'" H N N 29  
DA  "H2'"  H N N 30  
DA  "H2''" H N N 31  
DA  "H1'"  H N N 32  
DA  H8     H N N 33  
DA  H61    H N N 34  
DA  H62    H N N 35  
DA  H2     H N N 36  
DG  OP3    O N N 37  
DG  P      P N N 38  
DG  OP1    O N N 39  
DG  OP2    O N N 40  
DG  "O5'"  O N N 41  
DG  "C5'"  C N N 42  
DG  "C4'"  C N R 43  
DG  "O4'"  O N N 44  
DG  "C3'"  C N S 45  
DG  "O3'"  O N N 46  
DG  "C2'"  C N N 47  
DG  "C1'"  C N R 48  
DG  N9     N Y N 49  
DG  C8     C Y N 50  
DG  N7     N Y N 51  
DG  C5     C Y N 52  
DG  C6     C N N 53  
DG  O6     O N N 54  
DG  N1     N N N 55  
DG  C2     C N N 56  
DG  N2     N N N 57  
DG  N3     N N N 58  
DG  C4     C Y N 59  
DG  HOP3   H N N 60  
DG  HOP2   H N N 61  
DG  "H5'"  H N N 62  
DG  "H5''" H N N 63  
DG  "H4'"  H N N 64  
DG  "H3'"  H N N 65  
DG  "HO3'" H N N 66  
DG  "H2'"  H N N 67  
DG  "H2''" H N N 68  
DG  "H1'"  H N N 69  
DG  H8     H N N 70  
DG  H1     H N N 71  
DG  H21    H N N 72  
DG  H22    H N N 73  
DT  OP3    O N N 74  
DT  P      P N N 75  
DT  OP1    O N N 76  
DT  OP2    O N N 77  
DT  "O5'"  O N N 78  
DT  "C5'"  C N N 79  
DT  "C4'"  C N R 80  
DT  "O4'"  O N N 81  
DT  "C3'"  C N S 82  
DT  "O3'"  O N N 83  
DT  "C2'"  C N N 84  
DT  "C1'"  C N R 85  
DT  N1     N N N 86  
DT  C2     C N N 87  
DT  O2     O N N 88  
DT  N3     N N N 89  
DT  C4     C N N 90  
DT  O4     O N N 91  
DT  C5     C N N 92  
DT  C7     C N N 93  
DT  C6     C N N 94  
DT  HOP3   H N N 95  
DT  HOP2   H N N 96  
DT  "H5'"  H N N 97  
DT  "H5''" H N N 98  
DT  "H4'"  H N N 99  
DT  "H3'"  H N N 100 
DT  "HO3'" H N N 101 
DT  "H2'"  H N N 102 
DT  "H2''" H N N 103 
DT  "H1'"  H N N 104 
DT  H3     H N N 105 
DT  H71    H N N 106 
DT  H72    H N N 107 
DT  H73    H N N 108 
DT  H6     H N N 109 
HOH O      O N N 110 
HOH H1     H N N 111 
HOH H2     H N N 112 
K   K      K N N 113 
R8G CAA    C N N 114 
R8G CAB    C N N 115 
R8G CAC    C N N 116 
R8G CAD    C N N 117 
R8G OAE    O N N 118 
R8G OAF    O N N 119 
R8G OAG    O N N 120 
R8G OAH    O N N 121 
R8G CAI    C Y N 122 
R8G CAJ    C Y N 123 
R8G CAK    C N N 124 
R8G CAL    C N N 125 
R8G CAM    C N N 126 
R8G CAN    C N N 127 
R8G CAO    C N N 128 
R8G CAP    C N N 129 
R8G CAQ    C N N 130 
R8G CAR    C N N 131 
R8G CAS    C N N 132 
R8G CAT    C N N 133 
R8G CAU    C N N 134 
R8G CAV    C N N 135 
R8G CAW    C N N 136 
R8G CAX    C N N 137 
R8G CAY    C N N 138 
R8G CAZ    C N N 139 
R8G CBA    C N N 140 
R8G CBB    C N N 141 
R8G CBC    C N N 142 
R8G CBD    C N N 143 
R8G CBE    C N N 144 
R8G CBF    C N N 145 
R8G CBG    C N N 146 
R8G CBH    C N N 147 
R8G CBI    C N N 148 
R8G CBJ    C N N 149 
R8G CBK    C N N 150 
R8G CBL    C N N 151 
R8G NBM    N N N 152 
R8G NBN    N N N 153 
R8G CBO    C Y N 154 
R8G CBP    C Y N 155 
R8G CBQ    C N N 156 
R8G CBR    C N N 157 
R8G CBS    C N N 158 
R8G CBT    C N N 159 
R8G CBU    C Y N 160 
R8G CBV    C Y N 161 
R8G CBW    C Y N 162 
R8G CBX    C Y N 163 
R8G CBY    C Y N 164 
R8G CBZ    C Y N 165 
R8G NCA    N N N 166 
R8G NCB    N N N 167 
R8G NCC    N N N 168 
R8G NCD    N N N 169 
R8G NCE    N N N 170 
R8G NCF    N N N 171 
R8G NCG    N N N 172 
R8G NCH    N N N 173 
R8G NCI    N N N 174 
R8G NCJ    N N N 175 
R8G H1     H N N 176 
R8G H2     H N N 177 
R8G H3     H N N 178 
R8G H4     H N N 179 
R8G H5     H N N 180 
R8G H6     H N N 181 
R8G H7     H N N 182 
R8G H8     H N N 183 
R8G H9     H N N 184 
R8G H10    H N N 185 
R8G H11    H N N 186 
R8G H12    H N N 187 
R8G H13    H N N 188 
R8G H14    H N N 189 
R8G H15    H N N 190 
R8G H16    H N N 191 
R8G H17    H N N 192 
R8G H18    H N N 193 
R8G H19    H N N 194 
R8G H20    H N N 195 
R8G H21    H N N 196 
R8G H22    H N N 197 
R8G H23    H N N 198 
R8G H24    H N N 199 
R8G H25    H N N 200 
R8G H26    H N N 201 
R8G H27    H N N 202 
R8G H28    H N N 203 
R8G H29    H N N 204 
R8G H30    H N N 205 
R8G H31    H N N 206 
R8G H32    H N N 207 
R8G H33    H N N 208 
R8G H34    H N N 209 
R8G H35    H N N 210 
R8G H36    H N N 211 
R8G H37    H N N 212 
R8G H38    H N N 213 
R8G H39    H N N 214 
R8G H40    H N N 215 
R8G H41    H N N 216 
R8G H42    H N N 217 
R8G H43    H N N 218 
R8G H44    H N N 219 
R8G H45    H N N 220 
R8G H46    H N N 221 
R8G H47    H N N 222 
R8G H48    H N N 223 
R8G H49    H N N 224 
R8G H50    H N N 225 
R8G H51    H N N 226 
R8G H52    H N N 227 
R8G H53    H N N 228 
R8G H54    H N N 229 
R8G H55    H N N 230 
R8G H56    H N N 231 
R8G H57    H N N 232 
R8G H58    H N N 233 
R8G H59    H N N 234 
R8G H60    H N N 235 
R8G H61    H N N 236 
R8G H62    H N N 237 
R8G H63    H N N 238 
R8G H64    H N N 239 
R8G H65    H N N 240 
R8G H66    H N N 241 
R8G H67    H N N 242 
R8G H68    H N N 243 
R8G H69    H N N 244 
R8G H70    H N N 245 
R8G H71    H N N 246 
R8G H72    H N N 247 
# 
loop_
_chem_comp_bond.comp_id 
_chem_comp_bond.atom_id_1 
_chem_comp_bond.atom_id_2 
_chem_comp_bond.value_order 
_chem_comp_bond.pdbx_aromatic_flag 
_chem_comp_bond.pdbx_stereo_config 
_chem_comp_bond.pdbx_ordinal 
DA  OP3   P      sing N N 1   
DA  OP3   HOP3   sing N N 2   
DA  P     OP1    doub N N 3   
DA  P     OP2    sing N N 4   
DA  P     "O5'"  sing N N 5   
DA  OP2   HOP2   sing N N 6   
DA  "O5'" "C5'"  sing N N 7   
DA  "C5'" "C4'"  sing N N 8   
DA  "C5'" "H5'"  sing N N 9   
DA  "C5'" "H5''" sing N N 10  
DA  "C4'" "O4'"  sing N N 11  
DA  "C4'" "C3'"  sing N N 12  
DA  "C4'" "H4'"  sing N N 13  
DA  "O4'" "C1'"  sing N N 14  
DA  "C3'" "O3'"  sing N N 15  
DA  "C3'" "C2'"  sing N N 16  
DA  "C3'" "H3'"  sing N N 17  
DA  "O3'" "HO3'" sing N N 18  
DA  "C2'" "C1'"  sing N N 19  
DA  "C2'" "H2'"  sing N N 20  
DA  "C2'" "H2''" sing N N 21  
DA  "C1'" N9     sing N N 22  
DA  "C1'" "H1'"  sing N N 23  
DA  N9    C8     sing Y N 24  
DA  N9    C4     sing Y N 25  
DA  C8    N7     doub Y N 26  
DA  C8    H8     sing N N 27  
DA  N7    C5     sing Y N 28  
DA  C5    C6     sing Y N 29  
DA  C5    C4     doub Y N 30  
DA  C6    N6     sing N N 31  
DA  C6    N1     doub Y N 32  
DA  N6    H61    sing N N 33  
DA  N6    H62    sing N N 34  
DA  N1    C2     sing Y N 35  
DA  C2    N3     doub Y N 36  
DA  C2    H2     sing N N 37  
DA  N3    C4     sing Y N 38  
DG  OP3   P      sing N N 39  
DG  OP3   HOP3   sing N N 40  
DG  P     OP1    doub N N 41  
DG  P     OP2    sing N N 42  
DG  P     "O5'"  sing N N 43  
DG  OP2   HOP2   sing N N 44  
DG  "O5'" "C5'"  sing N N 45  
DG  "C5'" "C4'"  sing N N 46  
DG  "C5'" "H5'"  sing N N 47  
DG  "C5'" "H5''" sing N N 48  
DG  "C4'" "O4'"  sing N N 49  
DG  "C4'" "C3'"  sing N N 50  
DG  "C4'" "H4'"  sing N N 51  
DG  "O4'" "C1'"  sing N N 52  
DG  "C3'" "O3'"  sing N N 53  
DG  "C3'" "C2'"  sing N N 54  
DG  "C3'" "H3'"  sing N N 55  
DG  "O3'" "HO3'" sing N N 56  
DG  "C2'" "C1'"  sing N N 57  
DG  "C2'" "H2'"  sing N N 58  
DG  "C2'" "H2''" sing N N 59  
DG  "C1'" N9     sing N N 60  
DG  "C1'" "H1'"  sing N N 61  
DG  N9    C8     sing Y N 62  
DG  N9    C4     sing Y N 63  
DG  C8    N7     doub Y N 64  
DG  C8    H8     sing N N 65  
DG  N7    C5     sing Y N 66  
DG  C5    C6     sing N N 67  
DG  C5    C4     doub Y N 68  
DG  C6    O6     doub N N 69  
DG  C6    N1     sing N N 70  
DG  N1    C2     sing N N 71  
DG  N1    H1     sing N N 72  
DG  C2    N2     sing N N 73  
DG  C2    N3     doub N N 74  
DG  N2    H21    sing N N 75  
DG  N2    H22    sing N N 76  
DG  N3    C4     sing N N 77  
DT  OP3   P      sing N N 78  
DT  OP3   HOP3   sing N N 79  
DT  P     OP1    doub N N 80  
DT  P     OP2    sing N N 81  
DT  P     "O5'"  sing N N 82  
DT  OP2   HOP2   sing N N 83  
DT  "O5'" "C5'"  sing N N 84  
DT  "C5'" "C4'"  sing N N 85  
DT  "C5'" "H5'"  sing N N 86  
DT  "C5'" "H5''" sing N N 87  
DT  "C4'" "O4'"  sing N N 88  
DT  "C4'" "C3'"  sing N N 89  
DT  "C4'" "H4'"  sing N N 90  
DT  "O4'" "C1'"  sing N N 91  
DT  "C3'" "O3'"  sing N N 92  
DT  "C3'" "C2'"  sing N N 93  
DT  "C3'" "H3'"  sing N N 94  
DT  "O3'" "HO3'" sing N N 95  
DT  "C2'" "C1'"  sing N N 96  
DT  "C2'" "H2'"  sing N N 97  
DT  "C2'" "H2''" sing N N 98  
DT  "C1'" N1     sing N N 99  
DT  "C1'" "H1'"  sing N N 100 
DT  N1    C2     sing N N 101 
DT  N1    C6     sing N N 102 
DT  C2    O2     doub N N 103 
DT  C2    N3     sing N N 104 
DT  N3    C4     sing N N 105 
DT  N3    H3     sing N N 106 
DT  C4    O4     doub N N 107 
DT  C4    C5     sing N N 108 
DT  C5    C7     sing N N 109 
DT  C5    C6     doub N N 110 
DT  C7    H71    sing N N 111 
DT  C7    H72    sing N N 112 
DT  C7    H73    sing N N 113 
DT  C6    H6     sing N N 114 
HOH O     H1     sing N N 115 
HOH O     H2     sing N N 116 
R8G CAB   NCB    sing N N 117 
R8G NCB   CAX    sing N N 118 
R8G NCB   CAW    sing N N 119 
R8G CAX   CBF    sing N N 120 
R8G CAW   CBE    sing N N 121 
R8G CBF   NCF    sing N N 122 
R8G CBE   NCF    sing N N 123 
R8G NCF   CAR    sing N N 124 
R8G CAR   CAL    sing N N 125 
R8G CAL   CAP    sing N N 126 
R8G CAP   NBN    sing N N 127 
R8G CBA   CBI    sing N N 128 
R8G CBA   NCD    sing N N 129 
R8G CAD   NCD    sing N N 130 
R8G CBI   NCH    sing N N 131 
R8G NBN   CBP    sing N N 132 
R8G NCD   CBB    sing N N 133 
R8G OAH   CBT    doub N N 134 
R8G CBP   CAI    doub Y N 135 
R8G CBP   CBX    sing Y N 136 
R8G CAI   CBU    sing Y N 137 
R8G NCH   CAT    sing N N 138 
R8G NCH   CBJ    sing N N 139 
R8G CBB   CBJ    sing N N 140 
R8G OAE   CBQ    doub N N 141 
R8G CBT   CBX    sing N N 142 
R8G CBT   NCJ    sing N N 143 
R8G CBX   CBZ    doub Y N 144 
R8G CAN   CAT    sing N N 145 
R8G CAN   CBL    sing N N 146 
R8G CBU   CBQ    sing N N 147 
R8G CBU   CBY    doub Y N 148 
R8G CBQ   NCI    sing N N 149 
R8G CBL   NCJ    sing N N 150 
R8G NCJ   CBR    sing N N 151 
R8G CBZ   CBY    sing Y N 152 
R8G CBZ   CBV    sing Y N 153 
R8G CBY   CBW    sing Y N 154 
R8G NCI   CBK    sing N N 155 
R8G NCI   CBS    sing N N 156 
R8G CBK   CAM    sing N N 157 
R8G CAM   CAS    sing N N 158 
R8G CBR   CBV    sing N N 159 
R8G CBR   OAF    doub N N 160 
R8G CBV   CAJ    doub Y N 161 
R8G CBW   CBS    sing N N 162 
R8G CBW   CBO    doub Y N 163 
R8G CBS   OAG    doub N N 164 
R8G CAJ   CBO    sing Y N 165 
R8G CAS   NCG    sing N N 166 
R8G NCG   CBG    sing N N 167 
R8G NCG   CBH    sing N N 168 
R8G CBO   NBM    sing N N 169 
R8G CAZ   CBH    sing N N 170 
R8G CAZ   NCC    sing N N 171 
R8G CAY   CBG    sing N N 172 
R8G CAY   NCC    sing N N 173 
R8G NCC   CAC    sing N N 174 
R8G NBM   CAO    sing N N 175 
R8G CAO   CAK    sing N N 176 
R8G CAK   CAQ    sing N N 177 
R8G CAQ   NCE    sing N N 178 
R8G CBC   NCE    sing N N 179 
R8G CBC   CAU    sing N N 180 
R8G NCE   CBD    sing N N 181 
R8G CAU   NCA    sing N N 182 
R8G NCA   CAA    sing N N 183 
R8G NCA   CAV    sing N N 184 
R8G CBD   CAV    sing N N 185 
R8G CAA   H1     sing N N 186 
R8G CAA   H2     sing N N 187 
R8G CAA   H3     sing N N 188 
R8G CAB   H4     sing N N 189 
R8G CAB   H5     sing N N 190 
R8G CAB   H6     sing N N 191 
R8G CAC   H7     sing N N 192 
R8G CAC   H8     sing N N 193 
R8G CAC   H9     sing N N 194 
R8G CAD   H10    sing N N 195 
R8G CAD   H11    sing N N 196 
R8G CAD   H12    sing N N 197 
R8G CAI   H13    sing N N 198 
R8G CAJ   H14    sing N N 199 
R8G CAK   H15    sing N N 200 
R8G CAK   H16    sing N N 201 
R8G CAL   H17    sing N N 202 
R8G CAL   H18    sing N N 203 
R8G CAM   H19    sing N N 204 
R8G CAM   H20    sing N N 205 
R8G CAN   H21    sing N N 206 
R8G CAN   H22    sing N N 207 
R8G CAO   H23    sing N N 208 
R8G CAO   H24    sing N N 209 
R8G CAP   H25    sing N N 210 
R8G CAP   H26    sing N N 211 
R8G CAQ   H27    sing N N 212 
R8G CAQ   H28    sing N N 213 
R8G CAR   H29    sing N N 214 
R8G CAR   H30    sing N N 215 
R8G CAS   H31    sing N N 216 
R8G CAS   H32    sing N N 217 
R8G CAT   H33    sing N N 218 
R8G CAT   H34    sing N N 219 
R8G CAU   H35    sing N N 220 
R8G CAU   H36    sing N N 221 
R8G CAV   H37    sing N N 222 
R8G CAV   H38    sing N N 223 
R8G CAW   H39    sing N N 224 
R8G CAW   H40    sing N N 225 
R8G CAX   H41    sing N N 226 
R8G CAX   H42    sing N N 227 
R8G CAY   H43    sing N N 228 
R8G CAY   H44    sing N N 229 
R8G CAZ   H45    sing N N 230 
R8G CAZ   H46    sing N N 231 
R8G CBA   H47    sing N N 232 
R8G CBA   H48    sing N N 233 
R8G CBB   H49    sing N N 234 
R8G CBB   H50    sing N N 235 
R8G CBC   H51    sing N N 236 
R8G CBC   H52    sing N N 237 
R8G CBD   H53    sing N N 238 
R8G CBD   H54    sing N N 239 
R8G CBE   H55    sing N N 240 
R8G CBE   H56    sing N N 241 
R8G CBF   H57    sing N N 242 
R8G CBF   H58    sing N N 243 
R8G CBG   H59    sing N N 244 
R8G CBG   H60    sing N N 245 
R8G CBH   H61    sing N N 246 
R8G CBH   H62    sing N N 247 
R8G CBI   H63    sing N N 248 
R8G CBI   H64    sing N N 249 
R8G CBJ   H65    sing N N 250 
R8G CBJ   H66    sing N N 251 
R8G CBK   H67    sing N N 252 
R8G CBK   H68    sing N N 253 
R8G CBL   H69    sing N N 254 
R8G CBL   H70    sing N N 255 
R8G NBM   H71    sing N N 256 
R8G NBN   H72    sing N N 257 
# 
loop_
_ndb_struct_conf_na.entry_id 
_ndb_struct_conf_na.feature 
3SC8 'double helix'    
3SC8 'quadruple helix' 
# 
loop_
_ndb_struct_na_base_pair.model_number 
_ndb_struct_na_base_pair.i_label_asym_id 
_ndb_struct_na_base_pair.i_label_comp_id 
_ndb_struct_na_base_pair.i_label_seq_id 
_ndb_struct_na_base_pair.i_symmetry 
_ndb_struct_na_base_pair.j_label_asym_id 
_ndb_struct_na_base_pair.j_label_comp_id 
_ndb_struct_na_base_pair.j_label_seq_id 
_ndb_struct_na_base_pair.j_symmetry 
_ndb_struct_na_base_pair.shear 
_ndb_struct_na_base_pair.stretch 
_ndb_struct_na_base_pair.stagger 
_ndb_struct_na_base_pair.buckle 
_ndb_struct_na_base_pair.propeller 
_ndb_struct_na_base_pair.opening 
_ndb_struct_na_base_pair.pair_number 
_ndb_struct_na_base_pair.pair_name 
_ndb_struct_na_base_pair.i_auth_asym_id 
_ndb_struct_na_base_pair.i_auth_seq_id 
_ndb_struct_na_base_pair.i_PDB_ins_code 
_ndb_struct_na_base_pair.j_auth_asym_id 
_ndb_struct_na_base_pair.j_auth_seq_id 
_ndb_struct_na_base_pair.j_PDB_ins_code 
_ndb_struct_na_base_pair.hbond_type_28 
_ndb_struct_na_base_pair.hbond_type_12 
1 A DG 14 1_555 A DG 20 1_555 1.748  3.631  -0.404 3.185   -2.284 -93.084 1 A_DG14:DG20_A A 14 ? A 20 ? 6 3 
1 A DG 15 1_555 A DG 21 1_555 1.768  3.312  0.230  2.054   -8.739 -87.694 2 A_DG15:DG21_A A 15 ? A 21 ? 6 3 
1 A DG 16 1_555 A DG 22 1_555 1.441  3.502  -0.872 15.759  -9.105 -91.839 3 A_DG16:DG22_A A 16 ? A 22 ? 6 3 
1 A DG 10 1_555 A DG 4  1_555 -1.478 -3.384 -0.045 -10.498 7.703  88.751  4 A_DG10:DG4_A  A 10 ? A 4  ? 6 3 
1 A DG 9  1_555 A DG 3  1_555 -1.622 -3.552 0.074  -1.154  5.256  88.560  5 A_DG9:DG3_A   A 9  ? A 3  ? 6 3 
1 A DG 8  1_555 A DG 2  1_555 -1.227 -3.613 0.029  1.202   3.543  88.578  6 A_DG8:DG2_A   A 8  ? A 2  ? 6 3 
# 
loop_
_ndb_struct_na_base_pair_step.model_number 
_ndb_struct_na_base_pair_step.i_label_asym_id_1 
_ndb_struct_na_base_pair_step.i_label_comp_id_1 
_ndb_struct_na_base_pair_step.i_label_seq_id_1 
_ndb_struct_na_base_pair_step.i_symmetry_1 
_ndb_struct_na_base_pair_step.j_label_asym_id_1 
_ndb_struct_na_base_pair_step.j_label_comp_id_1 
_ndb_struct_na_base_pair_step.j_label_seq_id_1 
_ndb_struct_na_base_pair_step.j_symmetry_1 
_ndb_struct_na_base_pair_step.i_label_asym_id_2 
_ndb_struct_na_base_pair_step.i_label_comp_id_2 
_ndb_struct_na_base_pair_step.i_label_seq_id_2 
_ndb_struct_na_base_pair_step.i_symmetry_2 
_ndb_struct_na_base_pair_step.j_label_asym_id_2 
_ndb_struct_na_base_pair_step.j_label_comp_id_2 
_ndb_struct_na_base_pair_step.j_label_seq_id_2 
_ndb_struct_na_base_pair_step.j_symmetry_2 
_ndb_struct_na_base_pair_step.shift 
_ndb_struct_na_base_pair_step.slide 
_ndb_struct_na_base_pair_step.rise 
_ndb_struct_na_base_pair_step.tilt 
_ndb_struct_na_base_pair_step.roll 
_ndb_struct_na_base_pair_step.twist 
_ndb_struct_na_base_pair_step.x_displacement 
_ndb_struct_na_base_pair_step.y_displacement 
_ndb_struct_na_base_pair_step.helical_rise 
_ndb_struct_na_base_pair_step.inclination 
_ndb_struct_na_base_pair_step.tip 
_ndb_struct_na_base_pair_step.helical_twist 
_ndb_struct_na_base_pair_step.step_number 
_ndb_struct_na_base_pair_step.step_name 
_ndb_struct_na_base_pair_step.i_auth_asym_id_1 
_ndb_struct_na_base_pair_step.i_auth_seq_id_1 
_ndb_struct_na_base_pair_step.i_PDB_ins_code_1 
_ndb_struct_na_base_pair_step.j_auth_asym_id_1 
_ndb_struct_na_base_pair_step.j_auth_seq_id_1 
_ndb_struct_na_base_pair_step.j_PDB_ins_code_1 
_ndb_struct_na_base_pair_step.i_auth_asym_id_2 
_ndb_struct_na_base_pair_step.i_auth_seq_id_2 
_ndb_struct_na_base_pair_step.i_PDB_ins_code_2 
_ndb_struct_na_base_pair_step.j_auth_asym_id_2 
_ndb_struct_na_base_pair_step.j_auth_seq_id_2 
_ndb_struct_na_base_pair_step.j_PDB_ins_code_2 
1 A DG 14 1_555 A DG 20 1_555 A DG 15 1_555 A DG 21 1_555 -0.122 -0.775 3.330  -4.654 3.444   33.946   -1.850 -0.525 3.226  5.845  
7.899   34.422   1 AA_DG14DG15:DG21DG20_AA A 14 ? A 20 ? A 15 ? A 21 ? 
1 A DG 15 1_555 A DG 21 1_555 A DG 16 1_555 A DG 22 1_555 -0.821 -0.604 3.178  8.010  4.688   24.221   -2.537 3.864  2.616  10.684 
-18.255 25.914   2 AA_DG15DG16:DG22DG21_AA A 15 ? A 21 ? A 16 ? A 22 ? 
1 A DG 16 1_555 A DG 22 1_555 A DG 10 1_555 A DG 4  1_555 1.808  3.593  0.100  11.018 -12.951 -179.283 -1.796 0.904  0.101  6.476  
5.509   -179.291 3 AA_DG16DG10:DG4DG22_AA  A 16 ? A 22 ? A 10 ? A 4  ? 
1 A DG 10 1_555 A DG 4  1_555 A DG 9  1_555 A DG 3  1_555 0.494  0.551  -3.224 -0.282 -6.702  -28.444  -2.499 1.040  -3.013 13.404 
-0.563  -29.209  4 AA_DG10DG9:DG3DG4_AA    A 10 ? A 4  ? A 9  ? A 3  ? 
1 A DG 9  1_555 A DG 3  1_555 A DG 8  1_555 A DG 2  1_555 0.389  1.021  -3.275 -1.513 -1.717  -30.039  -2.310 1.055  -3.190 3.306  
-2.914  -30.124  5 AA_DG9DG8:DG2DG3_AA     A 9  ? A 3  ? A 8  ? A 2  ? 
# 
loop_
_pdbx_entity_nonpoly.entity_id 
_pdbx_entity_nonpoly.name 
_pdbx_entity_nonpoly.comp_id 
2 'POTASSIUM ION' K   
3 
;2,7-bis[3-(4-methylpiperazin-1-yl)propyl]-4,9-bis{[3-(4-methylpiperazin-1-yl)propyl]amino}benzo[lmn][3,8]phenanthroline-1,3,6,8(2H,7H)-tetrone
;
R8G 
4 water HOH 
# 
_pdbx_initial_refinement_model.id               1 
_pdbx_initial_refinement_model.entity_id_list   ? 
_pdbx_initial_refinement_model.type             'experimental model' 
_pdbx_initial_refinement_model.source_name      PDB 
_pdbx_initial_refinement_model.accession_code   1KF1 
_pdbx_initial_refinement_model.details          'PDB ENTRY 1KF1' 
# 
